data_3KS7
#
_entry.id   3KS7
#
_cell.length_a   106.057
_cell.length_b   119.221
_cell.length_c   154.314
_cell.angle_alpha   90.000
_cell.angle_beta   90.000
_cell.angle_gamma   90.000
#
_symmetry.space_group_name_H-M   'P 21 21 21'
#
loop_
_entity.id
_entity.type
_entity.pdbx_description
1 polymer 'Putative Putative PNGase F'
2 non-polymer 'IODIDE ION'
3 non-polymer 'CHLORIDE ION'
4 non-polymer 1,2-ETHANEDIOL
5 water water
#
_entity_poly.entity_id   1
_entity_poly.type   'polypeptide(L)'
_entity_poly.pdbx_seq_one_letter_code
;GAGGHKNLPAKGDLHIPVFENVNVRFSPDTYPDNYNEADGTGVYHLVNGRIILKKITLPEYKRNVSVSLKVTLASNGDRW
DKSGSCFVLPKSSAINLLTIARDG(MSE)KFPSVDSLKLEK(MSE)VGIVPGKDYLPTVEL(MSE)RF(MSE)TPFGIGH
YSNNNDSLSSKRRPVYIPKWESNVTWQQDITDLYPLLEGEAYVGIYIDTWTSEGYLVNADIDVKESRLACDVLPKRHVEP
L(MSE)NTVYY(MSE)GQSYPDIFARRDVSTDFTVPKGAKNIRLKYIVTGHGGHSGGDEFVQKRNIISVDGKEVLNFIPW
RDDCASFRRFNPATGVWLIKRLASYIGEKGYTEKEVEEPLASSDLSRSNWCPGSDVVPEEAVIGTLAPGKHTFTVSIPEA
QAVDGNKLNHWLVSAYLVWEE
;
_entity_poly.pdbx_strand_id   A,B,C,D
#
loop_
_chem_comp.id
_chem_comp.type
_chem_comp.name
_chem_comp.formula
CL non-polymer 'CHLORIDE ION' 'Cl -1'
EDO non-polymer 1,2-ETHANEDIOL 'C2 H6 O2'
IOD non-polymer 'IODIDE ION' 'I -1'
#
# COMPACT_ATOMS: atom_id res chain seq x y z
N ASN A 7 -15.67 16.69 -38.00
CA ASN A 7 -15.93 18.06 -37.44
C ASN A 7 -17.22 18.12 -36.62
N LEU A 8 -17.09 17.84 -35.33
CA LEU A 8 -18.25 17.81 -34.42
C LEU A 8 -18.71 19.24 -34.04
N PRO A 9 -20.02 19.49 -34.11
CA PRO A 9 -20.57 20.82 -33.84
C PRO A 9 -20.43 21.27 -32.39
N ALA A 10 -20.38 22.60 -32.21
CA ALA A 10 -20.24 23.21 -30.89
C ALA A 10 -21.62 23.59 -30.30
N LYS A 11 -21.99 22.91 -29.22
CA LYS A 11 -23.23 23.17 -28.50
C LYS A 11 -23.03 24.31 -27.50
N GLY A 12 -21.77 24.57 -27.14
CA GLY A 12 -21.40 25.69 -26.25
C GLY A 12 -21.36 25.32 -24.77
N ASP A 13 -21.02 26.30 -23.94
CA ASP A 13 -20.98 26.12 -22.51
C ASP A 13 -22.38 26.30 -21.96
N LEU A 14 -22.73 25.51 -20.97
CA LEU A 14 -24.06 25.53 -20.41
C LEU A 14 -24.03 25.90 -18.93
N HIS A 15 -24.87 26.85 -18.54
CA HIS A 15 -25.05 27.23 -17.13
C HIS A 15 -26.49 26.94 -16.70
N ILE A 16 -26.66 26.01 -15.79
CA ILE A 16 -27.98 25.66 -15.31
C ILE A 16 -28.12 26.05 -13.84
N PRO A 17 -28.85 27.13 -13.55
CA PRO A 17 -29.10 27.49 -12.15
C PRO A 17 -30.27 26.68 -11.63
N VAL A 18 -29.98 25.52 -11.06
CA VAL A 18 -30.99 24.57 -10.64
C VAL A 18 -31.84 25.10 -9.46
N PHE A 19 -31.19 25.66 -8.45
CA PHE A 19 -31.89 26.24 -7.33
C PHE A 19 -31.28 27.58 -6.96
N GLU A 20 -32.11 28.61 -6.88
CA GLU A 20 -31.66 29.91 -6.39
C GLU A 20 -32.42 30.28 -5.10
N ASN A 21 -31.71 30.40 -4.01
CA ASN A 21 -32.29 30.84 -2.74
C ASN A 21 -33.52 30.03 -2.35
N VAL A 22 -33.44 28.73 -2.49
CA VAL A 22 -34.55 27.86 -2.17
C VAL A 22 -34.43 27.41 -0.71
N ASN A 23 -35.54 27.43 -0.01
CA ASN A 23 -35.59 27.12 1.40
C ASN A 23 -35.92 25.62 1.62
N VAL A 24 -34.92 24.83 1.97
CA VAL A 24 -35.14 23.44 2.33
C VAL A 24 -35.53 23.45 3.79
N ARG A 25 -36.67 22.85 4.10
CA ARG A 25 -37.25 22.97 5.44
C ARG A 25 -38.31 21.91 5.74
N PHE A 26 -38.71 21.83 7.00
CA PHE A 26 -39.87 21.02 7.38
C PHE A 26 -41.01 21.95 7.77
N SER A 27 -41.98 22.09 6.86
CA SER A 27 -43.13 22.96 7.07
C SER A 27 -44.41 22.34 6.51
N PRO A 28 -45.10 21.54 7.34
CA PRO A 28 -46.39 21.00 6.96
C PRO A 28 -47.38 22.10 6.59
N ASP A 29 -47.30 23.24 7.27
CA ASP A 29 -48.16 24.39 6.96
C ASP A 29 -47.99 24.84 5.51
N THR A 30 -46.76 24.82 5.02
CA THR A 30 -46.47 25.28 3.68
C THR A 30 -46.57 24.15 2.68
N TYR A 31 -46.05 23.00 3.06
CA TYR A 31 -46.03 21.83 2.19
C TYR A 31 -46.65 20.69 2.95
N PRO A 32 -47.99 20.59 2.91
CA PRO A 32 -48.72 19.63 3.75
C PRO A 32 -48.60 18.17 3.33
N ASP A 33 -48.23 17.93 2.07
CA ASP A 33 -48.16 16.57 1.56
C ASP A 33 -46.75 16.14 1.20
N ASN A 34 -46.59 14.85 0.91
CA ASN A 34 -45.32 14.32 0.49
C ASN A 34 -45.00 14.88 -0.90
N TYR A 35 -46.01 15.00 -1.74
CA TYR A 35 -45.88 15.65 -3.04
C TYR A 35 -46.59 16.98 -3.03
N ASN A 36 -45.92 18.01 -3.51
CA ASN A 36 -46.54 19.32 -3.61
C ASN A 36 -46.22 19.94 -4.97
N GLU A 37 -47.27 20.24 -5.72
CA GLU A 37 -47.15 20.83 -7.06
C GLU A 37 -46.03 21.87 -7.13
N ALA A 38 -45.21 21.80 -8.18
CA ALA A 38 -44.11 22.75 -8.37
C ALA A 38 -44.59 24.20 -8.47
N ASP A 39 -43.76 25.13 -7.99
CA ASP A 39 -44.08 26.56 -8.05
CA ASP A 39 -44.06 26.55 -8.05
C ASP A 39 -43.80 27.10 -9.46
N GLY A 40 -43.84 28.43 -9.61
CA GLY A 40 -43.56 29.06 -10.90
C GLY A 40 -42.10 28.96 -11.32
N THR A 41 -41.23 28.60 -10.39
CA THR A 41 -39.83 28.41 -10.67
C THR A 41 -39.57 26.94 -11.03
N GLY A 42 -40.64 26.13 -11.08
CA GLY A 42 -40.53 24.70 -11.42
C GLY A 42 -39.93 23.82 -10.32
N VAL A 43 -39.85 24.35 -9.10
CA VAL A 43 -39.25 23.61 -7.99
C VAL A 43 -40.30 22.82 -7.18
N TYR A 44 -40.19 21.49 -7.18
CA TYR A 44 -41.05 20.64 -6.38
C TYR A 44 -40.50 20.55 -4.98
N HIS A 45 -41.36 20.79 -3.99
CA HIS A 45 -40.99 20.57 -2.61
C HIS A 45 -41.66 19.27 -2.15
N LEU A 46 -40.85 18.28 -1.79
CA LEU A 46 -41.36 17.01 -1.35
C LEU A 46 -41.07 16.76 0.12
N VAL A 47 -41.67 15.69 0.65
CA VAL A 47 -41.55 15.32 2.05
C VAL A 47 -41.66 16.56 2.93
N ASN A 48 -42.74 17.30 2.74
CA ASN A 48 -43.04 18.48 3.53
C ASN A 48 -41.96 19.57 3.50
N GLY A 49 -41.15 19.58 2.43
CA GLY A 49 -40.13 20.60 2.25
C GLY A 49 -38.69 20.15 2.46
N ARG A 50 -38.51 18.91 2.96
CA ARG A 50 -37.17 18.34 3.22
CA ARG A 50 -37.16 18.38 3.21
C ARG A 50 -36.41 18.00 1.93
N ILE A 51 -37.13 17.93 0.80
CA ILE A 51 -36.53 17.58 -0.47
C ILE A 51 -36.98 18.52 -1.57
N ILE A 52 -36.03 19.16 -2.24
CA ILE A 52 -36.38 19.98 -3.35
C ILE A 52 -35.89 19.28 -4.60
N LEU A 53 -36.68 19.38 -5.67
CA LEU A 53 -36.42 18.66 -6.92
C LEU A 53 -36.69 19.57 -8.10
N LYS A 54 -35.90 19.42 -9.17
CA LYS A 54 -36.12 20.23 -10.38
C LYS A 54 -35.80 19.46 -11.66
N LYS A 55 -36.58 19.72 -12.69
CA LYS A 55 -36.37 19.10 -13.97
C LYS A 55 -35.36 19.91 -14.79
N ILE A 56 -34.24 19.28 -15.14
CA ILE A 56 -33.21 19.91 -15.97
C ILE A 56 -33.04 19.11 -17.24
N THR A 57 -32.42 19.72 -18.25
CA THR A 57 -32.19 19.06 -19.52
C THR A 57 -30.86 19.44 -20.11
N LEU A 58 -29.99 18.45 -20.30
CA LEU A 58 -28.75 18.68 -20.99
C LEU A 58 -28.88 18.27 -22.42
N PRO A 59 -28.26 19.03 -23.33
CA PRO A 59 -28.22 18.72 -24.74
C PRO A 59 -27.50 17.41 -25.00
N GLU A 60 -27.72 16.85 -26.17
CA GLU A 60 -27.07 15.62 -26.55
C GLU A 60 -25.68 15.97 -27.14
N TYR A 61 -24.74 16.34 -26.25
CA TYR A 61 -23.37 16.74 -26.65
C TYR A 61 -22.64 15.69 -27.48
N LYS A 62 -22.00 16.15 -28.56
CA LYS A 62 -21.22 15.30 -29.42
C LYS A 62 -19.72 15.46 -29.09
N ARG A 63 -19.30 16.69 -28.74
CA ARG A 63 -17.93 16.94 -28.26
C ARG A 63 -17.84 16.56 -26.79
N ASN A 64 -16.63 16.23 -26.35
CA ASN A 64 -16.41 15.89 -24.95
C ASN A 64 -16.63 17.12 -24.05
N VAL A 65 -17.01 16.88 -22.80
CA VAL A 65 -17.32 17.96 -21.86
C VAL A 65 -16.80 17.66 -20.46
N SER A 66 -16.88 18.67 -19.61
CA SER A 66 -16.63 18.50 -18.18
C SER A 66 -17.83 19.13 -17.47
N VAL A 67 -18.29 18.51 -16.41
CA VAL A 67 -19.48 18.96 -15.73
C VAL A 67 -19.20 19.18 -14.26
N SER A 68 -19.59 20.33 -13.73
CA SER A 68 -19.39 20.63 -12.31
C SER A 68 -20.67 21.01 -11.61
N LEU A 69 -20.70 20.71 -10.32
CA LEU A 69 -21.81 21.01 -9.43
C LEU A 69 -21.31 21.96 -8.35
N LYS A 70 -21.99 23.07 -8.16
CA LYS A 70 -21.65 24.00 -7.10
C LYS A 70 -22.85 24.22 -6.20
N VAL A 71 -22.69 23.95 -4.91
CA VAL A 71 -23.75 24.17 -3.97
C VAL A 71 -23.31 25.17 -2.93
N THR A 72 -24.14 26.17 -2.69
CA THR A 72 -23.90 27.15 -1.67
C THR A 72 -25.03 26.99 -0.64
N LEU A 73 -24.69 27.04 0.63
CA LEU A 73 -25.67 26.80 1.68
C LEU A 73 -25.50 27.70 2.88
N ALA A 74 -26.60 28.04 3.51
CA ALA A 74 -26.57 28.73 4.79
C ALA A 74 -27.71 28.25 5.66
N SER A 75 -27.64 28.51 6.95
CA SER A 75 -28.75 28.22 7.83
C SER A 75 -29.71 29.40 7.76
N ASN A 76 -31.00 29.08 7.76
CA ASN A 76 -32.02 30.08 7.79
C ASN A 76 -32.65 30.08 9.18
N GLY A 77 -31.97 29.44 10.14
CA GLY A 77 -32.46 29.35 11.52
C GLY A 77 -32.15 28.03 12.18
N ASP A 78 -32.11 26.96 11.40
CA ASP A 78 -31.76 25.63 11.92
C ASP A 78 -30.32 25.66 12.42
N ARG A 79 -30.09 25.21 13.66
CA ARG A 79 -28.79 25.31 14.28
C ARG A 79 -27.94 24.07 14.08
N TRP A 80 -28.53 23.02 13.54
CA TRP A 80 -27.88 21.71 13.50
C TRP A 80 -26.98 21.44 12.30
N ASP A 81 -26.05 20.51 12.51
CA ASP A 81 -25.15 19.99 11.48
C ASP A 81 -25.80 18.77 10.89
N LYS A 82 -26.78 19.00 10.02
CA LYS A 82 -27.60 17.94 9.47
C LYS A 82 -27.03 17.39 8.21
N SER A 83 -27.41 16.14 7.93
CA SER A 83 -26.96 15.43 6.74
C SER A 83 -27.72 15.89 5.53
N GLY A 84 -27.02 15.98 4.41
CA GLY A 84 -27.62 16.40 3.18
C GLY A 84 -27.11 15.62 2.00
N SER A 85 -27.88 15.62 0.93
CA SER A 85 -27.56 14.87 -0.26
C SER A 85 -28.13 15.55 -1.48
N CYS A 86 -27.25 15.97 -2.39
CA CYS A 86 -27.69 16.46 -3.68
C CYS A 86 -27.65 15.27 -4.61
N PHE A 87 -28.72 15.05 -5.37
CA PHE A 87 -28.87 13.79 -6.10
C PHE A 87 -29.55 13.92 -7.45
N VAL A 88 -29.49 12.83 -8.23
CA VAL A 88 -30.20 12.73 -9.49
C VAL A 88 -30.99 11.42 -9.52
N LEU A 89 -32.26 11.51 -9.94
CA LEU A 89 -33.09 10.33 -10.09
C LEU A 89 -32.61 9.57 -11.32
N PRO A 90 -32.15 8.30 -11.13
CA PRO A 90 -31.60 7.48 -12.23
C PRO A 90 -32.55 7.30 -13.43
N LYS A 91 -31.97 6.90 -14.57
CA LYS A 91 -32.73 6.83 -15.84
CA LYS A 91 -32.71 6.80 -15.86
C LYS A 91 -33.72 5.66 -15.96
N SER A 92 -33.22 4.43 -16.01
CA SER A 92 -34.08 3.26 -16.23
C SER A 92 -34.80 2.77 -14.95
N SER A 93 -35.53 3.68 -14.29
CA SER A 93 -36.17 3.33 -13.02
C SER A 93 -37.53 3.98 -12.87
N ALA A 94 -38.59 3.22 -13.16
CA ALA A 94 -39.95 3.72 -13.05
C ALA A 94 -40.24 4.20 -11.62
N ILE A 95 -39.73 3.47 -10.65
CA ILE A 95 -39.89 3.83 -9.26
C ILE A 95 -38.75 4.78 -8.81
N ASN A 96 -39.11 6.00 -8.41
CA ASN A 96 -38.16 6.95 -7.87
C ASN A 96 -38.83 7.87 -6.89
N LEU A 97 -38.06 8.71 -6.23
CA LEU A 97 -38.60 9.59 -5.19
C LEU A 97 -39.84 10.36 -5.68
N LEU A 98 -39.81 10.79 -6.94
CA LEU A 98 -40.90 11.56 -7.51
C LEU A 98 -42.15 10.70 -7.77
N THR A 99 -41.99 9.57 -8.45
CA THR A 99 -43.13 8.72 -8.77
C THR A 99 -43.69 8.06 -7.52
N ILE A 100 -42.86 7.88 -6.48
CA ILE A 100 -43.34 7.38 -5.20
C ILE A 100 -44.28 8.41 -4.55
N ALA A 101 -43.81 9.65 -4.46
CA ALA A 101 -44.55 10.74 -3.82
C ALA A 101 -45.80 11.16 -4.59
N ARG A 102 -45.69 11.19 -5.92
CA ARG A 102 -46.75 11.71 -6.77
C ARG A 102 -47.72 10.64 -7.22
N ASP A 103 -47.19 9.62 -7.92
CA ASP A 103 -48.03 8.59 -8.54
C ASP A 103 -48.30 7.39 -7.63
N GLY A 104 -48.01 7.54 -6.34
CA GLY A 104 -48.28 6.47 -5.38
C GLY A 104 -47.57 5.15 -5.70
N MSE A 105 -46.38 5.23 -6.29
CA MSE A 105 -45.52 4.07 -6.45
C MSE A 105 -44.89 3.80 -5.09
O MSE A 105 -45.01 4.62 -4.16
CB MSE A 105 -44.42 4.31 -7.48
CG MSE A 105 -44.88 4.55 -8.89
SE MSE A 105 -45.58 2.96 -9.76
CE MSE A 105 -45.03 3.44 -11.59
N LYS A 106 -44.20 2.68 -4.96
CA LYS A 106 -43.59 2.30 -3.70
C LYS A 106 -42.28 1.58 -3.96
N PHE A 107 -41.33 1.71 -3.04
CA PHE A 107 -40.10 0.96 -3.14
C PHE A 107 -40.46 -0.52 -3.19
N PRO A 108 -39.75 -1.32 -4.00
CA PRO A 108 -40.07 -2.74 -4.06
C PRO A 108 -39.89 -3.42 -2.71
N SER A 109 -40.73 -4.41 -2.45
CA SER A 109 -40.66 -5.17 -1.22
C SER A 109 -39.30 -5.89 -1.14
N VAL A 110 -38.78 -6.11 0.06
CA VAL A 110 -37.47 -6.73 0.22
C VAL A 110 -37.48 -8.01 1.06
N ASP A 111 -36.57 -8.91 0.73
CA ASP A 111 -36.37 -10.14 1.46
C ASP A 111 -35.83 -9.78 2.85
N SER A 112 -36.69 -9.88 3.87
CA SER A 112 -36.33 -9.44 5.23
C SER A 112 -35.13 -10.19 5.81
N LEU A 113 -34.95 -11.44 5.38
CA LEU A 113 -33.83 -12.23 5.87
C LEU A 113 -32.49 -11.61 5.44
N LYS A 114 -32.49 -10.89 4.32
CA LYS A 114 -31.27 -10.28 3.78
C LYS A 114 -31.22 -8.75 3.96
N LEU A 115 -32.38 -8.09 3.93
CA LEU A 115 -32.42 -6.60 3.99
C LEU A 115 -33.33 -6.02 5.08
N GLU A 116 -33.86 -6.88 5.95
CA GLU A 116 -34.73 -6.42 7.04
C GLU A 116 -35.84 -5.50 6.49
N LYS A 117 -35.95 -4.29 7.04
CA LYS A 117 -36.95 -3.33 6.59
C LYS A 117 -36.29 -2.16 5.80
N MSE A 118 -35.05 -2.36 5.36
CA MSE A 118 -34.33 -1.34 4.63
C MSE A 118 -34.84 -1.24 3.19
O MSE A 118 -34.20 -1.74 2.26
CB MSE A 118 -32.82 -1.63 4.61
CG MSE A 118 -32.16 -1.73 5.96
SE MSE A 118 -31.98 -0.02 6.82
CE MSE A 118 -33.76 0.21 7.48
N VAL A 119 -35.97 -0.58 3.00
CA VAL A 119 -36.49 -0.40 1.64
C VAL A 119 -35.75 0.73 0.91
N GLY A 120 -35.53 0.51 -0.39
CA GLY A 120 -34.95 1.51 -1.27
C GLY A 120 -33.44 1.70 -1.29
N ILE A 121 -32.69 0.81 -0.65
CA ILE A 121 -31.23 0.98 -0.57
C ILE A 121 -30.44 0.23 -1.64
N VAL A 122 -31.05 -0.82 -2.22
CA VAL A 122 -30.42 -1.58 -3.32
C VAL A 122 -31.40 -1.77 -4.46
N PRO A 123 -30.92 -2.16 -5.65
CA PRO A 123 -31.86 -2.33 -6.76
C PRO A 123 -32.90 -3.40 -6.50
N GLY A 124 -34.04 -3.26 -7.17
CA GLY A 124 -35.13 -4.22 -7.10
C GLY A 124 -35.97 -4.06 -8.36
N LYS A 125 -37.12 -4.73 -8.39
CA LYS A 125 -38.01 -4.69 -9.56
CA LYS A 125 -38.02 -4.67 -9.56
C LYS A 125 -38.39 -3.24 -9.90
N ASP A 126 -38.09 -2.83 -11.14
CA ASP A 126 -38.40 -1.47 -11.64
C ASP A 126 -37.78 -0.33 -10.79
N TYR A 127 -36.67 -0.63 -10.10
CA TYR A 127 -36.02 0.34 -9.19
C TYR A 127 -34.49 0.29 -9.16
N LEU A 128 -33.89 1.44 -9.36
CA LEU A 128 -32.46 1.62 -9.14
C LEU A 128 -32.33 2.68 -8.04
N PRO A 129 -31.32 2.54 -7.18
CA PRO A 129 -31.15 3.54 -6.10
C PRO A 129 -30.90 4.93 -6.60
N THR A 130 -31.35 5.92 -5.83
CA THR A 130 -31.08 7.30 -6.11
C THR A 130 -29.54 7.46 -6.18
N VAL A 131 -29.07 8.30 -7.09
CA VAL A 131 -27.63 8.51 -7.24
C VAL A 131 -27.22 9.88 -6.70
N GLU A 132 -26.17 9.90 -5.88
CA GLU A 132 -25.70 11.13 -5.25
C GLU A 132 -24.68 11.89 -6.07
N LEU A 133 -25.01 13.11 -6.41
CA LEU A 133 -24.08 14.01 -7.05
C LEU A 133 -23.14 14.58 -5.98
N MSE A 134 -23.65 14.78 -4.77
CA MSE A 134 -22.81 15.29 -3.68
C MSE A 134 -23.43 15.02 -2.30
O MSE A 134 -24.59 15.36 -2.06
CB MSE A 134 -22.58 16.80 -3.84
CG MSE A 134 -21.93 17.46 -2.62
SE MSE A 134 -21.92 19.40 -2.73
CE MSE A 134 -20.85 19.56 -4.37
N ARG A 135 -22.66 14.39 -1.43
CA ARG A 135 -23.03 14.23 -0.07
C ARG A 135 -22.40 15.38 0.65
N PHE A 136 -23.15 16.00 1.57
CA PHE A 136 -22.64 17.10 2.36
C PHE A 136 -23.24 17.08 3.75
N MSE A 137 -22.62 17.84 4.66
CA MSE A 137 -22.99 17.93 6.05
C MSE A 137 -22.99 19.43 6.42
O MSE A 137 -21.95 20.11 6.27
CB MSE A 137 -21.98 17.19 6.90
CG MSE A 137 -21.88 15.73 6.56
SE MSE A 137 -23.39 14.79 7.24
CE MSE A 137 -23.49 13.43 5.83
N THR A 138 -24.14 19.96 6.82
CA THR A 138 -24.25 21.37 7.08
C THR A 138 -23.43 21.68 8.31
N PRO A 139 -22.86 22.88 8.36
CA PRO A 139 -22.20 23.33 9.58
C PRO A 139 -23.24 23.72 10.61
N PHE A 140 -22.79 24.17 11.78
CA PHE A 140 -23.71 24.61 12.84
C PHE A 140 -24.13 26.08 12.67
N GLY A 141 -25.25 26.29 11.98
CA GLY A 141 -25.90 27.58 11.92
C GLY A 141 -25.24 28.67 11.10
N ILE A 142 -24.53 28.31 10.05
CA ILE A 142 -23.80 29.34 9.30
C ILE A 142 -24.81 30.34 8.66
N GLY A 143 -24.43 31.63 8.66
CA GLY A 143 -25.24 32.68 8.10
C GLY A 143 -26.18 33.30 9.12
N HIS A 144 -27.20 32.54 9.50
CA HIS A 144 -28.21 33.02 10.42
C HIS A 144 -27.60 33.38 11.76
N TYR A 145 -26.59 32.63 12.19
CA TYR A 145 -25.90 32.93 13.45
C TYR A 145 -24.48 33.45 13.22
N SER A 146 -24.20 33.95 12.01
CA SER A 146 -22.83 34.40 11.68
C SER A 146 -22.57 35.89 11.87
N ASN A 147 -23.46 36.62 12.52
CA ASN A 147 -23.24 38.06 12.68
C ASN A 147 -22.01 38.31 13.54
N ASN A 148 -21.07 39.10 12.99
CA ASN A 148 -19.75 39.33 13.60
C ASN A 148 -19.62 40.58 14.47
N ASN A 149 -20.46 41.59 14.25
CA ASN A 149 -20.39 42.80 15.09
C ASN A 149 -21.48 42.84 16.18
N ASP A 150 -21.80 41.65 16.69
CA ASP A 150 -22.72 41.49 17.78
C ASP A 150 -21.87 41.33 19.05
N SER A 151 -22.15 42.15 20.06
CA SER A 151 -21.38 42.11 21.32
C SER A 151 -21.40 40.70 21.96
N LEU A 152 -22.49 39.95 21.75
CA LEU A 152 -22.61 38.58 22.29
C LEU A 152 -22.06 37.52 21.28
N SER A 153 -21.04 37.89 20.49
CA SER A 153 -20.42 36.98 19.50
C SER A 153 -19.07 36.49 19.97
N SER A 154 -18.36 37.33 20.73
CA SER A 154 -17.05 36.96 21.25
C SER A 154 -17.17 35.86 22.32
N LYS A 155 -18.41 35.53 22.71
CA LYS A 155 -18.65 34.45 23.67
C LYS A 155 -18.62 33.11 22.97
N ARG A 156 -18.86 33.13 21.68
CA ARG A 156 -18.89 31.92 20.88
C ARG A 156 -17.62 31.79 20.07
N ARG A 157 -17.13 32.92 19.55
CA ARG A 157 -16.02 32.91 18.59
C ARG A 157 -14.66 32.89 19.28
N PRO A 158 -13.84 31.86 18.97
CA PRO A 158 -12.52 31.73 19.60
C PRO A 158 -11.59 32.86 19.21
N VAL A 159 -10.63 33.14 20.07
CA VAL A 159 -9.65 34.22 19.82
C VAL A 159 -8.89 34.05 18.48
N TYR A 160 -8.83 32.82 17.99
CA TYR A 160 -8.07 32.51 16.78
C TYR A 160 -8.89 32.52 15.50
N ILE A 161 -10.19 32.76 15.64
CA ILE A 161 -11.09 32.88 14.50
C ILE A 161 -11.50 34.34 14.39
N PRO A 162 -10.95 35.06 13.40
CA PRO A 162 -11.25 36.50 13.28
C PRO A 162 -12.73 36.80 12.98
N LYS A 163 -13.37 35.94 12.20
CA LYS A 163 -14.75 36.20 11.80
C LYS A 163 -15.45 34.93 11.36
N TRP A 164 -16.75 34.88 11.57
CA TRP A 164 -17.53 33.80 11.05
C TRP A 164 -17.69 33.96 9.54
N GLU A 165 -17.70 32.86 8.81
CA GLU A 165 -18.11 32.89 7.41
C GLU A 165 -19.62 33.02 7.42
N SER A 166 -20.18 33.57 6.37
CA SER A 166 -21.61 33.80 6.31
C SER A 166 -22.28 32.69 5.54
N ASN A 167 -21.52 31.96 4.75
CA ASN A 167 -22.06 30.80 4.07
C ASN A 167 -20.96 29.81 3.66
N VAL A 168 -21.36 28.68 3.11
CA VAL A 168 -20.43 27.64 2.74
C VAL A 168 -20.71 27.23 1.28
N THR A 169 -19.66 26.97 0.53
CA THR A 169 -19.77 26.64 -0.90
C THR A 169 -18.97 25.40 -1.22
N TRP A 170 -19.61 24.39 -1.80
CA TRP A 170 -18.94 23.17 -2.19
C TRP A 170 -19.00 23.03 -3.68
N GLN A 171 -17.94 22.51 -4.26
CA GLN A 171 -17.90 22.27 -5.68
C GLN A 171 -17.24 20.93 -5.95
N GLN A 172 -17.77 20.20 -6.93
CA GLN A 172 -17.24 18.90 -7.31
C GLN A 172 -17.45 18.65 -8.79
N ASP A 173 -16.53 17.87 -9.37
CA ASP A 173 -16.59 17.48 -10.76
C ASP A 173 -17.47 16.25 -10.85
N ILE A 174 -18.57 16.36 -11.58
CA ILE A 174 -19.52 15.26 -11.74
C ILE A 174 -19.60 14.83 -13.21
N THR A 175 -18.52 15.03 -13.94
CA THR A 175 -18.44 14.64 -15.35
C THR A 175 -18.89 13.18 -15.52
N ASP A 176 -18.39 12.29 -14.68
CA ASP A 176 -18.72 10.84 -14.79
C ASP A 176 -20.23 10.54 -14.70
N LEU A 177 -21.00 11.45 -14.12
CA LEU A 177 -22.43 11.25 -13.99
C LEU A 177 -23.20 11.90 -15.14
N TYR A 178 -22.48 12.29 -16.19
CA TYR A 178 -23.12 12.94 -17.34
C TYR A 178 -24.27 12.09 -17.94
N PRO A 179 -24.13 10.76 -17.93
CA PRO A 179 -25.19 9.97 -18.55
C PRO A 179 -26.52 10.07 -17.80
N LEU A 180 -26.46 10.32 -16.50
CA LEU A 180 -27.68 10.47 -15.71
C LEU A 180 -28.30 11.85 -15.90
N LEU A 181 -27.59 12.73 -16.62
CA LEU A 181 -28.06 14.10 -16.80
C LEU A 181 -28.48 14.42 -18.24
N GLU A 182 -27.95 13.69 -19.21
CA GLU A 182 -28.29 13.89 -20.62
C GLU A 182 -29.81 13.74 -20.79
N GLY A 183 -30.39 14.51 -21.72
CA GLY A 183 -31.85 14.51 -21.90
C GLY A 183 -32.52 15.06 -20.65
N GLU A 184 -33.71 14.56 -20.34
CA GLU A 184 -34.45 15.03 -19.16
C GLU A 184 -34.09 14.26 -17.88
N ALA A 185 -33.86 15.01 -16.80
CA ALA A 185 -33.52 14.40 -15.50
C ALA A 185 -33.99 15.27 -14.33
N TYR A 186 -34.24 14.63 -13.20
CA TYR A 186 -34.63 15.31 -12.01
C TYR A 186 -33.47 15.33 -11.03
N VAL A 187 -33.04 16.53 -10.68
CA VAL A 187 -31.95 16.74 -9.76
C VAL A 187 -32.53 17.36 -8.51
N GLY A 188 -32.02 16.99 -7.35
CA GLY A 188 -32.60 17.51 -6.12
C GLY A 188 -31.63 17.62 -4.97
N ILE A 189 -32.11 18.24 -3.89
CA ILE A 189 -31.37 18.32 -2.65
C ILE A 189 -32.24 17.88 -1.50
N TYR A 190 -31.65 17.05 -0.64
CA TYR A 190 -32.31 16.58 0.54
C TYR A 190 -31.51 16.99 1.74
N ILE A 191 -32.17 17.59 2.73
CA ILE A 191 -31.53 17.86 4.02
C ILE A 191 -32.40 17.32 5.12
N ASP A 192 -31.79 16.61 6.05
CA ASP A 192 -32.51 15.99 7.15
C ASP A 192 -32.83 17.02 8.19
N THR A 193 -33.68 17.98 7.82
CA THR A 193 -34.05 19.08 8.71
C THR A 193 -35.46 18.90 9.25
N TRP A 194 -35.65 19.18 10.54
CA TRP A 194 -36.97 19.08 11.15
C TRP A 194 -37.43 20.43 11.71
N THR A 195 -36.91 21.51 11.14
CA THR A 195 -37.32 22.85 11.55
C THR A 195 -37.99 23.61 10.41
N SER A 196 -38.91 24.48 10.80
CA SER A 196 -39.60 25.33 9.85
C SER A 196 -38.61 26.31 9.21
N GLU A 197 -37.60 26.70 9.97
CA GLU A 197 -36.61 27.65 9.49
C GLU A 197 -35.78 27.01 8.35
N GLY A 198 -35.18 25.87 8.66
CA GLY A 198 -34.43 25.12 7.66
C GLY A 198 -33.18 25.83 7.17
N TYR A 199 -32.91 25.68 5.89
CA TYR A 199 -31.69 26.18 5.26
C TYR A 199 -32.01 26.82 3.90
N LEU A 200 -31.07 27.65 3.42
CA LEU A 200 -31.20 28.29 2.13
CA LEU A 200 -31.20 28.32 2.13
C LEU A 200 -30.09 27.79 1.24
N VAL A 201 -30.43 27.36 0.05
CA VAL A 201 -29.42 26.77 -0.82
C VAL A 201 -29.47 27.27 -2.24
N ASN A 202 -28.30 27.23 -2.89
CA ASN A 202 -28.18 27.46 -4.32
C ASN A 202 -27.52 26.25 -4.93
N ALA A 203 -27.87 25.93 -6.16
CA ALA A 203 -27.20 24.85 -6.84
C ALA A 203 -27.04 25.18 -8.30
N ASP A 204 -25.81 25.13 -8.78
CA ASP A 204 -25.52 25.39 -10.19
C ASP A 204 -24.88 24.17 -10.81
N ILE A 205 -25.35 23.77 -11.99
CA ILE A 205 -24.66 22.79 -12.77
C ILE A 205 -24.10 23.51 -14.02
N ASP A 206 -22.80 23.39 -14.23
CA ASP A 206 -22.13 24.07 -15.32
C ASP A 206 -21.41 23.06 -16.20
N VAL A 207 -21.53 23.25 -17.51
CA VAL A 207 -20.91 22.35 -18.45
C VAL A 207 -19.93 23.12 -19.34
N LYS A 208 -18.69 22.65 -19.37
CA LYS A 208 -17.65 23.22 -20.22
C LYS A 208 -17.42 22.31 -21.40
N GLU A 209 -17.59 22.86 -22.61
CA GLU A 209 -17.40 22.07 -23.82
C GLU A 209 -16.01 22.24 -24.34
N SER A 210 -15.44 21.14 -24.82
CA SER A 210 -14.14 21.16 -25.45
C SER A 210 -14.15 22.08 -26.69
N ARG A 211 -13.05 22.83 -26.88
CA ARG A 211 -12.94 23.73 -28.04
C ARG A 211 -12.31 23.02 -29.26
N LEU A 212 -12.13 21.69 -29.15
CA LEU A 212 -11.56 20.88 -30.25
C LEU A 212 -12.65 20.15 -31.04
N ALA A 213 -12.74 20.42 -32.34
CA ALA A 213 -13.76 19.76 -33.20
C ALA A 213 -13.59 18.21 -33.25
N CYS A 214 -12.46 17.71 -32.75
CA CYS A 214 -12.08 16.30 -32.85
C CYS A 214 -12.14 15.54 -31.51
N ASP A 215 -12.43 16.24 -30.41
CA ASP A 215 -12.48 15.62 -29.09
C ASP A 215 -13.89 15.06 -28.81
N VAL A 216 -14.09 13.80 -29.16
CA VAL A 216 -15.42 13.18 -29.10
C VAL A 216 -15.84 12.79 -27.71
N LEU A 217 -17.13 13.01 -27.41
CA LEU A 217 -17.73 12.57 -26.15
C LEU A 217 -17.78 11.05 -26.11
N PRO A 218 -17.13 10.44 -25.10
CA PRO A 218 -17.18 8.99 -24.98
C PRO A 218 -18.55 8.48 -24.49
N LYS A 219 -19.02 7.39 -25.06
CA LYS A 219 -20.27 6.78 -24.64
C LYS A 219 -20.07 6.21 -23.24
N ARG A 220 -20.83 6.71 -22.26
CA ARG A 220 -20.62 6.29 -20.86
C ARG A 220 -21.88 5.81 -20.15
N HIS A 221 -21.68 5.08 -19.05
CA HIS A 221 -22.76 4.46 -18.31
C HIS A 221 -22.54 4.59 -16.83
N VAL A 222 -23.63 4.77 -16.10
CA VAL A 222 -23.60 4.75 -14.68
C VAL A 222 -24.48 3.61 -14.21
N GLU A 223 -23.94 2.79 -13.31
CA GLU A 223 -24.68 1.67 -12.70
C GLU A 223 -24.87 1.92 -11.19
N PRO A 224 -26.08 2.32 -10.78
CA PRO A 224 -26.37 2.54 -9.36
C PRO A 224 -26.43 1.22 -8.57
N LEU A 225 -25.62 1.11 -7.53
CA LEU A 225 -25.54 -0.10 -6.74
C LEU A 225 -26.25 0.02 -5.37
N MSE A 226 -26.10 1.17 -4.71
CA MSE A 226 -26.62 1.31 -3.36
C MSE A 226 -26.86 2.78 -2.98
O MSE A 226 -26.25 3.68 -3.56
CB MSE A 226 -25.63 0.64 -2.37
CG MSE A 226 -26.09 0.59 -0.90
SE MSE A 226 -24.85 -0.48 0.23
CE MSE A 226 -25.02 -2.20 -0.79
N ASN A 227 -27.77 2.99 -2.04
CA ASN A 227 -27.97 4.28 -1.40
C ASN A 227 -28.81 4.09 -0.15
N THR A 228 -28.17 4.20 1.01
CA THR A 228 -28.85 3.95 2.27
C THR A 228 -29.40 5.22 2.85
N VAL A 229 -29.30 6.33 2.12
CA VAL A 229 -29.79 7.61 2.63
C VAL A 229 -31.29 7.53 2.75
N TYR A 230 -31.81 7.95 3.90
CA TYR A 230 -33.22 7.82 4.23
C TYR A 230 -34.02 9.03 3.75
N TYR A 231 -34.20 9.09 2.43
CA TYR A 231 -34.91 10.19 1.76
C TYR A 231 -36.41 10.25 2.07
N MSE A 232 -37.09 9.11 1.91
CA MSE A 232 -38.57 9.09 1.87
C MSE A 232 -39.17 7.79 2.37
O MSE A 232 -39.11 6.77 1.69
CB MSE A 232 -39.00 9.34 0.43
CG MSE A 232 -40.44 9.54 0.19
SE MSE A 232 -40.72 9.77 -1.72
CE MSE A 232 -39.85 11.46 -1.98
N GLY A 233 -39.76 7.81 3.57
CA GLY A 233 -40.39 6.64 4.14
C GLY A 233 -39.37 5.55 4.39
N GLN A 234 -38.16 5.96 4.75
CA GLN A 234 -37.07 5.04 5.00
C GLN A 234 -36.55 5.25 6.40
N SER A 235 -36.03 4.20 7.01
CA SER A 235 -35.49 4.34 8.36
C SER A 235 -33.95 4.40 8.35
N TYR A 236 -33.40 4.64 9.55
CA TYR A 236 -31.97 4.76 9.74
C TYR A 236 -31.27 3.46 9.40
N PRO A 237 -30.24 3.53 8.53
CA PRO A 237 -29.56 2.32 8.08
C PRO A 237 -28.49 1.84 9.06
N ASP A 238 -28.91 1.05 10.05
CA ASP A 238 -27.97 0.44 10.99
C ASP A 238 -27.80 -1.04 10.67
N ILE A 239 -28.33 -1.44 9.52
CA ILE A 239 -28.33 -2.83 9.09
C ILE A 239 -26.94 -3.47 9.12
N PHE A 240 -25.92 -2.67 8.87
CA PHE A 240 -24.54 -3.15 8.84
C PHE A 240 -24.11 -3.75 10.17
N ALA A 241 -24.81 -3.39 11.24
CA ALA A 241 -24.49 -3.88 12.58
C ALA A 241 -24.78 -5.36 12.71
N ARG A 242 -25.67 -5.88 11.85
CA ARG A 242 -26.07 -7.29 11.91
C ARG A 242 -25.67 -8.11 10.69
N ARG A 243 -25.59 -7.48 9.52
CA ARG A 243 -25.25 -8.22 8.30
C ARG A 243 -24.62 -7.34 7.23
N ASP A 244 -23.93 -7.98 6.29
CA ASP A 244 -23.38 -7.28 5.13
C ASP A 244 -24.52 -7.09 4.14
N VAL A 245 -24.40 -6.09 3.27
CA VAL A 245 -25.44 -5.82 2.27
C VAL A 245 -24.87 -6.01 0.88
N SER A 246 -25.53 -6.84 0.09
CA SER A 246 -25.07 -7.16 -1.25
C SER A 246 -26.13 -6.88 -2.28
N THR A 247 -25.69 -6.71 -3.53
CA THR A 247 -26.61 -6.61 -4.66
C THR A 247 -25.91 -7.14 -5.87
N ASP A 248 -26.68 -7.73 -6.78
CA ASP A 248 -26.15 -8.23 -8.02
C ASP A 248 -26.28 -7.16 -9.07
N PHE A 249 -25.48 -7.24 -10.12
CA PHE A 249 -25.55 -6.28 -11.23
C PHE A 249 -24.98 -6.90 -12.48
N THR A 250 -25.45 -6.41 -13.63
CA THR A 250 -25.07 -6.97 -14.91
C THR A 250 -24.05 -6.09 -15.62
N VAL A 251 -23.03 -6.71 -16.20
CA VAL A 251 -22.04 -6.01 -16.99
C VAL A 251 -22.10 -6.53 -18.43
N PRO A 252 -22.32 -5.62 -19.40
CA PRO A 252 -22.40 -6.00 -20.81
C PRO A 252 -21.03 -6.22 -21.43
N LYS A 253 -20.99 -6.94 -22.54
CA LYS A 253 -19.74 -7.19 -23.24
C LYS A 253 -19.18 -5.84 -23.72
N GLY A 254 -17.88 -5.65 -23.59
CA GLY A 254 -17.22 -4.44 -24.09
C GLY A 254 -17.07 -3.28 -23.11
N ALA A 255 -17.60 -3.44 -21.89
CA ALA A 255 -17.46 -2.40 -20.86
C ALA A 255 -15.99 -2.16 -20.55
N LYS A 256 -15.52 -0.93 -20.76
CA LYS A 256 -14.10 -0.58 -20.52
C LYS A 256 -13.93 0.46 -19.39
N ASN A 257 -12.84 0.31 -18.63
CA ASN A 257 -12.47 1.25 -17.57
C ASN A 257 -13.56 1.36 -16.49
N ILE A 258 -13.93 0.23 -15.90
CA ILE A 258 -14.93 0.22 -14.84
C ILE A 258 -14.33 0.82 -13.56
N ARG A 259 -15.04 1.78 -12.98
CA ARG A 259 -14.61 2.40 -11.73
C ARG A 259 -15.75 2.47 -10.75
N LEU A 260 -15.48 2.10 -9.50
CA LEU A 260 -16.46 2.18 -8.45
C LEU A 260 -16.29 3.48 -7.69
N LYS A 261 -17.39 4.15 -7.41
CA LYS A 261 -17.38 5.33 -6.56
C LYS A 261 -18.11 4.95 -5.29
N TYR A 262 -17.61 5.40 -4.15
CA TYR A 262 -18.15 4.98 -2.85
C TYR A 262 -18.20 6.18 -1.87
N ILE A 263 -19.42 6.53 -1.45
CA ILE A 263 -19.68 7.70 -0.64
C ILE A 263 -20.18 7.27 0.74
N VAL A 264 -19.34 7.37 1.75
CA VAL A 264 -19.72 6.91 3.07
C VAL A 264 -19.50 7.96 4.12
N THR A 265 -20.49 8.05 5.03
CA THR A 265 -20.37 8.85 6.22
C THR A 265 -21.02 8.04 7.38
N GLY A 266 -20.42 8.14 8.55
CA GLY A 266 -20.89 7.42 9.74
C GLY A 266 -21.62 8.37 10.69
N HIS A 267 -22.61 7.83 11.39
CA HIS A 267 -23.48 8.66 12.19
C HIS A 267 -23.89 8.00 13.49
N GLY A 268 -24.50 8.81 14.35
CA GLY A 268 -24.79 8.41 15.71
C GLY A 268 -24.02 9.40 16.55
N GLY A 269 -24.65 10.55 16.80
CA GLY A 269 -23.98 11.67 17.43
C GLY A 269 -24.06 11.72 18.94
N HIS A 270 -24.01 10.57 19.58
CA HIS A 270 -23.91 10.51 21.03
C HIS A 270 -22.51 10.06 21.36
N SER A 271 -22.10 10.27 22.61
CA SER A 271 -20.79 9.84 23.05
C SER A 271 -20.64 8.35 22.78
N GLY A 272 -19.65 7.99 21.98
CA GLY A 272 -19.41 6.58 21.64
C GLY A 272 -20.15 6.10 20.40
N GLY A 273 -20.87 6.99 19.74
CA GLY A 273 -21.65 6.63 18.54
C GLY A 273 -20.80 6.55 17.26
N ASP A 274 -21.36 5.95 16.21
CA ASP A 274 -20.61 5.72 14.97
C ASP A 274 -20.17 6.99 14.24
N GLU A 275 -20.69 8.14 14.64
CA GLU A 275 -20.22 9.41 14.11
C GLU A 275 -18.81 9.74 14.62
N PHE A 276 -18.51 9.31 15.85
CA PHE A 276 -17.26 9.67 16.54
C PHE A 276 -16.30 8.49 16.77
N VAL A 277 -16.62 7.34 16.21
CA VAL A 277 -15.80 6.15 16.42
C VAL A 277 -15.40 5.52 15.10
N GLN A 278 -14.14 5.07 15.01
CA GLN A 278 -13.61 4.48 13.77
C GLN A 278 -14.14 3.08 13.52
N LYS A 279 -14.70 2.89 12.32
CA LYS A 279 -15.22 1.58 11.90
C LYS A 279 -14.76 1.26 10.49
N ARG A 280 -14.06 0.15 10.35
CA ARG A 280 -13.54 -0.25 9.04
C ARG A 280 -14.67 -0.61 8.08
N ASN A 281 -14.51 -0.18 6.82
CA ASN A 281 -15.43 -0.49 5.73
C ASN A 281 -14.73 -1.43 4.77
N ILE A 282 -15.30 -2.61 4.54
CA ILE A 282 -14.77 -3.56 3.57
C ILE A 282 -15.75 -3.69 2.42
N ILE A 283 -15.39 -3.20 1.25
CA ILE A 283 -16.27 -3.24 0.08
C ILE A 283 -15.71 -4.21 -0.94
N SER A 284 -16.56 -5.06 -1.52
CA SER A 284 -16.08 -6.14 -2.39
C SER A 284 -16.86 -6.32 -3.69
N VAL A 285 -16.18 -6.83 -4.70
CA VAL A 285 -16.80 -7.20 -5.95
C VAL A 285 -16.52 -8.68 -6.18
N ASP A 286 -17.57 -9.46 -6.36
CA ASP A 286 -17.47 -10.90 -6.53
C ASP A 286 -16.70 -11.58 -5.37
N GLY A 287 -16.87 -11.06 -4.16
CA GLY A 287 -16.22 -11.64 -2.98
C GLY A 287 -14.80 -11.14 -2.72
N LYS A 288 -14.20 -10.47 -3.71
CA LYS A 288 -12.83 -9.93 -3.57
C LYS A 288 -12.87 -8.45 -3.21
N GLU A 289 -12.05 -8.06 -2.22
CA GLU A 289 -12.03 -6.68 -1.73
C GLU A 289 -11.47 -5.73 -2.76
N VAL A 290 -12.15 -4.59 -2.96
CA VAL A 290 -11.69 -3.55 -3.90
C VAL A 290 -11.42 -2.24 -3.16
N LEU A 291 -12.03 -2.10 -1.98
CA LEU A 291 -11.79 -1.00 -1.08
C LEU A 291 -11.80 -1.52 0.36
N ASN A 292 -10.91 -0.99 1.18
CA ASN A 292 -10.80 -1.37 2.59
C ASN A 292 -10.10 -0.27 3.37
N PHE A 293 -10.86 0.45 4.19
CA PHE A 293 -10.32 1.59 4.90
C PHE A 293 -11.26 2.04 5.99
N ILE A 294 -10.76 2.90 6.86
CA ILE A 294 -11.55 3.50 7.91
C ILE A 294 -11.92 4.93 7.48
N PRO A 295 -13.19 5.17 7.15
CA PRO A 295 -13.59 6.53 6.79
C PRO A 295 -13.44 7.41 8.00
N TRP A 296 -12.63 8.46 7.90
CA TRP A 296 -12.27 9.23 9.05
C TRP A 296 -11.66 10.58 8.68
N ARG A 297 -11.93 11.60 9.50
CA ARG A 297 -11.30 12.92 9.32
C ARG A 297 -10.77 13.41 10.64
N ASP A 298 -9.51 13.85 10.62
CA ASP A 298 -8.81 14.33 11.79
C ASP A 298 -8.67 15.84 11.82
N ASP A 299 -9.24 16.52 10.83
CA ASP A 299 -8.98 17.95 10.64
C ASP A 299 -10.20 18.85 10.82
N CYS A 300 -11.19 18.38 11.57
CA CYS A 300 -12.44 19.14 11.68
C CYS A 300 -12.29 20.51 12.31
N ALA A 301 -11.22 20.70 13.09
CA ALA A 301 -10.94 22.03 13.65
C ALA A 301 -10.73 23.04 12.53
N SER A 302 -10.31 22.56 11.36
CA SER A 302 -10.07 23.47 10.22
C SER A 302 -11.36 24.10 9.68
N PHE A 303 -12.53 23.58 10.12
CA PHE A 303 -13.81 24.13 9.71
C PHE A 303 -14.42 25.09 10.71
N ARG A 304 -13.67 25.47 11.74
CA ARG A 304 -14.23 26.22 12.87
C ARG A 304 -15.01 27.48 12.46
N ARG A 305 -14.48 28.24 11.51
CA ARG A 305 -15.06 29.53 11.14
C ARG A 305 -16.42 29.41 10.46
N PHE A 306 -16.80 28.18 10.10
CA PHE A 306 -18.07 27.93 9.43
C PHE A 306 -19.15 27.52 10.42
N ASN A 307 -18.79 27.40 11.68
CA ASN A 307 -19.66 26.80 12.69
C ASN A 307 -19.95 27.70 13.87
N PRO A 308 -20.70 28.78 13.65
CA PRO A 308 -20.96 29.72 14.73
C PRO A 308 -21.93 29.20 15.83
N ALA A 309 -22.81 28.24 15.51
CA ALA A 309 -23.74 27.72 16.52
C ALA A 309 -23.34 26.38 17.11
N THR A 310 -22.06 26.02 17.03
CA THR A 310 -21.61 24.76 17.60
C THR A 310 -21.62 24.82 19.13
N GLY A 311 -21.91 23.69 19.76
CA GLY A 311 -21.78 23.57 21.20
C GLY A 311 -20.31 23.57 21.60
N VAL A 312 -20.02 24.01 22.82
CA VAL A 312 -18.66 24.17 23.27
C VAL A 312 -18.46 23.63 24.70
N TRP A 313 -17.34 22.92 24.92
CA TRP A 313 -16.97 22.41 26.23
C TRP A 313 -15.65 23.02 26.67
N LEU A 314 -15.45 23.14 27.98
CA LEU A 314 -14.15 23.57 28.50
C LEU A 314 -13.32 22.36 28.93
N ILE A 315 -12.13 22.21 28.34
CA ILE A 315 -11.24 21.09 28.65
C ILE A 315 -9.96 21.62 29.27
N LYS A 316 -9.63 21.12 30.45
CA LYS A 316 -8.43 21.54 31.18
C LYS A 316 -7.19 20.98 30.53
N ARG A 317 -6.20 21.84 30.32
CA ARG A 317 -4.95 21.46 29.68
C ARG A 317 -3.80 22.31 30.24
N LEU A 318 -2.68 21.67 30.53
CA LEU A 318 -1.48 22.35 30.95
C LEU A 318 -0.78 22.81 29.68
N ALA A 319 -0.95 24.08 29.33
CA ALA A 319 -0.44 24.59 28.04
C ALA A 319 0.76 25.51 28.19
N SER A 320 1.77 25.29 27.35
CA SER A 320 2.94 26.15 27.30
C SER A 320 2.59 27.44 26.54
N TYR A 321 3.22 28.55 26.91
CA TYR A 321 2.93 29.85 26.30
C TYR A 321 3.95 30.93 26.67
N ILE A 322 3.97 31.98 25.86
CA ILE A 322 4.86 33.10 26.09
C ILE A 322 4.17 34.09 27.02
N GLY A 323 4.67 34.18 28.25
CA GLY A 323 4.12 35.10 29.25
C GLY A 323 4.93 36.38 29.34
N GLU A 324 4.65 37.18 30.37
CA GLU A 324 5.34 38.47 30.57
C GLU A 324 6.73 38.31 31.20
N LYS A 325 7.33 37.13 31.05
CA LYS A 325 8.69 36.88 31.58
C LYS A 325 9.36 35.67 30.92
N GLY A 326 9.01 35.40 29.67
CA GLY A 326 9.60 34.28 28.91
C GLY A 326 8.66 33.10 28.82
N TYR A 327 9.17 32.01 28.23
CA TYR A 327 8.40 30.76 28.06
C TYR A 327 7.89 30.24 29.41
N THR A 328 6.56 30.07 29.53
CA THR A 328 5.97 29.61 30.79
C THR A 328 5.00 28.44 30.57
N GLU A 329 4.19 28.16 31.58
CA GLU A 329 3.39 26.95 31.60
C GLU A 329 2.28 27.17 32.63
N LYS A 330 1.06 26.78 32.29
CA LYS A 330 -0.10 27.09 33.16
C LYS A 330 -1.36 26.29 32.76
N GLU A 331 -2.17 25.91 33.76
CA GLU A 331 -3.41 25.17 33.53
CA GLU A 331 -3.40 25.17 33.53
C GLU A 331 -4.49 26.10 33.01
N VAL A 332 -4.95 25.87 31.79
CA VAL A 332 -6.02 26.67 31.20
C VAL A 332 -7.23 25.82 30.98
N GLU A 333 -8.37 26.47 30.74
CA GLU A 333 -9.58 25.77 30.33
C GLU A 333 -9.83 26.12 28.89
N GLU A 334 -9.37 25.25 28.00
CA GLU A 334 -9.41 25.52 26.56
C GLU A 334 -10.72 25.05 25.97
N PRO A 335 -11.39 25.92 25.19
CA PRO A 335 -12.66 25.52 24.59
C PRO A 335 -12.51 24.49 23.48
N LEU A 336 -13.43 23.53 23.48
CA LEU A 336 -13.51 22.50 22.47
C LEU A 336 -14.90 22.56 21.89
N ALA A 337 -15.00 22.72 20.57
CA ALA A 337 -16.29 22.78 19.92
C ALA A 337 -16.66 21.39 19.37
N SER A 338 -17.96 21.12 19.29
CA SER A 338 -18.40 19.89 18.70
C SER A 338 -17.90 19.85 17.27
N SER A 339 -17.88 21.01 16.61
CA SER A 339 -17.42 21.08 15.23
C SER A 339 -15.91 20.71 15.09
N ASP A 340 -15.16 20.74 16.20
CA ASP A 340 -13.73 20.36 16.20
C ASP A 340 -13.48 18.84 16.23
N LEU A 341 -14.48 18.08 16.66
CA LEU A 341 -14.27 16.66 16.91
C LEU A 341 -14.07 15.86 15.61
N SER A 342 -13.16 14.88 15.68
CA SER A 342 -12.91 13.98 14.55
C SER A 342 -14.13 13.12 14.37
N ARG A 343 -14.50 12.89 13.12
CA ARG A 343 -15.72 12.15 12.79
C ARG A 343 -15.49 11.13 11.67
N SER A 344 -16.51 10.30 11.44
CA SER A 344 -16.42 9.24 10.47
C SER A 344 -16.61 9.72 9.02
N ASN A 345 -15.60 10.43 8.54
CA ASN A 345 -15.46 10.90 7.14
C ASN A 345 -16.09 12.25 6.82
N TRP A 346 -16.36 13.05 7.85
CA TRP A 346 -16.91 14.37 7.64
C TRP A 346 -16.67 15.35 8.77
N CYS A 347 -16.94 16.61 8.46
CA CYS A 347 -16.91 17.66 9.43
C CYS A 347 -18.12 18.54 9.14
N PRO A 348 -18.67 19.16 10.18
CA PRO A 348 -19.75 20.07 9.93
C PRO A 348 -19.27 21.20 9.03
N GLY A 349 -19.78 21.23 7.80
CA GLY A 349 -19.39 22.23 6.82
C GLY A 349 -18.67 21.63 5.61
N SER A 350 -18.50 20.31 5.60
CA SER A 350 -17.76 19.65 4.54
C SER A 350 -18.66 18.87 3.62
N ASP A 351 -18.15 18.63 2.41
CA ASP A 351 -18.76 17.71 1.50
C ASP A 351 -17.89 16.45 1.51
N VAL A 352 -18.31 15.41 0.82
CA VAL A 352 -17.57 14.17 0.80
C VAL A 352 -17.17 13.84 -0.60
N VAL A 353 -15.88 13.74 -0.86
CA VAL A 353 -15.43 13.35 -2.20
C VAL A 353 -15.43 11.81 -2.27
N PRO A 354 -16.09 11.25 -3.28
CA PRO A 354 -16.20 9.80 -3.32
C PRO A 354 -14.87 9.10 -3.39
N GLU A 355 -14.73 8.02 -2.61
CA GLU A 355 -13.57 7.15 -2.74
C GLU A 355 -13.75 6.42 -4.05
N GLU A 356 -12.65 6.11 -4.71
CA GLU A 356 -12.71 5.48 -6.03
C GLU A 356 -11.84 4.21 -6.09
N ALA A 357 -12.26 3.25 -6.91
CA ALA A 357 -11.53 2.00 -7.09
C ALA A 357 -11.57 1.59 -8.54
N VAL A 358 -10.40 1.35 -9.13
CA VAL A 358 -10.32 0.96 -10.51
C VAL A 358 -10.53 -0.55 -10.59
N ILE A 359 -11.59 -0.96 -11.31
CA ILE A 359 -11.91 -2.37 -11.49
C ILE A 359 -11.37 -2.86 -12.83
N GLY A 360 -11.49 -2.00 -13.84
CA GLY A 360 -10.98 -2.30 -15.19
C GLY A 360 -12.03 -2.96 -16.06
N THR A 361 -11.95 -4.30 -16.15
CA THR A 361 -12.95 -5.05 -16.90
C THR A 361 -13.51 -6.15 -16.02
N LEU A 362 -14.70 -6.59 -16.35
CA LEU A 362 -15.36 -7.68 -15.66
C LEU A 362 -16.00 -8.56 -16.71
N ALA A 363 -15.94 -9.87 -16.50
CA ALA A 363 -16.58 -10.80 -17.40
C ALA A 363 -18.03 -10.36 -17.66
N PRO A 364 -18.49 -10.46 -18.91
CA PRO A 364 -19.89 -10.12 -19.15
C PRO A 364 -20.80 -11.01 -18.30
N GLY A 365 -21.91 -10.44 -17.82
CA GLY A 365 -22.86 -11.21 -17.00
C GLY A 365 -23.02 -10.72 -15.57
N LYS A 366 -23.63 -11.56 -14.74
CA LYS A 366 -23.92 -11.19 -13.35
C LYS A 366 -22.67 -11.09 -12.49
N HIS A 367 -22.62 -10.05 -11.67
CA HIS A 367 -21.58 -9.87 -10.65
C HIS A 367 -22.22 -9.39 -9.36
N THR A 368 -21.48 -9.51 -8.26
CA THR A 368 -21.98 -9.17 -6.94
C THR A 368 -21.15 -8.10 -6.27
N PHE A 369 -21.85 -7.11 -5.71
CA PHE A 369 -21.23 -6.01 -5.00
C PHE A 369 -21.65 -6.14 -3.57
N THR A 370 -20.69 -6.03 -2.66
CA THR A 370 -20.97 -6.20 -1.23
C THR A 370 -20.30 -5.13 -0.41
N VAL A 371 -21.05 -4.60 0.56
CA VAL A 371 -20.55 -3.61 1.48
C VAL A 371 -20.66 -4.15 2.89
N SER A 372 -19.55 -4.12 3.61
CA SER A 372 -19.49 -4.61 4.98
C SER A 372 -18.84 -3.58 5.90
N ILE A 373 -19.48 -3.33 7.02
CA ILE A 373 -18.94 -2.48 8.08
C ILE A 373 -19.19 -3.28 9.36
N PRO A 374 -18.43 -4.37 9.53
CA PRO A 374 -18.70 -5.42 10.54
C PRO A 374 -18.90 -4.95 11.99
N GLU A 375 -18.25 -3.88 12.41
CA GLU A 375 -18.33 -3.44 13.81
C GLU A 375 -19.30 -2.27 14.01
N ALA A 376 -20.10 -1.97 12.99
CA ALA A 376 -21.13 -0.93 13.10
C ALA A 376 -22.04 -1.24 14.27
N GLN A 377 -22.45 -0.20 14.99
CA GLN A 377 -23.32 -0.38 16.14
C GLN A 377 -24.77 -0.29 15.72
N ALA A 378 -25.62 -0.96 16.48
CA ALA A 378 -27.05 -0.97 16.21
C ALA A 378 -27.71 0.28 16.78
N VAL A 379 -28.88 0.61 16.26
CA VAL A 379 -29.72 1.63 16.83
C VAL A 379 -30.13 1.12 18.20
N ASP A 380 -30.03 1.96 19.20
CA ASP A 380 -30.36 1.58 20.57
C ASP A 380 -31.14 2.73 21.22
N GLY A 381 -32.47 2.65 21.17
CA GLY A 381 -33.31 3.72 21.70
C GLY A 381 -33.04 5.01 20.95
N ASN A 382 -32.55 6.02 21.66
CA ASN A 382 -32.25 7.32 21.02
C ASN A 382 -30.78 7.45 20.57
N LYS A 383 -30.04 6.35 20.64
CA LYS A 383 -28.71 6.28 20.09
C LYS A 383 -28.85 5.84 18.64
N LEU A 384 -28.81 6.80 17.72
CA LEU A 384 -29.19 6.56 16.32
C LEU A 384 -28.03 6.27 15.37
N ASN A 385 -27.27 5.22 15.68
CA ASN A 385 -26.13 4.82 14.86
C ASN A 385 -26.61 4.38 13.50
N HIS A 386 -25.90 4.79 12.45
CA HIS A 386 -26.21 4.34 11.10
C HIS A 386 -25.10 4.79 10.18
N TRP A 387 -25.09 4.25 8.97
CA TRP A 387 -24.09 4.59 7.98
C TRP A 387 -24.75 4.98 6.67
N LEU A 388 -24.45 6.18 6.19
CA LEU A 388 -24.98 6.63 4.92
C LEU A 388 -23.99 6.23 3.87
N VAL A 389 -24.36 5.23 3.09
CA VAL A 389 -23.49 4.69 2.10
C VAL A 389 -24.20 4.74 0.78
N SER A 390 -23.52 5.22 -0.25
CA SER A 390 -24.01 5.09 -1.62
C SER A 390 -22.86 4.68 -2.52
N ALA A 391 -23.19 4.02 -3.61
CA ALA A 391 -22.16 3.53 -4.52
C ALA A 391 -22.70 3.36 -5.93
N TYR A 392 -21.82 3.50 -6.91
CA TYR A 392 -22.17 3.27 -8.27
C TYR A 392 -20.93 3.01 -9.06
N LEU A 393 -21.07 2.28 -10.15
CA LEU A 393 -19.97 2.03 -11.04
C LEU A 393 -20.11 2.95 -12.22
N VAL A 394 -19.00 3.29 -12.83
CA VAL A 394 -18.99 4.05 -14.06
CA VAL A 394 -19.01 4.05 -14.07
C VAL A 394 -18.09 3.33 -15.07
N TRP A 395 -18.45 3.41 -16.34
CA TRP A 395 -17.63 2.80 -17.37
C TRP A 395 -18.00 3.33 -18.73
N GLU A 396 -17.03 3.22 -19.65
CA GLU A 396 -17.21 3.61 -21.03
C GLU A 396 -17.53 2.35 -21.82
N GLU A 397 -18.34 2.49 -22.85
CA GLU A 397 -18.75 1.34 -23.66
C GLU A 397 -18.46 1.55 -25.16
N LEU B 8 -0.18 14.37 -35.29
CA LEU B 8 0.96 14.69 -34.37
C LEU B 8 1.32 13.46 -33.51
N PRO B 9 2.62 13.13 -33.42
CA PRO B 9 3.11 11.93 -32.70
C PRO B 9 3.19 12.10 -31.17
N ALA B 10 2.86 11.05 -30.44
CA ALA B 10 2.88 11.10 -28.97
C ALA B 10 4.28 10.80 -28.40
N LYS B 11 4.64 11.51 -27.33
CA LYS B 11 5.89 11.26 -26.62
C LYS B 11 5.62 10.78 -25.17
N GLY B 12 4.37 10.44 -24.89
CA GLY B 12 3.98 9.88 -23.60
C GLY B 12 4.02 10.86 -22.44
N ASP B 13 3.34 10.50 -21.35
CA ASP B 13 3.37 11.28 -20.11
C ASP B 13 4.77 11.23 -19.56
N LEU B 14 5.09 12.14 -18.65
CA LEU B 14 6.44 12.16 -18.06
C LEU B 14 6.41 12.55 -16.60
N HIS B 15 7.01 11.69 -15.77
CA HIS B 15 7.11 11.95 -14.34
C HIS B 15 8.57 12.30 -14.02
N ILE B 16 8.78 13.51 -13.50
CA ILE B 16 10.12 13.96 -13.16
C ILE B 16 10.26 14.17 -11.66
N PRO B 17 10.98 13.28 -10.98
CA PRO B 17 11.26 13.52 -9.57
C PRO B 17 12.42 14.51 -9.45
N VAL B 18 12.11 15.80 -9.46
CA VAL B 18 13.14 16.84 -9.48
C VAL B 18 14.03 16.76 -8.24
N PHE B 19 13.41 16.66 -7.08
CA PHE B 19 14.14 16.56 -5.82
C PHE B 19 13.56 15.47 -4.94
N GLU B 20 14.43 14.64 -4.37
CA GLU B 20 14.01 13.59 -3.42
C GLU B 20 14.75 13.78 -2.10
N ASN B 21 14.02 14.10 -1.04
CA ASN B 21 14.59 14.18 0.29
C ASN B 21 15.87 15.01 0.33
N VAL B 22 15.83 16.17 -0.30
CA VAL B 22 16.97 17.06 -0.33
C VAL B 22 16.94 18.01 0.89
N ASN B 23 18.07 18.15 1.56
CA ASN B 23 18.20 19.00 2.72
C ASN B 23 18.52 20.44 2.29
N VAL B 24 17.54 21.34 2.38
CA VAL B 24 17.77 22.76 2.09
C VAL B 24 18.17 23.39 3.42
N ARG B 25 19.32 24.06 3.44
CA ARG B 25 19.92 24.47 4.68
C ARG B 25 20.95 25.58 4.52
N PHE B 26 21.37 26.15 5.65
CA PHE B 26 22.50 27.05 5.65
C PHE B 26 23.72 26.38 6.28
N SER B 27 24.69 25.97 5.46
CA SER B 27 25.93 25.34 5.99
C SER B 27 27.19 25.65 5.17
N PRO B 28 27.89 26.73 5.55
CA PRO B 28 29.14 27.09 4.90
C PRO B 28 30.20 25.98 5.00
N ASP B 29 30.22 25.23 6.09
CA ASP B 29 31.17 24.12 6.21
C ASP B 29 30.95 23.07 5.11
N THR B 30 29.68 22.81 4.77
CA THR B 30 29.35 21.78 3.78
C THR B 30 29.41 22.35 2.38
N TYR B 31 28.84 23.53 2.18
CA TYR B 31 28.81 24.19 0.89
C TYR B 31 29.48 25.53 1.04
N PRO B 32 30.82 25.55 0.95
CA PRO B 32 31.62 26.76 1.29
C PRO B 32 31.42 27.98 0.40
N ASP B 33 31.09 27.78 -0.87
CA ASP B 33 30.97 28.89 -1.81
C ASP B 33 29.54 29.20 -2.21
N ASN B 34 29.40 30.12 -3.15
CA ASN B 34 28.10 30.41 -3.72
C ASN B 34 27.76 29.35 -4.79
N TYR B 35 28.77 28.88 -5.51
CA TYR B 35 28.60 27.78 -6.45
C TYR B 35 29.33 26.56 -5.94
N ASN B 36 28.65 25.42 -6.03
CA ASN B 36 29.22 24.15 -5.61
C ASN B 36 28.77 23.07 -6.59
N GLU B 37 29.74 22.39 -7.20
CA GLU B 37 29.44 21.41 -8.25
C GLU B 37 28.25 20.49 -7.85
N ALA B 38 27.47 20.10 -8.85
CA ALA B 38 26.35 19.19 -8.64
C ALA B 38 26.83 17.96 -7.91
N ASP B 39 26.07 17.51 -6.92
CA ASP B 39 26.40 16.29 -6.18
C ASP B 39 26.10 15.06 -7.04
N GLY B 40 26.24 13.86 -6.45
CA GLY B 40 26.03 12.59 -7.18
C GLY B 40 24.63 12.40 -7.77
N THR B 41 23.65 13.07 -7.17
CA THR B 41 22.27 13.02 -7.64
C THR B 41 21.93 14.10 -8.67
N GLY B 42 22.91 14.93 -9.02
CA GLY B 42 22.71 15.99 -10.03
C GLY B 42 22.14 17.28 -9.46
N VAL B 43 22.19 17.41 -8.15
CA VAL B 43 21.62 18.56 -7.46
C VAL B 43 22.69 19.60 -7.05
N TYR B 44 22.56 20.80 -7.58
CA TYR B 44 23.42 21.91 -7.21
C TYR B 44 22.96 22.52 -5.92
N HIS B 45 23.91 22.84 -5.06
CA HIS B 45 23.62 23.53 -3.83
C HIS B 45 24.30 24.90 -3.89
N LEU B 46 23.50 25.95 -3.99
CA LEU B 46 24.01 27.29 -4.08
C LEU B 46 23.74 28.09 -2.79
N VAL B 47 24.33 29.27 -2.71
CA VAL B 47 24.22 30.13 -1.55
C VAL B 47 24.29 29.35 -0.23
N ASN B 48 25.31 28.50 -0.13
CA ASN B 48 25.63 27.74 1.09
C ASN B 48 24.56 26.72 1.51
N GLY B 49 23.76 26.28 0.55
CA GLY B 49 22.72 25.29 0.78
C GLY B 49 21.30 25.84 0.74
N ARG B 50 21.16 27.16 0.68
CA ARG B 50 19.85 27.82 0.71
CA ARG B 50 19.85 27.81 0.71
C ARG B 50 19.08 27.64 -0.61
N ILE B 51 19.79 27.36 -1.69
CA ILE B 51 19.15 27.12 -2.97
C ILE B 51 19.59 25.78 -3.50
N ILE B 52 18.65 24.94 -3.89
CA ILE B 52 18.97 23.71 -4.59
C ILE B 52 18.44 23.84 -6.00
N LEU B 53 19.20 23.34 -6.96
CA LEU B 53 18.90 23.52 -8.38
C LEU B 53 19.15 22.20 -9.12
N LYS B 54 18.45 22.00 -10.23
CA LYS B 54 18.50 20.74 -10.96
C LYS B 54 18.10 20.95 -12.43
N LYS B 55 18.86 20.32 -13.32
CA LYS B 55 18.57 20.37 -14.76
C LYS B 55 17.57 19.30 -15.11
N ILE B 56 16.46 19.70 -15.73
CA ILE B 56 15.48 18.76 -16.20
C ILE B 56 15.45 18.78 -17.72
N THR B 57 15.02 17.66 -18.29
CA THR B 57 14.90 17.51 -19.71
C THR B 57 13.52 16.98 -20.06
N LEU B 58 12.76 17.77 -20.84
CA LEU B 58 11.46 17.33 -21.35
C LEU B 58 11.58 16.99 -22.82
N PRO B 59 10.77 16.01 -23.28
CA PRO B 59 10.74 15.67 -24.70
C PRO B 59 10.24 16.85 -25.53
N GLU B 60 10.42 16.75 -26.83
CA GLU B 60 9.97 17.80 -27.74
C GLU B 60 8.51 17.53 -28.10
N TYR B 61 7.61 17.87 -27.17
CA TYR B 61 6.19 17.62 -27.38
C TYR B 61 5.64 18.38 -28.58
N LYS B 62 4.93 17.66 -29.43
CA LYS B 62 4.22 18.27 -30.54
C LYS B 62 2.73 18.41 -30.14
N ARG B 63 2.28 17.52 -29.25
CA ARG B 63 0.90 17.57 -28.73
C ARG B 63 0.81 18.53 -27.55
N ASN B 64 -0.41 19.00 -27.26
CA ASN B 64 -0.64 19.87 -26.12
C ASN B 64 -0.48 19.05 -24.83
N VAL B 65 -0.07 19.73 -23.76
CA VAL B 65 0.19 19.08 -22.49
C VAL B 65 -0.34 19.92 -21.33
N SER B 66 -0.44 19.28 -20.16
CA SER B 66 -0.69 20.00 -18.91
C SER B 66 0.46 19.62 -17.95
N VAL B 67 0.82 20.54 -17.07
CA VAL B 67 1.97 20.34 -16.19
C VAL B 67 1.63 20.73 -14.78
N SER B 68 1.91 19.83 -13.83
CA SER B 68 1.69 20.16 -12.43
C SER B 68 2.98 20.04 -11.63
N LEU B 69 3.06 20.81 -10.56
CA LEU B 69 4.17 20.78 -9.64
C LEU B 69 3.68 20.33 -8.27
N LYS B 70 4.36 19.36 -7.69
CA LYS B 70 4.04 18.89 -6.37
C LYS B 70 5.26 19.01 -5.49
N VAL B 71 5.09 19.67 -4.35
CA VAL B 71 6.18 19.90 -3.44
C VAL B 71 5.78 19.44 -2.06
N THR B 72 6.59 18.55 -1.49
CA THR B 72 6.38 18.06 -0.13
C THR B 72 7.54 18.57 0.70
N LEU B 73 7.24 19.08 1.90
CA LEU B 73 8.24 19.73 2.73
C LEU B 73 8.09 19.38 4.20
N ALA B 74 9.23 19.30 4.90
CA ALA B 74 9.22 19.18 6.37
C ALA B 74 10.40 19.90 6.92
N SER B 75 10.33 20.25 8.19
CA SER B 75 11.46 20.80 8.88
C SER B 75 12.45 19.69 9.21
N ASN B 76 13.75 19.98 9.10
CA ASN B 76 14.80 19.06 9.55
C ASN B 76 15.37 19.54 10.88
N GLY B 77 14.67 20.47 11.52
CA GLY B 77 15.12 21.03 12.79
C GLY B 77 14.91 22.52 12.85
N ASP B 78 14.88 23.17 11.68
CA ASP B 78 14.57 24.58 11.64
C ASP B 78 13.15 24.77 12.16
N ARG B 79 13.03 25.67 13.12
CA ARG B 79 11.81 25.86 13.89
C ARG B 79 10.89 26.95 13.31
N TRP B 80 11.35 27.63 12.25
CA TRP B 80 10.68 28.82 11.73
C TRP B 80 9.78 28.65 10.51
N ASP B 81 8.88 29.63 10.35
CA ASP B 81 8.00 29.75 9.19
C ASP B 81 8.67 30.66 8.21
N LYS B 82 9.53 30.10 7.38
CA LYS B 82 10.34 30.89 6.49
C LYS B 82 9.78 30.88 5.10
N SER B 83 10.19 31.87 4.31
CA SER B 83 9.73 32.03 2.94
C SER B 83 10.45 31.11 2.00
N GLY B 84 9.69 30.57 1.07
CA GLY B 84 10.22 29.67 0.07
C GLY B 84 9.73 30.03 -1.30
N SER B 85 10.44 29.55 -2.30
CA SER B 85 10.12 29.81 -3.68
C SER B 85 10.68 28.71 -4.56
N CYS B 86 9.78 27.96 -5.21
CA CYS B 86 10.21 26.98 -6.21
C CYS B 86 10.19 27.74 -7.52
N PHE B 87 11.27 27.66 -8.30
CA PHE B 87 11.45 28.56 -9.47
C PHE B 87 12.10 27.90 -10.67
N VAL B 88 12.09 28.63 -11.78
CA VAL B 88 12.70 28.20 -13.02
C VAL B 88 13.52 29.39 -13.60
N LEU B 89 14.72 29.12 -14.05
CA LEU B 89 15.58 30.16 -14.61
C LEU B 89 15.12 30.43 -16.06
N PRO B 90 14.72 31.68 -16.36
CA PRO B 90 14.13 32.00 -17.66
C PRO B 90 15.05 31.72 -18.86
N LYS B 91 14.46 31.63 -20.05
CA LYS B 91 15.17 31.17 -21.27
C LYS B 91 16.19 32.13 -21.88
N SER B 92 15.73 33.33 -22.24
CA SER B 92 16.57 34.29 -23.00
C SER B 92 17.30 35.25 -22.08
N SER B 93 18.08 34.70 -21.16
CA SER B 93 18.72 35.52 -20.13
C SER B 93 20.09 34.95 -19.77
N ALA B 94 21.14 35.53 -20.34
CA ALA B 94 22.49 35.04 -20.09
C ALA B 94 22.81 35.15 -18.61
N ILE B 95 22.30 36.20 -17.97
CA ILE B 95 22.46 36.36 -16.53
C ILE B 95 21.32 35.67 -15.79
N ASN B 96 21.66 34.70 -14.95
CA ASN B 96 20.69 34.02 -14.10
C ASN B 96 21.39 33.52 -12.81
N LEU B 97 20.59 33.04 -11.84
CA LEU B 97 21.15 32.64 -10.53
C LEU B 97 22.37 31.73 -10.65
N LEU B 98 22.33 30.83 -11.65
CA LEU B 98 23.40 29.88 -11.85
C LEU B 98 24.64 30.54 -12.48
N THR B 99 24.45 31.26 -13.58
CA THR B 99 25.59 31.90 -14.25
C THR B 99 26.27 32.92 -13.34
N ILE B 100 25.48 33.56 -12.47
CA ILE B 100 26.02 34.53 -11.52
C ILE B 100 26.96 33.82 -10.54
N ALA B 101 26.45 32.76 -9.92
CA ALA B 101 27.21 32.02 -8.91
C ALA B 101 28.38 31.28 -9.51
N ARG B 102 28.15 30.66 -10.66
CA ARG B 102 29.16 29.82 -11.30
C ARG B 102 30.17 30.59 -12.14
N ASP B 103 29.69 31.52 -12.98
CA ASP B 103 30.53 32.19 -13.99
C ASP B 103 30.81 33.65 -13.72
N GLY B 104 30.57 34.11 -12.49
CA GLY B 104 30.85 35.49 -12.13
C GLY B 104 30.00 36.56 -12.82
N MSE B 105 28.83 36.17 -13.34
CA MSE B 105 27.91 37.18 -13.90
C MSE B 105 27.32 37.97 -12.75
O MSE B 105 27.37 37.55 -11.61
CB MSE B 105 26.78 36.52 -14.69
CG MSE B 105 27.19 35.71 -15.92
SE MSE B 105 28.13 36.73 -17.26
CE MSE B 105 27.36 35.84 -18.82
N LYS B 106 26.78 39.14 -13.06
CA LYS B 106 26.19 40.00 -12.04
C LYS B 106 24.84 40.50 -12.50
N PHE B 107 23.94 40.72 -11.55
CA PHE B 107 22.70 41.38 -11.87
C PHE B 107 23.12 42.73 -12.46
N PRO B 108 22.42 43.20 -13.49
CA PRO B 108 22.77 44.48 -14.09
C PRO B 108 22.65 45.65 -13.11
N SER B 109 23.51 46.65 -13.29
CA SER B 109 23.47 47.87 -12.48
C SER B 109 22.12 48.55 -12.65
N VAL B 110 21.63 49.20 -11.60
CA VAL B 110 20.34 49.90 -11.68
C VAL B 110 20.47 51.38 -11.37
N ASP B 111 19.48 52.13 -11.83
CA ASP B 111 19.40 53.55 -11.55
C ASP B 111 18.88 53.72 -10.12
N SER B 112 19.77 54.13 -9.21
CA SER B 112 19.42 54.26 -7.78
C SER B 112 18.25 55.21 -7.53
N LEU B 113 18.00 56.13 -8.47
CA LEU B 113 16.89 57.06 -8.31
C LEU B 113 15.56 56.34 -8.49
N LYS B 114 15.55 55.29 -9.33
CA LYS B 114 14.32 54.55 -9.59
C LYS B 114 14.22 53.19 -8.88
N LEU B 115 15.37 52.53 -8.65
CA LEU B 115 15.37 51.18 -8.03
C LEU B 115 16.29 51.06 -6.79
N GLU B 116 16.82 52.19 -6.31
CA GLU B 116 17.72 52.18 -5.16
C GLU B 116 18.84 51.13 -5.35
N LYS B 117 18.98 50.22 -4.37
CA LYS B 117 19.97 49.14 -4.45
C LYS B 117 19.29 47.79 -4.72
N MSE B 118 18.10 47.82 -5.34
CA MSE B 118 17.30 46.60 -5.55
C MSE B 118 17.69 45.90 -6.84
O MSE B 118 16.99 46.00 -7.85
CB MSE B 118 15.82 46.95 -5.58
CG MSE B 118 15.34 47.58 -4.28
SE MSE B 118 15.21 46.30 -2.84
CE MSE B 118 15.69 47.51 -1.36
N VAL B 119 18.79 45.16 -6.79
CA VAL B 119 19.30 44.46 -7.95
C VAL B 119 18.53 43.16 -8.21
N GLY B 120 18.40 42.82 -9.50
CA GLY B 120 17.79 41.58 -9.94
C GLY B 120 16.24 41.48 -9.88
N ILE B 121 15.56 42.55 -9.46
CA ILE B 121 14.13 42.49 -9.27
C ILE B 121 13.33 42.80 -10.52
N VAL B 122 13.94 43.51 -11.48
CA VAL B 122 13.28 43.76 -12.77
C VAL B 122 14.27 43.55 -13.89
N PRO B 123 13.77 43.43 -15.13
CA PRO B 123 14.66 43.15 -16.26
C PRO B 123 15.73 44.20 -16.44
N GLY B 124 16.80 43.81 -17.11
CA GLY B 124 17.90 44.71 -17.44
C GLY B 124 18.71 44.06 -18.57
N LYS B 125 19.85 44.63 -18.89
CA LYS B 125 20.67 44.09 -19.97
C LYS B 125 21.05 42.66 -19.69
N ASP B 126 20.69 41.77 -20.60
CA ASP B 126 20.97 40.35 -20.48
C ASP B 126 20.37 39.72 -19.24
N TYR B 127 19.26 40.28 -18.76
CA TYR B 127 18.63 39.74 -17.57
C TYR B 127 17.10 39.81 -17.56
N LEU B 128 16.47 38.67 -17.30
CA LEU B 128 15.05 38.60 -17.01
C LEU B 128 14.92 38.00 -15.62
N PRO B 129 14.02 38.52 -14.80
CA PRO B 129 13.90 38.01 -13.44
C PRO B 129 13.55 36.53 -13.37
N THR B 130 14.02 35.90 -12.31
CA THR B 130 13.69 34.53 -12.05
C THR B 130 12.17 34.41 -12.00
N VAL B 131 11.64 33.31 -12.52
CA VAL B 131 10.19 33.08 -12.52
C VAL B 131 9.82 31.99 -11.54
N GLU B 132 8.86 32.31 -10.65
CA GLU B 132 8.39 31.37 -9.64
C GLU B 132 7.36 30.37 -10.15
N LEU B 133 7.62 29.09 -9.95
CA LEU B 133 6.63 28.05 -10.21
C LEU B 133 5.69 27.99 -9.02
N MSE B 134 6.20 28.27 -7.82
CA MSE B 134 5.38 28.24 -6.58
C MSE B 134 6.04 28.99 -5.40
O MSE B 134 7.20 28.73 -5.05
CB MSE B 134 5.15 26.79 -6.15
CG MSE B 134 4.38 26.67 -4.86
SE MSE B 134 4.39 24.87 -4.14
CE MSE B 134 3.16 24.04 -5.40
N ARG B 135 5.28 29.90 -4.79
CA ARG B 135 5.69 30.59 -3.58
C ARG B 135 5.10 29.84 -2.42
N PHE B 136 5.89 29.55 -1.40
CA PHE B 136 5.36 28.86 -0.23
C PHE B 136 5.94 29.42 1.06
N MSE B 137 5.26 29.11 2.14
CA MSE B 137 5.67 29.53 3.45
C MSE B 137 5.71 28.31 4.33
O MSE B 137 4.69 27.60 4.46
CB MSE B 137 4.67 30.56 3.98
CG MSE B 137 4.57 31.78 3.08
SE MSE B 137 6.11 32.90 3.27
CE MSE B 137 6.42 33.32 1.34
N THR B 138 6.85 28.02 4.92
CA THR B 138 6.96 26.82 5.71
C THR B 138 6.17 27.01 6.97
N PRO B 139 5.67 25.92 7.52
CA PRO B 139 5.06 26.04 8.82
C PRO B 139 6.12 26.04 9.91
N PHE B 140 5.68 26.17 11.15
CA PHE B 140 6.55 26.13 12.27
C PHE B 140 6.94 24.70 12.62
N GLY B 141 8.07 24.24 12.07
CA GLY B 141 8.76 22.99 12.51
C GLY B 141 8.06 21.68 12.29
N ILE B 142 7.29 21.58 11.21
CA ILE B 142 6.54 20.37 10.93
C ILE B 142 7.48 19.18 10.73
N GLY B 143 7.05 18.00 11.20
CA GLY B 143 7.82 16.78 11.04
C GLY B 143 8.79 16.60 12.18
N HIS B 144 9.82 17.43 12.21
CA HIS B 144 10.85 17.33 13.23
C HIS B 144 10.28 17.54 14.61
N TYR B 145 9.29 18.41 14.74
CA TYR B 145 8.70 18.74 16.03
C TYR B 145 7.27 18.22 16.17
N SER B 146 6.87 17.33 15.24
CA SER B 146 5.50 16.81 15.19
C SER B 146 5.31 15.55 16.05
N ASN B 147 5.95 15.50 17.21
CA ASN B 147 5.85 14.35 18.05
C ASN B 147 4.46 14.26 18.68
N ASN B 148 3.74 13.19 18.36
CA ASN B 148 2.38 13.00 18.88
C ASN B 148 2.31 12.18 20.17
N ASN B 149 3.45 11.70 20.63
CA ASN B 149 3.51 10.99 21.90
C ASN B 149 3.03 11.92 22.99
N ASP B 150 2.28 11.36 23.93
CA ASP B 150 1.69 12.13 25.02
C ASP B 150 2.70 13.10 25.70
N SER B 151 3.97 12.69 25.79
CA SER B 151 5.02 13.46 26.49
C SER B 151 4.99 14.96 26.20
N LEU B 152 5.44 15.36 25.02
CA LEU B 152 5.55 16.78 24.68
C LEU B 152 4.25 17.36 24.08
N SER B 153 3.35 16.48 23.62
CA SER B 153 2.16 16.90 22.89
C SER B 153 1.15 17.72 23.72
N SER B 154 0.67 17.17 24.83
CA SER B 154 -0.35 17.84 25.67
C SER B 154 -0.01 19.33 25.98
N LYS B 155 1.28 19.65 26.09
CA LYS B 155 1.71 21.02 26.38
C LYS B 155 1.58 21.99 25.20
N ARG B 156 1.80 21.50 23.99
CA ARG B 156 1.77 22.33 22.79
C ARG B 156 0.45 22.16 21.97
N ARG B 157 0.03 20.91 21.80
CA ARG B 157 -1.10 20.58 20.93
C ARG B 157 -2.45 20.89 21.58
N PRO B 158 -3.23 21.79 20.97
CA PRO B 158 -4.53 22.14 21.50
C PRO B 158 -5.50 20.96 21.52
N VAL B 159 -6.48 21.03 22.41
CA VAL B 159 -7.46 19.96 22.60
C VAL B 159 -8.29 19.67 21.33
N TYR B 160 -8.42 20.69 20.47
CA TYR B 160 -9.20 20.56 19.24
C TYR B 160 -8.35 20.05 18.10
N ILE B 161 -7.05 19.84 18.35
CA ILE B 161 -6.12 19.28 17.35
C ILE B 161 -5.71 17.86 17.75
N PRO B 162 -6.31 16.85 17.12
CA PRO B 162 -6.02 15.49 17.55
C PRO B 162 -4.60 15.02 17.24
N LYS B 163 -4.00 15.54 16.18
CA LYS B 163 -2.63 15.17 15.88
C LYS B 163 -1.93 16.18 14.99
N TRP B 164 -0.61 16.23 15.10
CA TRP B 164 0.21 17.02 14.25
C TRP B 164 0.44 16.26 12.97
N GLU B 165 0.40 16.97 11.84
CA GLU B 165 0.76 16.35 10.57
C GLU B 165 2.27 16.27 10.51
N SER B 166 2.78 15.31 9.78
CA SER B 166 4.21 15.10 9.73
C SER B 166 4.87 15.85 8.58
N ASN B 167 4.09 16.34 7.63
CA ASN B 167 4.65 17.15 6.56
C ASN B 167 3.56 17.92 5.86
N VAL B 168 3.95 18.71 4.86
CA VAL B 168 3.01 19.55 4.14
C VAL B 168 3.24 19.34 2.67
N THR B 169 2.15 19.28 1.91
CA THR B 169 2.24 19.06 0.46
C THR B 169 1.46 20.14 -0.25
N TRP B 170 2.02 20.64 -1.34
CA TRP B 170 1.34 21.64 -2.16
C TRP B 170 1.35 21.20 -3.61
N GLN B 171 0.30 21.53 -4.35
CA GLN B 171 0.20 21.16 -5.73
C GLN B 171 -0.39 22.29 -6.52
N GLN B 172 0.21 22.56 -7.67
CA GLN B 172 -0.28 23.60 -8.54
C GLN B 172 -0.09 23.25 -10.00
N ASP B 173 -0.99 23.78 -10.81
CA ASP B 173 -0.94 23.64 -12.23
C ASP B 173 0.05 24.67 -12.74
N ILE B 174 1.09 24.22 -13.44
CA ILE B 174 2.09 25.14 -14.01
C ILE B 174 2.12 25.04 -15.55
N THR B 175 1.00 24.65 -16.14
CA THR B 175 0.91 24.46 -17.58
C THR B 175 1.33 25.70 -18.39
N ASP B 176 1.00 26.90 -17.88
CA ASP B 176 1.32 28.15 -18.60
C ASP B 176 2.83 28.41 -18.68
N LEU B 177 3.58 27.92 -17.70
CA LEU B 177 5.02 28.11 -17.68
C LEU B 177 5.77 27.07 -18.57
N TYR B 178 5.02 26.26 -19.34
CA TYR B 178 5.64 25.24 -20.18
C TYR B 178 6.78 25.78 -21.07
N PRO B 179 6.62 26.98 -21.63
CA PRO B 179 7.70 27.50 -22.47
C PRO B 179 9.04 27.57 -21.74
N LEU B 180 9.02 27.80 -20.43
CA LEU B 180 10.25 27.87 -19.63
C LEU B 180 10.80 26.47 -19.23
N LEU B 181 9.99 25.42 -19.40
CA LEU B 181 10.41 24.04 -19.10
C LEU B 181 10.88 23.31 -20.37
N GLU B 182 10.40 23.76 -21.52
CA GLU B 182 10.69 23.12 -22.80
C GLU B 182 12.19 22.94 -23.03
N GLY B 183 12.56 21.76 -23.54
CA GLY B 183 13.95 21.44 -23.80
C GLY B 183 14.69 21.23 -22.51
N GLU B 184 15.70 22.06 -22.27
CA GLU B 184 16.48 22.01 -21.05
C GLU B 184 16.10 23.18 -20.18
N ALA B 185 15.90 22.93 -18.89
CA ALA B 185 15.54 23.98 -17.98
C ALA B 185 16.17 23.71 -16.64
N TYR B 186 16.44 24.78 -15.90
CA TYR B 186 16.94 24.66 -14.55
C TYR B 186 15.86 25.03 -13.56
N VAL B 187 15.41 24.05 -12.79
CA VAL B 187 14.38 24.25 -11.79
C VAL B 187 15.02 24.19 -10.42
N GLY B 188 14.55 25.02 -9.49
CA GLY B 188 15.14 25.05 -8.17
C GLY B 188 14.18 25.38 -7.03
N ILE B 189 14.70 25.28 -5.80
CA ILE B 189 13.98 25.66 -4.61
C ILE B 189 14.87 26.50 -3.71
N TYR B 190 14.34 27.63 -3.28
CA TYR B 190 15.00 28.51 -2.35
C TYR B 190 14.19 28.59 -1.06
N ILE B 191 14.86 28.44 0.09
CA ILE B 191 14.23 28.65 1.38
C ILE B 191 15.13 29.57 2.18
N ASP B 192 14.54 30.62 2.73
CA ASP B 192 15.24 31.60 3.51
C ASP B 192 15.59 31.01 4.84
N THR B 193 16.39 29.94 4.81
CA THR B 193 16.84 29.29 6.06
C THR B 193 18.25 29.69 6.47
N TRP B 194 18.45 29.94 7.75
CA TRP B 194 19.78 30.25 8.29
C TRP B 194 20.23 29.22 9.35
N THR B 195 19.61 28.05 9.36
CA THR B 195 20.02 26.98 10.30
C THR B 195 20.70 25.84 9.55
N SER B 196 21.64 25.18 10.21
CA SER B 196 22.34 24.05 9.63
C SER B 196 21.36 22.86 9.42
N GLU B 197 20.35 22.78 10.28
CA GLU B 197 19.33 21.75 10.20
C GLU B 197 18.47 21.93 8.93
N GLY B 198 17.87 23.10 8.79
CA GLY B 198 17.11 23.44 7.60
C GLY B 198 15.84 22.61 7.41
N TYR B 199 15.58 22.24 6.16
CA TYR B 199 14.32 21.59 5.75
C TYR B 199 14.60 20.43 4.83
N LEU B 200 13.62 19.53 4.71
CA LEU B 200 13.66 18.42 3.76
C LEU B 200 12.53 18.64 2.77
N VAL B 201 12.84 18.55 1.48
CA VAL B 201 11.87 18.81 0.45
C VAL B 201 11.90 17.76 -0.65
N ASN B 202 10.71 17.47 -1.19
CA ASN B 202 10.55 16.67 -2.39
C ASN B 202 9.88 17.55 -3.41
N ALA B 203 10.12 17.31 -4.67
CA ALA B 203 9.44 18.08 -5.73
C ALA B 203 9.36 17.24 -6.98
N ASP B 204 8.13 17.11 -7.51
CA ASP B 204 7.88 16.34 -8.72
C ASP B 204 7.25 17.23 -9.76
N ILE B 205 7.62 17.02 -11.01
CA ILE B 205 6.96 17.71 -12.11
C ILE B 205 6.36 16.64 -12.99
N ASP B 206 5.05 16.70 -13.17
CA ASP B 206 4.35 15.70 -13.98
C ASP B 206 3.73 16.33 -15.21
N VAL B 207 3.82 15.62 -16.33
CA VAL B 207 3.31 16.12 -17.59
C VAL B 207 2.33 15.14 -18.17
N LYS B 208 1.10 15.60 -18.43
CA LYS B 208 0.07 14.78 -19.09
C LYS B 208 -0.01 15.16 -20.56
N GLU B 209 0.25 14.20 -21.43
CA GLU B 209 0.17 14.45 -22.87
C GLU B 209 -1.24 14.14 -23.36
N SER B 210 -1.79 15.03 -24.17
CA SER B 210 -3.14 14.85 -24.68
C SER B 210 -3.23 13.58 -25.49
N ARG B 211 -4.31 12.82 -25.31
CA ARG B 211 -4.50 11.54 -26.02
C ARG B 211 -5.08 11.77 -27.42
N LEU B 212 -5.11 13.02 -27.88
CA LEU B 212 -5.70 13.37 -29.17
C LEU B 212 -4.63 13.68 -30.24
N ALA B 213 -4.78 13.05 -31.41
CA ALA B 213 -3.82 13.23 -32.53
C ALA B 213 -3.99 14.60 -33.22
N CYS B 214 -4.99 15.36 -32.77
CA CYS B 214 -5.32 16.67 -33.35
C CYS B 214 -5.06 17.83 -32.38
N ASP B 215 -4.90 17.53 -31.09
CA ASP B 215 -4.71 18.57 -30.07
C ASP B 215 -3.27 19.09 -30.07
N VAL B 216 -3.03 20.11 -30.89
CA VAL B 216 -1.69 20.65 -31.10
C VAL B 216 -1.24 21.62 -30.00
N LEU B 217 0.03 21.49 -29.60
CA LEU B 217 0.65 22.39 -28.62
C LEU B 217 0.61 23.82 -29.11
N PRO B 218 -0.04 24.72 -28.37
CA PRO B 218 -0.06 26.12 -28.82
C PRO B 218 1.31 26.79 -28.63
N LYS B 219 1.61 27.76 -29.48
CA LYS B 219 2.85 28.52 -29.36
C LYS B 219 2.69 29.51 -28.22
N ARG B 220 3.18 29.15 -27.04
CA ARG B 220 3.06 30.01 -25.86
C ARG B 220 4.34 30.78 -25.55
N HIS B 221 4.18 31.85 -24.77
CA HIS B 221 5.26 32.75 -24.37
C HIS B 221 5.08 33.15 -22.93
N VAL B 222 6.19 33.29 -22.21
CA VAL B 222 6.17 33.78 -20.85
C VAL B 222 7.08 35.01 -20.79
N GLU B 223 6.60 36.08 -20.19
CA GLU B 223 7.35 37.31 -20.09
C GLU B 223 7.59 37.64 -18.62
N PRO B 224 8.81 37.43 -18.13
CA PRO B 224 9.07 37.75 -16.73
C PRO B 224 9.17 39.25 -16.53
N LEU B 225 8.37 39.76 -15.59
CA LEU B 225 8.28 41.19 -15.33
C LEU B 225 8.99 41.60 -14.05
N MSE B 226 8.79 40.84 -12.99
CA MSE B 226 9.33 41.23 -11.72
C MSE B 226 9.50 40.04 -10.78
O MSE B 226 8.82 39.03 -10.91
CB MSE B 226 8.41 42.27 -11.09
CG MSE B 226 8.88 42.84 -9.76
SE MSE B 226 7.68 44.21 -9.10
CE MSE B 226 7.83 45.50 -10.54
N ASN B 227 10.46 40.16 -9.86
CA ASN B 227 10.64 39.20 -8.81
C ASN B 227 11.54 39.80 -7.71
N THR B 228 10.92 40.17 -6.60
CA THR B 228 11.64 40.81 -5.51
C THR B 228 12.19 39.81 -4.49
N VAL B 229 12.01 38.50 -4.74
CA VAL B 229 12.54 37.49 -3.82
C VAL B 229 14.06 37.62 -3.79
N TYR B 230 14.62 37.70 -2.58
CA TYR B 230 16.06 37.95 -2.39
C TYR B 230 16.88 36.65 -2.42
N TYR B 231 17.00 36.06 -3.60
CA TYR B 231 17.67 34.80 -3.77
C TYR B 231 19.16 34.80 -3.46
N MSE B 232 19.86 35.84 -3.92
CA MSE B 232 21.32 35.78 -4.00
C MSE B 232 21.91 37.18 -4.06
O MSE B 232 21.78 37.89 -5.05
CB MSE B 232 21.69 34.98 -5.28
CG MSE B 232 23.14 34.77 -5.55
SE MSE B 232 23.40 33.71 -7.21
CE MSE B 232 22.82 31.98 -6.54
N GLY B 233 22.54 37.60 -2.96
CA GLY B 233 23.15 38.92 -2.89
C GLY B 233 22.18 40.06 -3.08
N GLN B 234 20.94 39.83 -2.64
CA GLN B 234 19.89 40.81 -2.77
C GLN B 234 19.40 41.18 -1.41
N SER B 235 18.77 42.33 -1.28
CA SER B 235 18.29 42.79 0.03
C SER B 235 16.76 42.73 0.14
N TYR B 236 16.26 42.90 1.36
CA TYR B 236 14.83 42.86 1.64
C TYR B 236 14.09 43.90 0.83
N PRO B 237 12.97 43.51 0.19
CA PRO B 237 12.31 44.49 -0.69
C PRO B 237 11.29 45.39 0.02
N ASP B 238 11.77 46.52 0.52
CA ASP B 238 10.89 47.52 1.15
C ASP B 238 10.81 48.76 0.30
N ILE B 239 11.31 48.68 -0.93
CA ILE B 239 11.34 49.81 -1.83
C ILE B 239 9.95 50.45 -2.01
N PHE B 240 8.90 49.66 -1.85
CA PHE B 240 7.53 50.14 -1.98
C PHE B 240 7.17 51.14 -0.91
N ALA B 241 7.89 51.11 0.19
CA ALA B 241 7.67 52.09 1.25
C ALA B 241 8.06 53.49 0.79
N ARG B 242 8.87 53.58 -0.26
CA ARG B 242 9.36 54.88 -0.75
C ARG B 242 8.97 55.23 -2.17
N ARG B 243 8.75 54.24 -3.01
CA ARG B 243 8.41 54.52 -4.40
C ARG B 243 7.77 53.30 -5.03
N ASP B 244 7.02 53.52 -6.11
CA ASP B 244 6.45 52.42 -6.87
C ASP B 244 7.58 51.81 -7.71
N VAL B 245 7.42 50.55 -8.09
CA VAL B 245 8.42 49.92 -8.92
C VAL B 245 7.81 49.65 -10.27
N SER B 246 8.50 50.10 -11.33
CA SER B 246 8.04 49.94 -12.71
C SER B 246 9.07 49.28 -13.60
N THR B 247 8.60 48.64 -14.66
CA THR B 247 9.48 48.15 -15.72
C THR B 247 8.79 48.28 -17.05
N ASP B 248 9.57 48.44 -18.11
CA ASP B 248 9.05 48.47 -19.45
C ASP B 248 9.07 47.06 -19.99
N PHE B 249 8.20 46.76 -20.95
CA PHE B 249 8.21 45.46 -21.62
C PHE B 249 7.64 45.55 -23.03
N THR B 250 8.03 44.59 -23.85
CA THR B 250 7.70 44.62 -25.26
C THR B 250 6.71 43.54 -25.66
N VAL B 251 5.65 43.96 -26.33
CA VAL B 251 4.64 43.05 -26.82
C VAL B 251 4.77 43.00 -28.32
N PRO B 252 4.96 41.81 -28.88
CA PRO B 252 5.10 41.69 -30.30
C PRO B 252 3.75 41.69 -30.99
N LYS B 253 3.77 41.80 -32.31
CA LYS B 253 2.56 41.73 -33.09
C LYS B 253 2.01 40.30 -32.98
N GLY B 254 0.69 40.17 -32.89
CA GLY B 254 0.06 38.85 -32.87
C GLY B 254 -0.14 38.24 -31.50
N ALA B 255 0.37 38.89 -30.45
CA ALA B 255 0.18 38.39 -29.09
C ALA B 255 -1.32 38.26 -28.83
N LYS B 256 -1.76 37.08 -28.39
CA LYS B 256 -3.18 36.81 -28.12
C LYS B 256 -3.41 36.32 -26.71
N ASN B 257 -4.52 36.71 -26.12
CA ASN B 257 -4.91 36.24 -24.79
C ASN B 257 -3.82 36.48 -23.76
N ILE B 258 -3.41 37.73 -23.61
CA ILE B 258 -2.42 38.10 -22.63
C ILE B 258 -3.04 38.04 -21.24
N ARG B 259 -2.32 37.41 -20.30
CA ARG B 259 -2.75 37.35 -18.91
C ARG B 259 -1.60 37.66 -17.95
N LEU B 260 -1.92 38.44 -16.93
CA LEU B 260 -1.00 38.77 -15.89
C LEU B 260 -1.12 37.77 -14.74
N LYS B 261 0.02 37.32 -14.21
CA LYS B 261 0.03 36.51 -13.01
C LYS B 261 0.85 37.23 -11.94
N TYR B 262 0.30 37.31 -10.74
CA TYR B 262 0.85 38.13 -9.68
C TYR B 262 0.91 37.38 -8.37
N ILE B 263 2.12 37.12 -7.91
CA ILE B 263 2.36 36.39 -6.69
C ILE B 263 2.93 37.36 -5.66
N VAL B 264 2.17 37.60 -4.59
CA VAL B 264 2.61 38.51 -3.55
C VAL B 264 2.36 37.95 -2.17
N THR B 265 3.31 38.20 -1.27
CA THR B 265 3.15 37.97 0.16
C THR B 265 3.83 39.13 0.86
N GLY B 266 3.28 39.55 2.00
CA GLY B 266 3.85 40.64 2.78
C GLY B 266 4.58 40.11 4.01
N HIS B 267 5.59 40.85 4.47
CA HIS B 267 6.46 40.38 5.50
C HIS B 267 6.91 41.47 6.48
N GLY B 268 7.44 41.03 7.60
CA GLY B 268 7.74 41.89 8.73
C GLY B 268 7.07 41.28 9.93
N GLY B 269 7.73 40.28 10.50
CA GLY B 269 7.15 39.45 11.57
C GLY B 269 7.03 40.07 12.93
N HIS B 270 7.37 41.32 13.05
CA HIS B 270 7.24 42.02 14.31
C HIS B 270 5.83 42.54 14.44
N SER B 271 5.46 42.97 15.64
CA SER B 271 4.12 43.49 15.90
C SER B 271 3.91 44.75 15.07
N GLY B 272 2.80 44.79 14.33
CA GLY B 272 2.50 45.94 13.48
C GLY B 272 3.30 45.93 12.17
N GLY B 273 4.06 44.87 11.93
CA GLY B 273 4.84 44.73 10.68
C GLY B 273 3.96 44.32 9.51
N ASP B 274 4.44 44.49 8.29
CA ASP B 274 3.60 44.22 7.08
C ASP B 274 3.14 42.76 6.89
N GLU B 275 3.70 41.85 7.67
CA GLU B 275 3.21 40.48 7.67
C GLU B 275 1.79 40.42 8.26
N PHE B 276 1.55 41.24 9.30
CA PHE B 276 0.30 41.20 10.08
C PHE B 276 -0.59 42.42 9.91
N VAL B 277 -0.44 43.14 8.79
CA VAL B 277 -1.17 44.38 8.58
C VAL B 277 -1.60 44.51 7.12
N GLN B 278 -2.80 45.03 6.90
CA GLN B 278 -3.35 45.13 5.54
C GLN B 278 -2.75 46.28 4.74
N LYS B 279 -2.27 45.96 3.55
CA LYS B 279 -1.71 46.96 2.64
C LYS B 279 -2.16 46.68 1.22
N ARG B 280 -2.85 47.65 0.64
CA ARG B 280 -3.36 47.52 -0.68
C ARG B 280 -2.24 47.47 -1.72
N ASN B 281 -2.36 46.53 -2.65
CA ASN B 281 -1.47 46.44 -3.79
C ASN B 281 -2.21 46.96 -5.00
N ILE B 282 -1.64 47.96 -5.69
CA ILE B 282 -2.21 48.43 -6.95
C ILE B 282 -1.23 48.11 -8.06
N ILE B 283 -1.65 47.28 -9.00
CA ILE B 283 -0.81 46.90 -10.14
C ILE B 283 -1.36 47.51 -11.39
N SER B 284 -0.49 47.95 -12.31
CA SER B 284 -0.94 48.66 -13.53
C SER B 284 -0.16 48.30 -14.80
N VAL B 285 -0.82 48.50 -15.94
CA VAL B 285 -0.18 48.41 -17.23
C VAL B 285 -0.47 49.71 -17.96
N ASP B 286 0.58 50.38 -18.40
CA ASP B 286 0.44 51.66 -19.07
C ASP B 286 -0.35 52.66 -18.22
N GLY B 287 -0.16 52.59 -16.90
CA GLY B 287 -0.78 53.54 -15.98
C GLY B 287 -2.23 53.23 -15.62
N LYS B 288 -2.84 52.23 -16.25
CA LYS B 288 -4.20 51.83 -15.93
C LYS B 288 -4.19 50.59 -15.01
N GLU B 289 -4.87 50.71 -13.87
CA GLU B 289 -5.00 49.61 -12.92
C GLU B 289 -5.57 48.38 -13.57
N VAL B 290 -4.96 47.22 -13.32
CA VAL B 290 -5.49 45.95 -13.80
C VAL B 290 -5.74 44.98 -12.63
N LEU B 291 -5.09 45.27 -11.50
CA LEU B 291 -5.33 44.57 -10.24
C LEU B 291 -5.25 45.54 -9.10
N ASN B 292 -6.19 45.42 -8.18
CA ASN B 292 -6.23 46.26 -7.00
C ASN B 292 -6.87 45.47 -5.86
N PHE B 293 -6.06 45.11 -4.85
CA PHE B 293 -6.57 44.32 -3.72
C PHE B 293 -5.64 44.33 -2.55
N ILE B 294 -6.19 43.92 -1.42
CA ILE B 294 -5.46 43.76 -0.18
C ILE B 294 -5.10 42.28 -0.06
N PRO B 295 -3.79 41.94 -0.18
CA PRO B 295 -3.38 40.54 -0.02
C PRO B 295 -3.54 40.14 1.43
N TRP B 296 -4.46 39.22 1.69
CA TRP B 296 -4.79 38.90 3.08
C TRP B 296 -5.43 37.52 3.28
N ARG B 297 -5.10 36.89 4.40
CA ARG B 297 -5.76 35.66 4.80
C ARG B 297 -6.26 35.79 6.22
N ASP B 298 -7.55 35.49 6.40
CA ASP B 298 -8.22 35.52 7.69
C ASP B 298 -8.45 34.11 8.23
N ASP B 299 -7.88 33.11 7.56
CA ASP B 299 -8.17 31.70 7.87
C ASP B 299 -6.97 30.91 8.39
N CYS B 300 -6.02 31.55 9.05
CA CYS B 300 -4.77 30.85 9.39
C CYS B 300 -4.95 29.82 10.52
N ALA B 301 -6.05 29.92 11.26
CA ALA B 301 -6.38 28.88 12.25
C ALA B 301 -6.52 27.53 11.57
N SER B 302 -6.90 27.52 10.30
CA SER B 302 -7.17 26.29 9.61
C SER B 302 -5.91 25.49 9.35
N PHE B 303 -4.75 26.12 9.57
CA PHE B 303 -3.46 25.44 9.39
C PHE B 303 -2.83 24.96 10.70
N ARG B 304 -3.56 25.07 11.81
CA ARG B 304 -2.99 24.76 13.13
C ARG B 304 -2.23 23.43 13.19
N ARG B 305 -2.81 22.37 12.63
CA ARG B 305 -2.21 21.04 12.75
C ARG B 305 -0.86 20.91 12.08
N PHE B 306 -0.52 21.86 11.22
CA PHE B 306 0.75 21.80 10.49
C PHE B 306 1.86 22.56 11.20
N ASN B 307 1.57 23.07 12.41
CA ASN B 307 2.46 24.04 13.08
C ASN B 307 2.77 23.70 14.52
N PRO B 308 3.44 22.57 14.76
CA PRO B 308 3.75 22.13 16.11
C PRO B 308 4.67 23.06 16.89
N ALA B 309 5.64 23.66 16.22
CA ALA B 309 6.65 24.48 16.89
C ALA B 309 6.29 25.96 16.93
N THR B 310 5.03 26.31 16.72
CA THR B 310 4.64 27.71 16.74
C THR B 310 4.67 28.28 18.15
N GLY B 311 4.96 29.57 18.27
CA GLY B 311 4.81 30.27 19.57
C GLY B 311 3.33 30.43 19.89
N VAL B 312 3.04 30.60 21.18
CA VAL B 312 1.68 30.65 21.69
C VAL B 312 1.50 31.70 22.81
N TRP B 313 0.38 32.42 22.81
CA TRP B 313 0.04 33.36 23.90
C TRP B 313 -1.29 32.95 24.51
N LEU B 314 -1.58 33.46 25.70
CA LEU B 314 -2.89 33.26 26.30
C LEU B 314 -3.69 34.55 26.21
N ILE B 315 -4.90 34.46 25.68
CA ILE B 315 -5.78 35.62 25.53
C ILE B 315 -7.06 35.40 26.34
N LYS B 316 -7.35 36.36 27.23
CA LYS B 316 -8.53 36.28 28.09
C LYS B 316 -9.82 36.50 27.29
N ARG B 317 -10.80 35.64 27.52
CA ARG B 317 -12.06 35.70 26.79
C ARG B 317 -13.21 35.14 27.64
N LEU B 318 -14.32 35.87 27.71
CA LEU B 318 -15.50 35.38 28.39
C LEU B 318 -16.20 34.42 27.44
N ALA B 319 -16.04 33.12 27.68
CA ALA B 319 -16.51 32.09 26.75
C ALA B 319 -17.74 31.33 27.21
N SER B 320 -18.70 31.22 26.31
CA SER B 320 -19.88 30.43 26.55
C SER B 320 -19.52 28.96 26.44
N TYR B 321 -20.18 28.10 27.23
CA TYR B 321 -19.91 26.65 27.18
C TYR B 321 -20.98 25.82 27.84
N ILE B 322 -20.95 24.52 27.55
CA ILE B 322 -21.87 23.56 28.16
C ILE B 322 -21.25 23.00 29.46
N GLY B 323 -21.88 23.32 30.58
CA GLY B 323 -21.40 22.86 31.90
C GLY B 323 -22.32 21.82 32.51
N GLU B 324 -22.09 21.52 33.78
CA GLU B 324 -22.88 20.50 34.50
C GLU B 324 -24.37 20.87 34.53
N LYS B 325 -24.67 22.14 34.82
CA LYS B 325 -26.08 22.58 35.00
C LYS B 325 -26.67 23.25 33.75
N GLY B 326 -26.06 23.04 32.58
CA GLY B 326 -26.58 23.60 31.31
C GLY B 326 -25.70 24.70 30.72
N TYR B 327 -26.28 25.48 29.81
CA TYR B 327 -25.56 26.57 29.14
C TYR B 327 -25.05 27.57 30.17
N THR B 328 -23.73 27.77 30.20
CA THR B 328 -23.14 28.68 31.18
C THR B 328 -21.99 29.53 30.57
N GLU B 329 -21.38 30.36 31.41
CA GLU B 329 -20.46 31.40 30.96
C GLU B 329 -19.30 31.51 31.95
N LYS B 330 -18.08 31.68 31.44
CA LYS B 330 -16.90 31.76 32.32
C LYS B 330 -15.71 32.39 31.59
N GLU B 331 -14.94 33.22 32.31
CA GLU B 331 -13.73 33.78 31.73
C GLU B 331 -12.65 32.72 31.69
N VAL B 332 -12.10 32.48 30.50
CA VAL B 332 -11.02 31.52 30.31
C VAL B 332 -9.82 32.20 29.66
N GLU B 333 -8.65 31.57 29.79
CA GLU B 333 -7.44 32.03 29.14
C GLU B 333 -7.16 31.14 27.95
N GLU B 334 -7.59 31.58 26.76
CA GLU B 334 -7.54 30.74 25.53
C GLU B 334 -6.21 30.89 24.77
N PRO B 335 -5.61 29.77 24.37
CA PRO B 335 -4.37 29.86 23.61
C PRO B 335 -4.55 30.40 22.19
N LEU B 336 -3.66 31.31 21.80
CA LEU B 336 -3.63 31.88 20.46
C LEU B 336 -2.26 31.61 19.85
N ALA B 337 -2.21 30.86 18.75
CA ALA B 337 -0.92 30.54 18.12
C ALA B 337 -0.48 31.65 17.16
N SER B 338 0.83 31.84 17.03
CA SER B 338 1.32 32.75 16.02
C SER B 338 0.80 32.28 14.68
N SER B 339 0.77 30.95 14.48
CA SER B 339 0.30 30.39 13.22
C SER B 339 -1.20 30.66 12.96
N ASP B 340 -1.93 31.10 13.98
CA ASP B 340 -3.36 31.42 13.86
C ASP B 340 -3.58 32.81 13.26
N LEU B 341 -2.62 33.71 13.49
CA LEU B 341 -2.74 35.13 13.11
C LEU B 341 -3.00 35.36 11.62
N SER B 342 -3.89 36.30 11.32
CA SER B 342 -4.14 36.74 9.97
C SER B 342 -2.88 37.43 9.43
N ARG B 343 -2.61 37.23 8.14
CA ARG B 343 -1.38 37.68 7.53
C ARG B 343 -1.62 38.17 6.09
N SER B 344 -0.59 38.78 5.52
CA SER B 344 -0.69 39.38 4.21
C SER B 344 -0.52 38.35 3.07
N ASN B 345 -1.53 37.52 2.91
CA ASN B 345 -1.68 36.55 1.77
C ASN B 345 -1.03 35.21 1.98
N TRP B 346 -0.82 34.84 3.23
CA TRP B 346 -0.26 33.53 3.53
C TRP B 346 -0.49 33.12 4.98
N CYS B 347 -0.29 31.84 5.24
CA CYS B 347 -0.29 31.29 6.56
C CYS B 347 0.92 30.36 6.61
N PRO B 348 1.49 30.17 7.80
CA PRO B 348 2.56 29.20 7.94
C PRO B 348 2.08 27.82 7.50
N GLY B 349 2.53 27.35 6.34
CA GLY B 349 2.11 26.05 5.79
C GLY B 349 1.27 26.14 4.52
N SER B 350 1.12 27.35 3.97
CA SER B 350 0.34 27.56 2.75
C SER B 350 1.23 27.85 1.59
N ASP B 351 0.75 27.58 0.41
CA ASP B 351 1.37 28.08 -0.77
C ASP B 351 0.57 29.31 -1.18
N VAL B 352 0.97 29.95 -2.27
CA VAL B 352 0.27 31.13 -2.74
C VAL B 352 -0.14 30.94 -4.19
N VAL B 353 -1.46 30.90 -4.45
CA VAL B 353 -1.95 30.76 -5.84
C VAL B 353 -1.96 32.15 -6.48
N PRO B 354 -1.28 32.29 -7.62
CA PRO B 354 -1.16 33.59 -8.25
C PRO B 354 -2.51 34.25 -8.56
N GLU B 355 -2.61 35.56 -8.29
CA GLU B 355 -3.75 36.33 -8.73
C GLU B 355 -3.59 36.49 -10.21
N GLU B 356 -4.70 36.64 -10.93
CA GLU B 356 -4.66 36.66 -12.39
C GLU B 356 -5.58 37.73 -13.01
N ALA B 357 -5.05 38.46 -13.98
CA ALA B 357 -5.85 39.46 -14.69
C ALA B 357 -5.81 39.17 -16.20
N VAL B 358 -6.97 39.22 -16.84
CA VAL B 358 -7.04 39.01 -18.27
C VAL B 358 -6.86 40.35 -18.95
N ILE B 359 -5.80 40.46 -19.76
CA ILE B 359 -5.52 41.69 -20.50
C ILE B 359 -6.11 41.61 -21.90
N GLY B 360 -6.00 40.44 -22.52
CA GLY B 360 -6.48 40.24 -23.88
C GLY B 360 -5.39 40.56 -24.90
N THR B 361 -5.49 41.73 -25.51
CA THR B 361 -4.47 42.18 -26.45
C THR B 361 -3.95 43.55 -26.03
N LEU B 362 -2.72 43.84 -26.46
CA LEU B 362 -2.11 45.14 -26.26
C LEU B 362 -1.53 45.64 -27.57
N ALA B 363 -1.32 46.93 -27.69
CA ALA B 363 -0.70 47.49 -28.87
C ALA B 363 0.72 46.94 -28.98
N PRO B 364 1.16 46.60 -30.21
CA PRO B 364 2.52 46.14 -30.34
C PRO B 364 3.51 47.23 -29.93
N GLY B 365 4.65 46.81 -29.36
CA GLY B 365 5.67 47.76 -28.93
C GLY B 365 5.81 47.85 -27.42
N LYS B 366 6.19 49.03 -26.94
CA LYS B 366 6.54 49.22 -25.52
C LYS B 366 5.34 49.53 -24.61
N HIS B 367 5.36 48.91 -23.44
CA HIS B 367 4.35 49.15 -22.42
C HIS B 367 5.05 49.20 -21.07
N THR B 368 4.39 49.79 -20.09
CA THR B 368 4.94 49.90 -18.76
C THR B 368 4.13 49.06 -17.75
N PHE B 369 4.83 48.36 -16.87
CA PHE B 369 4.22 47.59 -15.82
C PHE B 369 4.62 48.18 -14.51
N THR B 370 3.64 48.48 -13.65
CA THR B 370 3.90 49.12 -12.36
C THR B 370 3.26 48.38 -11.20
N VAL B 371 4.02 48.21 -10.12
CA VAL B 371 3.50 47.66 -8.88
C VAL B 371 3.64 48.72 -7.79
N SER B 372 2.51 48.99 -7.12
CA SER B 372 2.46 49.99 -6.05
C SER B 372 1.85 49.41 -4.79
N ILE B 373 2.56 49.60 -3.68
CA ILE B 373 2.09 49.20 -2.36
C ILE B 373 2.41 50.40 -1.49
N PRO B 374 1.66 51.50 -1.70
CA PRO B 374 1.99 52.84 -1.23
C PRO B 374 2.10 52.99 0.26
N GLU B 375 1.42 52.14 1.02
CA GLU B 375 1.47 52.28 2.48
CA GLU B 375 1.39 52.22 2.48
C GLU B 375 2.43 51.29 3.14
N ALA B 376 3.21 50.59 2.31
CA ALA B 376 4.21 49.65 2.81
C ALA B 376 5.19 50.33 3.78
N GLN B 377 5.59 49.62 4.82
CA GLN B 377 6.53 50.17 5.80
C GLN B 377 7.96 49.86 5.40
N ALA B 378 8.88 50.73 5.75
CA ALA B 378 10.27 50.54 5.41
C ALA B 378 10.95 49.63 6.43
N VAL B 379 12.13 49.14 6.08
CA VAL B 379 12.94 48.43 7.04
C VAL B 379 13.38 49.44 8.10
N ASP B 380 13.25 49.05 9.37
CA ASP B 380 13.63 49.90 10.50
C ASP B 380 14.37 49.06 11.52
N GLY B 381 15.70 49.14 11.50
CA GLY B 381 16.54 48.35 12.41
C GLY B 381 16.33 46.85 12.19
N ASN B 382 15.87 46.16 13.22
CA ASN B 382 15.60 44.72 13.11
CA ASN B 382 15.58 44.72 13.15
C ASN B 382 14.13 44.44 12.70
N LYS B 383 13.40 45.50 12.38
CA LYS B 383 12.03 45.37 11.87
C LYS B 383 12.12 45.24 10.34
N LEU B 384 12.02 44.00 9.86
CA LEU B 384 12.31 43.70 8.46
C LEU B 384 11.08 43.66 7.54
N ASN B 385 10.32 44.75 7.52
CA ASN B 385 9.15 44.86 6.63
C ASN B 385 9.57 44.74 5.19
N HIS B 386 8.81 43.99 4.40
CA HIS B 386 9.08 43.89 2.94
C HIS B 386 7.97 43.17 2.20
N TRP B 387 8.05 43.21 0.87
CA TRP B 387 7.05 42.57 0.05
C TRP B 387 7.69 41.71 -1.04
N LEU B 388 7.38 40.41 -1.00
CA LEU B 388 7.86 39.47 -1.99
C LEU B 388 6.86 39.46 -3.12
N VAL B 389 7.25 40.03 -4.24
CA VAL B 389 6.39 40.18 -5.38
C VAL B 389 7.06 39.62 -6.61
N SER B 390 6.34 38.76 -7.33
CA SER B 390 6.81 38.27 -8.63
C SER B 390 5.65 38.31 -9.58
N ALA B 391 5.92 38.56 -10.85
CA ALA B 391 4.86 38.72 -11.82
C ALA B 391 5.36 38.41 -13.18
N TYR B 392 4.44 37.95 -14.02
CA TYR B 392 4.78 37.68 -15.42
C TYR B 392 3.56 37.67 -16.31
N LEU B 393 3.79 37.81 -17.59
CA LEU B 393 2.75 37.74 -18.57
C LEU B 393 2.86 36.44 -19.30
N VAL B 394 1.72 35.89 -19.67
CA VAL B 394 1.66 34.71 -20.50
CA VAL B 394 1.68 34.72 -20.53
C VAL B 394 0.78 35.03 -21.71
N TRP B 395 1.10 34.49 -22.86
CA TRP B 395 0.29 34.72 -24.04
C TRP B 395 0.62 33.74 -25.13
N GLU B 396 -0.22 33.75 -26.16
CA GLU B 396 -0.06 32.88 -27.30
C GLU B 396 0.35 33.73 -28.48
N GLU B 397 1.16 33.14 -29.37
CA GLU B 397 1.73 33.85 -30.53
C GLU B 397 0.99 33.47 -31.80
N LEU C 8 23.49 5.07 -15.62
CA LEU C 8 22.41 4.31 -16.34
C LEU C 8 21.01 4.76 -15.89
N PRO C 9 20.17 5.17 -16.85
CA PRO C 9 18.83 5.66 -16.51
C PRO C 9 17.89 4.57 -15.99
N ALA C 10 16.99 4.97 -15.09
CA ALA C 10 16.04 4.07 -14.47
C ALA C 10 14.72 4.09 -15.22
N LYS C 11 14.27 2.91 -15.64
CA LYS C 11 12.98 2.75 -16.29
C LYS C 11 11.90 2.38 -15.26
N GLY C 12 12.32 2.09 -14.03
CA GLY C 12 11.41 1.82 -12.91
C GLY C 12 10.92 0.37 -12.82
N ASP C 13 10.45 -0.01 -11.63
CA ASP C 13 9.89 -1.34 -11.42
C ASP C 13 8.67 -1.51 -12.32
N LEU C 14 8.25 -2.75 -12.53
CA LEU C 14 7.10 -3.01 -13.39
C LEU C 14 6.28 -4.17 -12.87
N HIS C 15 5.00 -3.91 -12.65
CA HIS C 15 4.06 -4.92 -12.23
C HIS C 15 3.17 -5.25 -13.43
N ILE C 16 3.37 -6.44 -14.02
CA ILE C 16 2.56 -6.86 -15.19
C ILE C 16 1.53 -7.89 -14.77
N PRO C 17 0.23 -7.49 -14.75
CA PRO C 17 -0.79 -8.48 -14.50
C PRO C 17 -1.11 -9.16 -15.82
N VAL C 18 -0.51 -10.32 -16.03
CA VAL C 18 -0.63 -11.01 -17.30
C VAL C 18 -2.03 -11.59 -17.45
N PHE C 19 -2.49 -12.32 -16.44
CA PHE C 19 -3.82 -12.90 -16.48
C PHE C 19 -4.59 -12.60 -15.20
N GLU C 20 -5.85 -12.19 -15.35
CA GLU C 20 -6.69 -11.89 -14.21
C GLU C 20 -7.98 -12.69 -14.28
N ASN C 21 -8.14 -13.61 -13.32
CA ASN C 21 -9.32 -14.45 -13.26
CA ASN C 21 -9.31 -14.49 -13.27
C ASN C 21 -9.68 -15.07 -14.64
N VAL C 22 -8.68 -15.57 -15.36
CA VAL C 22 -8.91 -16.16 -16.67
C VAL C 22 -9.31 -17.62 -16.52
N ASN C 23 -10.26 -18.05 -17.34
CA ASN C 23 -10.82 -19.39 -17.26
C ASN C 23 -10.17 -20.30 -18.27
N VAL C 24 -9.26 -21.15 -17.80
CA VAL C 24 -8.61 -22.13 -18.64
C VAL C 24 -9.51 -23.34 -18.63
N ARG C 25 -9.87 -23.83 -19.81
CA ARG C 25 -10.91 -24.83 -19.95
C ARG C 25 -10.93 -25.46 -21.33
N PHE C 26 -11.78 -26.47 -21.50
CA PHE C 26 -12.03 -27.05 -22.79
C PHE C 26 -13.47 -26.73 -23.20
N SER C 27 -13.62 -25.86 -24.20
CA SER C 27 -14.94 -25.39 -24.62
C SER C 27 -14.99 -25.02 -26.11
N PRO C 28 -15.20 -26.02 -26.99
CA PRO C 28 -15.35 -25.77 -28.43
C PRO C 28 -16.47 -24.77 -28.75
N ASP C 29 -17.58 -24.86 -28.01
CA ASP C 29 -18.68 -23.88 -28.12
C ASP C 29 -18.18 -22.46 -28.13
N THR C 30 -17.45 -22.12 -27.06
CA THR C 30 -16.91 -20.79 -26.84
C THR C 30 -15.68 -20.54 -27.72
N TYR C 31 -14.80 -21.53 -27.78
CA TYR C 31 -13.56 -21.42 -28.54
C TYR C 31 -13.49 -22.60 -29.54
N PRO C 32 -14.06 -22.42 -30.72
CA PRO C 32 -14.20 -23.53 -31.69
C PRO C 32 -12.92 -23.96 -32.43
N ASP C 33 -11.96 -23.05 -32.58
CA ASP C 33 -10.80 -23.33 -33.39
C ASP C 33 -9.53 -23.46 -32.54
N ASN C 34 -8.44 -23.85 -33.19
CA ASN C 34 -7.16 -23.93 -32.51
C ASN C 34 -6.66 -22.52 -32.22
N TYR C 35 -6.95 -21.60 -33.14
CA TYR C 35 -6.66 -20.20 -32.92
C TYR C 35 -7.96 -19.39 -32.85
N ASN C 36 -8.06 -18.58 -31.81
CA ASN C 36 -9.19 -17.70 -31.65
C ASN C 36 -8.67 -16.32 -31.33
N GLU C 37 -9.15 -15.34 -32.07
CA GLU C 37 -8.72 -13.95 -31.93
C GLU C 37 -8.62 -13.56 -30.45
N ALA C 38 -7.72 -12.63 -30.14
CA ALA C 38 -7.62 -12.10 -28.80
C ALA C 38 -8.95 -11.50 -28.40
N ASP C 39 -9.33 -11.65 -27.13
CA ASP C 39 -10.59 -11.10 -26.65
C ASP C 39 -10.40 -9.64 -26.19
N GLY C 40 -11.42 -9.09 -25.54
CA GLY C 40 -11.38 -7.70 -25.07
C GLY C 40 -10.22 -7.40 -24.11
N THR C 41 -9.77 -8.41 -23.38
CA THR C 41 -8.67 -8.24 -22.40
C THR C 41 -7.27 -8.48 -22.99
N GLY C 42 -7.20 -8.88 -24.26
CA GLY C 42 -5.92 -9.13 -24.93
C GLY C 42 -5.42 -10.57 -24.78
N VAL C 43 -6.27 -11.44 -24.25
CA VAL C 43 -5.92 -12.84 -24.04
C VAL C 43 -6.38 -13.74 -25.20
N TYR C 44 -5.43 -14.35 -25.89
CA TYR C 44 -5.75 -15.32 -26.94
C TYR C 44 -6.09 -16.63 -26.28
N HIS C 45 -7.21 -17.23 -26.64
CA HIS C 45 -7.57 -18.56 -26.13
C HIS C 45 -7.34 -19.57 -27.25
N LEU C 46 -6.34 -20.43 -27.06
CA LEU C 46 -5.97 -21.38 -28.08
C LEU C 46 -6.33 -22.81 -27.67
N VAL C 47 -6.35 -23.71 -28.66
CA VAL C 47 -6.63 -25.14 -28.42
C VAL C 47 -7.92 -25.32 -27.63
N ASN C 48 -8.97 -24.64 -28.09
CA ASN C 48 -10.29 -24.75 -27.51
C ASN C 48 -10.37 -24.23 -26.06
N GLY C 49 -9.41 -23.36 -25.69
CA GLY C 49 -9.38 -22.74 -24.35
C GLY C 49 -8.35 -23.35 -23.40
N ARG C 50 -7.74 -24.47 -23.80
CA ARG C 50 -6.74 -25.16 -22.98
CA ARG C 50 -6.74 -25.16 -22.97
C ARG C 50 -5.45 -24.34 -22.81
N ILE C 51 -5.19 -23.41 -23.73
CA ILE C 51 -4.03 -22.56 -23.65
C ILE C 51 -4.44 -21.11 -23.76
N ILE C 52 -4.01 -20.31 -22.79
CA ILE C 52 -4.26 -18.89 -22.84
C ILE C 52 -2.92 -18.20 -23.08
N LEU C 53 -2.93 -17.17 -23.89
CA LEU C 53 -1.71 -16.48 -24.33
C LEU C 53 -1.90 -14.96 -24.26
N LYS C 54 -0.86 -14.25 -23.84
CA LYS C 54 -0.93 -12.80 -23.67
C LYS C 54 0.38 -12.19 -24.11
N LYS C 55 0.29 -11.01 -24.70
CA LYS C 55 1.47 -10.28 -25.16
C LYS C 55 1.88 -9.33 -24.06
N ILE C 56 3.13 -9.41 -23.63
CA ILE C 56 3.64 -8.47 -22.63
C ILE C 56 4.74 -7.62 -23.24
N THR C 57 4.81 -6.37 -22.82
CA THR C 57 5.84 -5.47 -23.29
C THR C 57 6.65 -4.94 -22.11
N LEU C 58 7.96 -5.11 -22.16
CA LEU C 58 8.86 -4.58 -21.12
C LEU C 58 9.65 -3.38 -21.62
N PRO C 59 9.92 -2.42 -20.72
CA PRO C 59 10.80 -1.31 -21.06
C PRO C 59 12.19 -1.82 -21.43
N GLU C 60 12.95 -1.02 -22.15
CA GLU C 60 14.28 -1.44 -22.54
C GLU C 60 15.25 -1.14 -21.40
N TYR C 61 15.22 -1.97 -20.37
CA TYR C 61 16.08 -1.78 -19.19
C TYR C 61 17.56 -1.80 -19.57
N LYS C 62 18.31 -0.86 -19.02
CA LYS C 62 19.76 -0.83 -19.19
C LYS C 62 20.43 -1.23 -17.87
N ARG C 63 19.74 -0.96 -16.75
CA ARG C 63 20.17 -1.41 -15.42
C ARG C 63 19.79 -2.86 -15.22
N ASN C 64 20.46 -3.53 -14.29
CA ASN C 64 20.16 -4.92 -13.99
C ASN C 64 18.79 -5.04 -13.32
N VAL C 65 18.15 -6.18 -13.50
CA VAL C 65 16.83 -6.42 -12.93
C VAL C 65 16.67 -7.84 -12.40
N SER C 66 15.76 -8.02 -11.46
CA SER C 66 15.32 -9.35 -11.05
C SER C 66 13.85 -9.50 -11.49
N VAL C 67 13.42 -10.72 -11.80
CA VAL C 67 12.05 -10.97 -12.28
C VAL C 67 11.44 -12.17 -11.59
N SER C 68 10.19 -12.03 -11.14
CA SER C 68 9.50 -13.16 -10.49
C SER C 68 8.16 -13.40 -11.12
N LEU C 69 7.72 -14.65 -11.06
CA LEU C 69 6.42 -15.05 -11.58
C LEU C 69 5.57 -15.53 -10.42
N LYS C 70 4.35 -15.05 -10.33
CA LYS C 70 3.44 -15.47 -9.29
C LYS C 70 2.15 -15.97 -9.91
N VAL C 71 1.80 -17.21 -9.64
CA VAL C 71 0.61 -17.82 -10.21
C VAL C 71 -0.33 -18.28 -9.12
N THR C 72 -1.59 -17.88 -9.23
CA THR C 72 -2.63 -18.28 -8.31
C THR C 72 -3.63 -19.08 -9.14
N LEU C 73 -4.13 -20.18 -8.58
CA LEU C 73 -5.01 -21.08 -9.34
C LEU C 73 -6.07 -21.71 -8.50
N ALA C 74 -7.25 -21.89 -9.09
CA ALA C 74 -8.35 -22.59 -8.44
C ALA C 74 -9.10 -23.43 -9.44
N SER C 75 -9.76 -24.47 -8.96
CA SER C 75 -10.68 -25.19 -9.79
C SER C 75 -11.92 -24.33 -9.96
N ASN C 76 -12.51 -24.40 -11.16
CA ASN C 76 -13.79 -23.78 -11.41
C ASN C 76 -14.84 -24.88 -11.60
N GLY C 77 -14.51 -26.09 -11.18
CA GLY C 77 -15.40 -27.23 -11.34
C GLY C 77 -14.69 -28.52 -11.72
N ASP C 78 -13.57 -28.38 -12.44
CA ASP C 78 -12.75 -29.53 -12.81
C ASP C 78 -12.21 -30.13 -11.53
N ARG C 79 -12.46 -31.41 -11.35
CA ARG C 79 -12.15 -32.10 -10.10
C ARG C 79 -10.70 -32.63 -10.07
N TRP C 80 -10.02 -32.62 -11.21
CA TRP C 80 -8.75 -33.36 -11.37
C TRP C 80 -7.46 -32.60 -11.05
N ASP C 81 -6.41 -33.40 -10.84
CA ASP C 81 -5.05 -32.89 -10.61
C ASP C 81 -4.31 -32.94 -11.92
N LYS C 82 -4.54 -31.95 -12.78
CA LYS C 82 -3.99 -31.96 -14.13
C LYS C 82 -2.66 -31.21 -14.25
N SER C 83 -1.90 -31.59 -15.27
CA SER C 83 -0.62 -30.96 -15.57
C SER C 83 -0.77 -29.57 -16.15
N GLY C 84 0.09 -28.65 -15.70
CA GLY C 84 0.09 -27.30 -16.18
C GLY C 84 1.49 -26.78 -16.51
N SER C 85 1.55 -25.81 -17.40
CA SER C 85 2.80 -25.25 -17.80
C SER C 85 2.61 -23.76 -18.13
N CYS C 86 3.24 -22.89 -17.35
CA CYS C 86 3.30 -21.46 -17.68
C CYS C 86 4.56 -21.29 -18.48
N PHE C 87 4.45 -20.69 -19.67
CA PHE C 87 5.56 -20.69 -20.61
C PHE C 87 5.74 -19.39 -21.35
N VAL C 88 6.83 -19.31 -22.11
CA VAL C 88 7.07 -18.18 -22.99
C VAL C 88 7.46 -18.68 -24.35
N LEU C 89 6.99 -18.02 -25.41
CA LEU C 89 7.42 -18.38 -26.76
C LEU C 89 8.83 -17.83 -27.01
N PRO C 90 9.78 -18.72 -27.39
CA PRO C 90 11.19 -18.35 -27.59
C PRO C 90 11.41 -17.33 -28.69
N LYS C 91 12.56 -16.68 -28.66
CA LYS C 91 12.81 -15.46 -29.46
C LYS C 91 13.18 -15.69 -30.95
N SER C 92 14.18 -16.54 -31.23
CA SER C 92 14.62 -16.78 -32.63
C SER C 92 13.97 -18.01 -33.19
N SER C 93 12.64 -18.05 -33.15
CA SER C 93 11.91 -19.22 -33.61
C SER C 93 10.66 -18.80 -34.37
N ALA C 94 10.72 -18.89 -35.70
CA ALA C 94 9.57 -18.55 -36.55
C ALA C 94 8.36 -19.42 -36.20
N ILE C 95 8.62 -20.70 -35.93
CA ILE C 95 7.59 -21.66 -35.59
C ILE C 95 7.37 -21.69 -34.06
N ASN C 96 6.16 -21.37 -33.63
CA ASN C 96 5.81 -21.43 -32.24
C ASN C 96 4.32 -21.71 -32.10
N LEU C 97 3.86 -21.94 -30.87
CA LEU C 97 2.47 -22.30 -30.62
C LEU C 97 1.50 -21.31 -31.27
N LEU C 98 1.86 -20.04 -31.28
CA LEU C 98 0.98 -19.02 -31.85
C LEU C 98 0.95 -19.08 -33.37
N THR C 99 2.12 -19.10 -34.00
CA THR C 99 2.17 -19.13 -35.46
C THR C 99 1.65 -20.45 -36.02
N ILE C 100 1.82 -21.53 -35.25
CA ILE C 100 1.22 -22.80 -35.63
C ILE C 100 -0.32 -22.67 -35.68
N ALA C 101 -0.87 -22.09 -34.64
CA ALA C 101 -2.32 -21.94 -34.50
C ALA C 101 -2.89 -20.93 -35.49
N ARG C 102 -2.21 -19.80 -35.63
CA ARG C 102 -2.72 -18.70 -36.43
C ARG C 102 -2.30 -18.74 -37.90
N ASP C 103 -1.03 -19.00 -38.15
CA ASP C 103 -0.47 -18.86 -39.52
C ASP C 103 -0.34 -20.18 -40.31
N GLY C 104 -0.83 -21.27 -39.74
CA GLY C 104 -0.77 -22.57 -40.41
C GLY C 104 0.65 -23.14 -40.49
N MSE C 105 1.52 -22.72 -39.58
CA MSE C 105 2.87 -23.26 -39.52
C MSE C 105 2.79 -24.65 -38.92
O MSE C 105 1.72 -25.06 -38.45
CB MSE C 105 3.75 -22.37 -38.65
CG MSE C 105 3.81 -20.93 -39.13
SE MSE C 105 5.11 -20.67 -40.50
CE MSE C 105 6.50 -19.88 -39.38
N LYS C 106 3.89 -25.38 -38.97
CA LYS C 106 3.91 -26.73 -38.44
C LYS C 106 5.24 -27.02 -37.74
N PHE C 107 5.18 -27.82 -36.68
CA PHE C 107 6.40 -28.33 -36.06
C PHE C 107 7.17 -29.04 -37.17
N PRO C 108 8.50 -28.96 -37.15
CA PRO C 108 9.28 -29.59 -38.19
C PRO C 108 9.20 -31.11 -38.14
N SER C 109 9.28 -31.73 -39.31
CA SER C 109 9.25 -33.18 -39.42
C SER C 109 10.47 -33.73 -38.70
N VAL C 110 10.27 -34.84 -37.98
CA VAL C 110 11.38 -35.46 -37.27
C VAL C 110 11.74 -36.81 -37.89
N ASP C 111 13.00 -37.20 -37.72
CA ASP C 111 13.48 -38.50 -38.14
C ASP C 111 12.80 -39.56 -37.25
N SER C 112 11.92 -40.38 -37.83
CA SER C 112 11.11 -41.33 -37.04
C SER C 112 11.94 -42.43 -36.36
N LEU C 113 13.17 -42.64 -36.84
CA LEU C 113 14.06 -43.63 -36.21
C LEU C 113 14.61 -43.09 -34.89
N LYS C 114 14.73 -41.76 -34.77
CA LYS C 114 15.28 -41.13 -33.56
C LYS C 114 14.19 -40.54 -32.64
N LEU C 115 13.15 -39.96 -33.23
CA LEU C 115 12.14 -39.24 -32.44
C LEU C 115 10.70 -39.75 -32.63
N GLU C 116 10.54 -40.82 -33.42
CA GLU C 116 9.21 -41.41 -33.66
C GLU C 116 8.23 -40.35 -34.17
N LYS C 117 7.11 -40.18 -33.47
CA LYS C 117 6.10 -39.18 -33.83
C LYS C 117 6.13 -37.99 -32.87
N MSE C 118 7.22 -37.84 -32.13
CA MSE C 118 7.34 -36.78 -31.12
C MSE C 118 7.77 -35.46 -31.75
O MSE C 118 8.94 -35.14 -31.82
CB MSE C 118 8.36 -37.18 -30.06
CG MSE C 118 8.07 -38.50 -29.38
SE MSE C 118 6.55 -38.36 -28.22
CE MSE C 118 7.42 -37.28 -26.91
N VAL C 119 6.79 -34.70 -32.23
CA VAL C 119 7.05 -33.44 -32.86
C VAL C 119 7.15 -32.32 -31.83
N GLY C 120 8.00 -31.35 -32.09
CA GLY C 120 8.12 -30.17 -31.24
C GLY C 120 8.80 -30.34 -29.90
N ILE C 121 9.43 -31.48 -29.65
CA ILE C 121 10.08 -31.64 -28.33
C ILE C 121 11.56 -31.23 -28.36
N VAL C 122 12.18 -31.23 -29.55
CA VAL C 122 13.58 -30.78 -29.72
C VAL C 122 13.67 -29.77 -30.85
N PRO C 123 14.81 -29.06 -30.95
CA PRO C 123 14.93 -28.08 -32.02
C PRO C 123 14.92 -28.68 -33.41
N GLY C 124 14.53 -27.85 -34.38
CA GLY C 124 14.52 -28.23 -35.81
C GLY C 124 14.57 -26.95 -36.64
N LYS C 125 14.40 -27.07 -37.95
CA LYS C 125 14.44 -25.91 -38.84
C LYS C 125 13.38 -24.90 -38.42
N ASP C 126 13.84 -23.69 -38.08
CA ASP C 126 12.98 -22.57 -37.68
C ASP C 126 12.21 -22.83 -36.40
N TYR C 127 12.69 -23.73 -35.56
CA TYR C 127 11.98 -24.07 -34.34
C TYR C 127 12.86 -24.30 -33.13
N LEU C 128 12.53 -23.61 -32.05
CA LEU C 128 13.09 -23.91 -30.75
C LEU C 128 11.91 -24.26 -29.84
N PRO C 129 12.09 -25.23 -28.93
CA PRO C 129 11.01 -25.63 -28.06
C PRO C 129 10.57 -24.52 -27.10
N THR C 130 9.26 -24.49 -26.83
CA THR C 130 8.68 -23.61 -25.85
C THR C 130 9.46 -23.69 -24.57
N VAL C 131 9.63 -22.55 -23.91
CA VAL C 131 10.38 -22.51 -22.65
C VAL C 131 9.42 -22.32 -21.51
N GLU C 132 9.61 -23.14 -20.47
CA GLU C 132 8.75 -23.12 -19.34
C GLU C 132 9.22 -22.09 -18.31
N LEU C 133 8.30 -21.19 -17.93
CA LEU C 133 8.52 -20.30 -16.81
C LEU C 133 8.20 -21.05 -15.50
N MSE C 134 7.19 -21.93 -15.54
CA MSE C 134 6.81 -22.72 -14.34
C MSE C 134 5.97 -23.92 -14.67
O MSE C 134 4.94 -23.82 -15.34
CB MSE C 134 6.00 -21.85 -13.36
CG MSE C 134 5.46 -22.62 -12.14
SE MSE C 134 4.19 -21.55 -11.14
CE MSE C 134 5.45 -20.16 -10.59
N ARG C 135 6.40 -25.07 -14.17
CA ARG C 135 5.62 -26.30 -14.29
C ARG C 135 4.85 -26.43 -13.01
N PHE C 136 3.54 -26.68 -13.11
CA PHE C 136 2.73 -26.89 -11.90
C PHE C 136 1.75 -28.03 -12.07
N MSE C 137 1.17 -28.45 -10.96
CA MSE C 137 0.23 -29.55 -10.96
C MSE C 137 -0.97 -29.17 -10.11
O MSE C 137 -0.85 -29.00 -8.91
CB MSE C 137 0.92 -30.80 -10.39
CG MSE C 137 2.11 -31.25 -11.21
SE MSE C 137 1.53 -32.15 -12.79
CE MSE C 137 2.78 -31.44 -14.10
N THR C 138 -2.13 -28.99 -10.74
CA THR C 138 -3.29 -28.50 -10.00
C THR C 138 -3.62 -29.49 -8.91
N PRO C 139 -4.23 -29.01 -7.84
CA PRO C 139 -4.70 -29.95 -6.82
C PRO C 139 -6.05 -30.49 -7.23
N PHE C 140 -6.67 -31.29 -6.36
CA PHE C 140 -7.99 -31.84 -6.66
C PHE C 140 -9.10 -30.88 -6.24
N GLY C 141 -9.60 -30.12 -7.23
CA GLY C 141 -10.79 -29.29 -7.07
C GLY C 141 -10.75 -28.14 -6.06
N ILE C 142 -9.58 -27.51 -5.89
CA ILE C 142 -9.46 -26.45 -4.88
C ILE C 142 -10.37 -25.25 -5.25
N GLY C 143 -10.94 -24.61 -4.24
CA GLY C 143 -11.88 -23.48 -4.45
C GLY C 143 -13.33 -23.96 -4.66
N HIS C 144 -13.62 -24.45 -5.86
CA HIS C 144 -14.95 -24.93 -6.21
C HIS C 144 -15.49 -25.97 -5.22
N TYR C 145 -14.61 -26.85 -4.75
CA TYR C 145 -15.01 -27.92 -3.82
C TYR C 145 -14.46 -27.68 -2.40
N SER C 146 -14.05 -26.43 -2.13
CA SER C 146 -13.44 -26.10 -0.83
C SER C 146 -14.45 -25.52 0.18
N ASN C 147 -15.66 -26.08 0.23
CA ASN C 147 -16.63 -25.59 1.20
C ASN C 147 -16.41 -26.21 2.58
N ASN C 148 -16.25 -25.34 3.59
CA ASN C 148 -15.95 -25.75 4.96
C ASN C 148 -17.16 -25.72 5.91
N ASN C 149 -18.25 -25.06 5.48
CA ASN C 149 -19.46 -24.91 6.31
C ASN C 149 -20.48 -26.05 6.13
N ASP C 150 -20.51 -26.66 4.93
CA ASP C 150 -21.48 -27.72 4.61
C ASP C 150 -21.19 -29.02 5.36
N SER C 151 -22.25 -29.70 5.79
CA SER C 151 -22.16 -31.02 6.45
C SER C 151 -21.37 -32.03 5.57
N LEU C 152 -21.51 -31.91 4.24
CA LEU C 152 -20.81 -32.81 3.30
C LEU C 152 -19.30 -32.52 3.18
N SER C 153 -18.76 -31.72 4.12
CA SER C 153 -17.32 -31.42 4.14
C SER C 153 -16.59 -32.43 5.02
N SER C 154 -17.18 -32.75 6.18
CA SER C 154 -16.55 -33.69 7.12
C SER C 154 -16.43 -35.13 6.56
N LYS C 155 -17.22 -35.46 5.54
CA LYS C 155 -17.13 -36.77 4.91
C LYS C 155 -15.85 -36.89 4.08
N ARG C 156 -15.37 -35.76 3.58
CA ARG C 156 -14.12 -35.73 2.82
C ARG C 156 -12.93 -35.23 3.66
N ARG C 157 -13.19 -34.25 4.53
CA ARG C 157 -12.12 -33.57 5.30
C ARG C 157 -11.69 -34.34 6.55
N PRO C 158 -10.40 -34.76 6.62
CA PRO C 158 -9.89 -35.49 7.77
C PRO C 158 -9.90 -34.65 9.03
N VAL C 159 -9.80 -35.31 10.17
CA VAL C 159 -9.86 -34.63 11.46
C VAL C 159 -8.68 -33.72 11.66
N TYR C 160 -7.55 -34.04 11.03
CA TYR C 160 -6.31 -33.26 11.18
C TYR C 160 -6.22 -32.04 10.23
N ILE C 161 -7.26 -31.84 9.41
CA ILE C 161 -7.36 -30.69 8.51
C ILE C 161 -8.52 -29.79 8.97
N PRO C 162 -8.20 -28.68 9.62
CA PRO C 162 -9.24 -27.80 10.14
C PRO C 162 -10.08 -27.15 9.04
N LYS C 163 -9.48 -26.91 7.87
CA LYS C 163 -10.20 -26.32 6.76
C LYS C 163 -9.51 -26.48 5.42
N TRP C 164 -10.29 -26.43 4.36
CA TRP C 164 -9.75 -26.44 3.02
C TRP C 164 -9.27 -25.05 2.68
N GLU C 165 -8.13 -24.97 1.99
CA GLU C 165 -7.68 -23.71 1.43
C GLU C 165 -8.52 -23.47 0.19
N SER C 166 -8.64 -22.23 -0.22
CA SER C 166 -9.56 -21.87 -1.30
C SER C 166 -8.87 -21.62 -2.63
N ASN C 167 -7.56 -21.56 -2.62
CA ASN C 167 -6.79 -21.50 -3.87
C ASN C 167 -5.35 -21.86 -3.60
N VAL C 168 -4.54 -21.93 -4.66
CA VAL C 168 -3.14 -22.26 -4.49
C VAL C 168 -2.25 -21.21 -5.19
N THR C 169 -1.15 -20.81 -4.54
CA THR C 169 -0.27 -19.80 -5.10
C THR C 169 1.19 -20.26 -5.17
N TRP C 170 1.77 -20.16 -6.36
CA TRP C 170 3.13 -20.53 -6.62
C TRP C 170 3.93 -19.28 -7.06
N GLN C 171 5.19 -19.16 -6.60
CA GLN C 171 6.04 -18.04 -6.99
CA GLN C 171 6.07 -18.03 -6.95
C GLN C 171 7.45 -18.54 -7.31
N GLN C 172 8.04 -17.99 -8.36
CA GLN C 172 9.40 -18.38 -8.73
C GLN C 172 10.16 -17.27 -9.36
N ASP C 173 11.48 -17.29 -9.12
CA ASP C 173 12.41 -16.36 -9.71
C ASP C 173 12.72 -16.80 -11.14
N ILE C 174 12.37 -15.97 -12.12
CA ILE C 174 12.64 -16.28 -13.51
C ILE C 174 13.61 -15.28 -14.11
N THR C 175 14.45 -14.69 -13.26
CA THR C 175 15.39 -13.67 -13.72
C THR C 175 16.25 -14.20 -14.86
N ASP C 176 16.72 -15.41 -14.73
CA ASP C 176 17.57 -16.01 -15.80
C ASP C 176 16.86 -16.02 -17.16
N LEU C 177 15.52 -16.04 -17.17
CA LEU C 177 14.76 -16.06 -18.43
C LEU C 177 14.45 -14.67 -19.02
N TYR C 178 15.07 -13.62 -18.47
CA TYR C 178 14.80 -12.25 -18.92
C TYR C 178 14.97 -12.03 -20.45
N PRO C 179 15.98 -12.66 -21.06
CA PRO C 179 16.17 -12.46 -22.50
C PRO C 179 14.96 -12.85 -23.36
N LEU C 180 14.14 -13.79 -22.90
CA LEU C 180 12.96 -14.20 -23.65
C LEU C 180 11.78 -13.28 -23.36
N LEU C 181 11.88 -12.51 -22.29
CA LEU C 181 10.83 -11.55 -21.92
C LEU C 181 11.11 -10.17 -22.49
N GLU C 182 12.33 -9.98 -22.96
CA GLU C 182 12.79 -8.66 -23.46
C GLU C 182 11.97 -8.18 -24.65
N GLY C 183 11.63 -6.89 -24.64
CA GLY C 183 10.83 -6.28 -25.72
C GLY C 183 9.42 -6.84 -25.75
N GLU C 184 9.03 -7.44 -26.88
CA GLU C 184 7.70 -8.05 -27.04
C GLU C 184 7.78 -9.57 -26.91
N ALA C 185 7.22 -10.11 -25.84
CA ALA C 185 7.19 -11.55 -25.64
C ALA C 185 5.76 -12.04 -25.40
N TYR C 186 5.50 -13.28 -25.76
CA TYR C 186 4.21 -13.90 -25.53
C TYR C 186 4.32 -14.93 -24.39
N VAL C 187 3.64 -14.66 -23.29
CA VAL C 187 3.61 -15.54 -22.15
C VAL C 187 2.26 -16.26 -22.12
N GLY C 188 2.22 -17.47 -21.60
CA GLY C 188 0.99 -18.24 -21.59
C GLY C 188 0.89 -19.27 -20.49
N ILE C 189 -0.27 -19.92 -20.42
CA ILE C 189 -0.51 -20.99 -19.48
C ILE C 189 -1.26 -22.09 -20.18
N TYR C 190 -0.78 -23.30 -20.00
CA TYR C 190 -1.43 -24.47 -20.53
C TYR C 190 -1.84 -25.33 -19.37
N ILE C 191 -3.07 -25.82 -19.38
CA ILE C 191 -3.51 -26.81 -18.40
C ILE C 191 -4.21 -27.93 -19.16
N ASP C 192 -3.83 -29.17 -18.84
CA ASP C 192 -4.36 -30.34 -19.53
C ASP C 192 -5.81 -30.67 -19.00
N THR C 193 -6.73 -29.76 -19.29
CA THR C 193 -8.12 -29.87 -18.83
C THR C 193 -9.01 -30.25 -20.01
N TRP C 194 -9.95 -31.17 -19.77
CA TRP C 194 -10.92 -31.56 -20.80
C TRP C 194 -12.37 -31.27 -20.38
N THR C 195 -12.54 -30.42 -19.37
CA THR C 195 -13.88 -30.02 -18.90
C THR C 195 -14.21 -28.61 -19.32
N SER C 196 -15.51 -28.33 -19.39
CA SER C 196 -16.03 -26.99 -19.70
C SER C 196 -15.83 -26.07 -18.48
N GLU C 197 -15.90 -26.65 -17.29
CA GLU C 197 -15.71 -25.89 -16.08
C GLU C 197 -14.28 -25.36 -16.01
N GLY C 198 -13.32 -26.28 -16.05
CA GLY C 198 -11.92 -25.93 -16.07
C GLY C 198 -11.41 -25.28 -14.80
N TYR C 199 -10.50 -24.32 -14.97
CA TYR C 199 -9.82 -23.67 -13.88
C TYR C 199 -9.83 -22.15 -14.04
N LEU C 200 -9.62 -21.44 -12.92
CA LEU C 200 -9.45 -19.98 -12.93
C LEU C 200 -7.99 -19.67 -12.58
N VAL C 201 -7.32 -18.85 -13.37
CA VAL C 201 -5.92 -18.52 -13.08
C VAL C 201 -5.59 -17.03 -13.09
N ASN C 202 -4.67 -16.66 -12.20
CA ASN C 202 -4.03 -15.34 -12.19
C ASN C 202 -2.54 -15.53 -12.45
N ALA C 203 -1.91 -14.57 -13.10
CA ALA C 203 -0.48 -14.65 -13.33
C ALA C 203 0.09 -13.25 -13.38
N ASP C 204 1.04 -12.97 -12.49
CA ASP C 204 1.70 -11.67 -12.44
C ASP C 204 3.17 -11.84 -12.71
N ILE C 205 3.75 -10.90 -13.44
CA ILE C 205 5.19 -10.85 -13.60
C ILE C 205 5.65 -9.51 -13.05
N ASP C 206 6.49 -9.58 -12.02
CA ASP C 206 6.99 -8.39 -11.37
C ASP C 206 8.46 -8.22 -11.66
N VAL C 207 8.83 -7.04 -12.17
CA VAL C 207 10.22 -6.73 -12.47
C VAL C 207 10.73 -5.73 -11.45
N LYS C 208 11.82 -6.08 -10.79
CA LYS C 208 12.45 -5.23 -9.80
C LYS C 208 13.71 -4.67 -10.43
N GLU C 209 13.75 -3.35 -10.60
CA GLU C 209 14.92 -2.67 -11.18
C GLU C 209 15.90 -2.31 -10.08
N SER C 210 17.20 -2.51 -10.34
CA SER C 210 18.22 -2.13 -9.36
C SER C 210 18.27 -0.63 -9.19
N ARG C 211 18.39 -0.19 -7.94
CA ARG C 211 18.49 1.24 -7.63
C ARG C 211 19.91 1.79 -7.90
N LEU C 212 20.81 0.93 -8.40
CA LEU C 212 22.21 1.34 -8.64
C LEU C 212 22.44 1.78 -10.08
N ALA C 213 22.90 3.03 -10.23
CA ALA C 213 23.16 3.63 -11.54
C ALA C 213 24.35 2.98 -12.26
N CYS C 214 25.18 2.25 -11.51
CA CYS C 214 26.34 1.58 -12.10
C CYS C 214 26.25 0.04 -12.02
N ASP C 215 25.01 -0.48 -11.87
CA ASP C 215 24.75 -1.93 -11.89
C ASP C 215 24.16 -2.29 -13.25
N VAL C 216 25.04 -2.63 -14.19
CA VAL C 216 24.63 -2.84 -15.59
C VAL C 216 23.99 -4.20 -15.83
N LEU C 217 22.97 -4.21 -16.70
CA LEU C 217 22.30 -5.43 -17.11
C LEU C 217 23.28 -6.29 -17.92
N PRO C 218 23.62 -7.47 -17.40
CA PRO C 218 24.52 -8.36 -18.14
C PRO C 218 23.89 -8.92 -19.41
N LYS C 219 24.69 -9.07 -20.47
CA LYS C 219 24.22 -9.69 -21.71
C LYS C 219 23.98 -11.15 -21.41
N ARG C 220 22.72 -11.53 -21.37
CA ARG C 220 22.33 -12.85 -20.92
C ARG C 220 21.68 -13.63 -22.08
N HIS C 221 21.81 -14.95 -22.06
CA HIS C 221 21.28 -15.80 -23.15
C HIS C 221 20.48 -16.99 -22.59
N VAL C 222 19.49 -17.44 -23.37
CA VAL C 222 18.73 -18.65 -23.03
C VAL C 222 18.71 -19.57 -24.24
N GLU C 223 19.19 -20.80 -24.06
CA GLU C 223 19.23 -21.80 -25.12
C GLU C 223 18.18 -22.89 -24.85
N PRO C 224 17.04 -22.86 -25.57
CA PRO C 224 16.04 -23.90 -25.34
C PRO C 224 16.49 -25.23 -25.92
N LEU C 225 16.44 -26.29 -25.11
CA LEU C 225 16.97 -27.62 -25.51
C LEU C 225 15.90 -28.66 -25.78
N MSE C 226 14.85 -28.67 -24.96
CA MSE C 226 13.84 -29.71 -25.04
C MSE C 226 12.57 -29.30 -24.29
O MSE C 226 12.61 -28.48 -23.36
CB MSE C 226 14.39 -31.01 -24.41
CG MSE C 226 13.52 -32.26 -24.59
SE MSE C 226 14.36 -33.82 -23.76
CE MSE C 226 15.99 -33.78 -24.79
N ASN C 227 11.43 -29.83 -24.75
CA ASN C 227 10.17 -29.65 -24.05
C ASN C 227 9.17 -30.67 -24.54
N THR C 228 8.94 -31.70 -23.74
CA THR C 228 8.03 -32.78 -24.15
C THR C 228 6.57 -32.50 -23.85
N VAL C 229 6.28 -31.42 -23.12
CA VAL C 229 4.89 -31.07 -22.78
C VAL C 229 4.04 -31.01 -24.06
N TYR C 230 2.91 -31.71 -24.03
CA TYR C 230 2.05 -31.84 -25.22
C TYR C 230 1.09 -30.68 -25.34
N TYR C 231 1.61 -29.56 -25.83
CA TYR C 231 0.81 -28.32 -25.91
C TYR C 231 -0.26 -28.35 -26.98
N MSE C 232 0.12 -28.78 -28.18
CA MSE C 232 -0.71 -28.55 -29.36
C MSE C 232 -0.42 -29.57 -30.47
O MSE C 232 0.61 -29.50 -31.12
CB MSE C 232 -0.41 -27.13 -29.85
CG MSE C 232 -1.07 -26.72 -31.10
SE MSE C 232 -0.60 -24.89 -31.51
CE MSE C 232 -1.43 -23.99 -29.99
N GLY C 233 -1.35 -30.51 -30.65
CA GLY C 233 -1.23 -31.52 -31.69
C GLY C 233 -0.07 -32.46 -31.44
N GLN C 234 0.19 -32.71 -30.16
CA GLN C 234 1.33 -33.52 -29.75
C GLN C 234 0.83 -34.69 -28.93
N SER C 235 1.61 -35.74 -28.85
CA SER C 235 1.17 -36.93 -28.13
C SER C 235 1.94 -37.15 -26.82
N TYR C 236 1.46 -38.08 -26.01
CA TYR C 236 2.04 -38.36 -24.72
C TYR C 236 3.49 -38.81 -24.88
N PRO C 237 4.41 -38.17 -24.15
CA PRO C 237 5.84 -38.46 -24.29
C PRO C 237 6.32 -39.70 -23.50
N ASP C 238 6.11 -40.87 -24.08
CA ASP C 238 6.64 -42.12 -23.54
C ASP C 238 7.85 -42.57 -24.35
N ILE C 239 8.36 -41.67 -25.20
CA ILE C 239 9.49 -42.01 -26.07
C ILE C 239 10.67 -42.57 -25.27
N PHE C 240 10.86 -42.05 -24.06
CA PHE C 240 11.95 -42.49 -23.18
C PHE C 240 11.93 -43.98 -22.86
N ALA C 241 10.76 -44.60 -22.99
CA ALA C 241 10.63 -46.03 -22.72
C ALA C 241 11.42 -46.86 -23.72
N ARG C 242 11.63 -46.31 -24.92
CA ARG C 242 12.27 -47.05 -26.01
C ARG C 242 13.63 -46.52 -26.44
N ARG C 243 13.91 -45.25 -26.15
CA ARG C 243 15.16 -44.64 -26.59
C ARG C 243 15.42 -43.34 -25.87
N ASP C 244 16.67 -42.92 -25.87
CA ASP C 244 17.03 -41.65 -25.27
C ASP C 244 16.76 -40.55 -26.28
N VAL C 245 16.56 -39.35 -25.79
CA VAL C 245 16.33 -38.20 -26.64
C VAL C 245 17.54 -37.25 -26.59
N SER C 246 18.09 -36.92 -27.76
CA SER C 246 19.24 -36.06 -27.83
C SER C 246 19.02 -34.89 -28.78
N THR C 247 19.76 -33.82 -28.56
CA THR C 247 19.76 -32.69 -29.49
C THR C 247 21.14 -32.07 -29.51
N ASP C 248 21.50 -31.53 -30.66
CA ASP C 248 22.74 -30.79 -30.81
C ASP C 248 22.47 -29.33 -30.55
N PHE C 249 23.46 -28.64 -30.00
CA PHE C 249 23.37 -27.21 -29.76
C PHE C 249 24.76 -26.56 -29.90
N THR C 250 24.77 -25.26 -30.16
CA THR C 250 26.01 -24.56 -30.41
C THR C 250 26.31 -23.58 -29.30
N VAL C 251 27.57 -23.58 -28.87
CA VAL C 251 28.05 -22.66 -27.84
C VAL C 251 29.01 -21.69 -28.50
N PRO C 252 28.76 -20.39 -28.32
CA PRO C 252 29.62 -19.38 -28.93
C PRO C 252 30.82 -19.01 -28.09
N LYS C 253 31.85 -18.48 -28.76
CA LYS C 253 33.03 -17.99 -28.07
CA LYS C 253 33.03 -17.98 -28.08
C LYS C 253 32.61 -16.99 -27.00
N GLY C 254 33.20 -17.09 -25.83
CA GLY C 254 32.94 -16.14 -24.75
C GLY C 254 31.74 -16.42 -23.87
N ALA C 255 31.07 -17.56 -24.10
CA ALA C 255 29.96 -17.96 -23.24
C ALA C 255 30.50 -18.19 -21.83
N LYS C 256 29.88 -17.59 -20.83
CA LYS C 256 30.33 -17.70 -19.45
C LYS C 256 29.20 -18.14 -18.51
N ASN C 257 29.60 -18.73 -17.37
CA ASN C 257 28.66 -19.21 -16.34
CA ASN C 257 28.66 -19.17 -16.34
C ASN C 257 27.48 -19.99 -16.93
N ILE C 258 27.80 -20.98 -17.76
CA ILE C 258 26.80 -21.84 -18.37
C ILE C 258 26.14 -22.71 -17.30
N ARG C 259 24.82 -22.68 -17.24
CA ARG C 259 24.07 -23.50 -16.30
C ARG C 259 22.88 -24.16 -16.99
N LEU C 260 22.68 -25.44 -16.68
CA LEU C 260 21.55 -26.21 -17.20
C LEU C 260 20.40 -26.17 -16.21
N LYS C 261 19.19 -26.00 -16.72
CA LYS C 261 18.00 -26.11 -15.90
C LYS C 261 17.10 -27.21 -16.46
N TYR C 262 16.69 -28.11 -15.57
CA TYR C 262 15.97 -29.32 -15.95
C TYR C 262 14.71 -29.43 -15.13
N ILE C 263 13.57 -29.56 -15.82
CA ILE C 263 12.24 -29.60 -15.22
C ILE C 263 11.57 -30.90 -15.59
N VAL C 264 11.36 -31.77 -14.61
CA VAL C 264 10.77 -33.06 -14.91
C VAL C 264 9.69 -33.46 -13.94
N THR C 265 8.63 -34.08 -14.50
CA THR C 265 7.60 -34.75 -13.72
C THR C 265 7.23 -36.06 -14.45
N GLY C 266 6.93 -37.10 -13.67
CA GLY C 266 6.57 -38.42 -14.22
C GLY C 266 5.07 -38.64 -14.13
N HIS C 267 4.53 -39.35 -15.12
CA HIS C 267 3.09 -39.45 -15.27
C HIS C 267 2.60 -40.82 -15.67
N GLY C 268 1.35 -41.08 -15.38
CA GLY C 268 0.74 -42.39 -15.56
C GLY C 268 0.06 -42.71 -14.25
N GLY C 269 -1.17 -42.21 -14.11
CA GLY C 269 -1.89 -42.28 -12.84
C GLY C 269 -2.61 -43.57 -12.49
N HIS C 270 -2.30 -44.64 -13.18
CA HIS C 270 -2.86 -45.95 -12.83
C HIS C 270 -1.93 -46.58 -11.78
N SER C 271 -2.39 -47.65 -11.13
CA SER C 271 -1.54 -48.36 -10.19
C SER C 271 -0.29 -48.89 -10.93
N GLY C 272 0.90 -48.61 -10.37
CA GLY C 272 2.16 -49.07 -10.98
C GLY C 272 2.65 -48.17 -12.13
N GLY C 273 1.94 -47.09 -12.42
CA GLY C 273 2.30 -46.17 -13.51
C GLY C 273 3.45 -45.23 -13.13
N ASP C 274 4.08 -44.63 -14.13
CA ASP C 274 5.26 -43.76 -13.91
C ASP C 274 4.99 -42.52 -13.00
N GLU C 275 3.72 -42.21 -12.76
CA GLU C 275 3.40 -41.17 -11.80
C GLU C 275 3.76 -41.60 -10.38
N PHE C 276 3.71 -42.89 -10.10
CA PHE C 276 3.81 -43.40 -8.75
C PHE C 276 4.99 -44.32 -8.51
N VAL C 277 5.85 -44.48 -9.51
CA VAL C 277 7.03 -45.34 -9.38
C VAL C 277 8.33 -44.60 -9.72
N GLN C 278 9.39 -44.93 -8.99
CA GLN C 278 10.68 -44.27 -9.14
C GLN C 278 11.40 -44.68 -10.43
N LYS C 279 11.82 -43.67 -11.20
CA LYS C 279 12.59 -43.91 -12.43
C LYS C 279 13.72 -42.94 -12.50
N ARG C 280 14.92 -43.45 -12.70
CA ARG C 280 16.11 -42.63 -12.75
C ARG C 280 16.17 -41.81 -14.02
N ASN C 281 16.50 -40.53 -13.87
CA ASN C 281 16.76 -39.66 -15.00
C ASN C 281 18.27 -39.43 -15.11
N ILE C 282 18.83 -39.69 -16.27
CA ILE C 282 20.24 -39.44 -16.51
C ILE C 282 20.38 -38.37 -17.60
N ILE C 283 20.94 -37.22 -17.24
CA ILE C 283 21.08 -36.10 -18.19
C ILE C 283 22.55 -35.86 -18.51
N SER C 284 22.87 -35.75 -19.80
CA SER C 284 24.27 -35.69 -20.22
C SER C 284 24.56 -34.59 -21.22
N VAL C 285 25.81 -34.12 -21.19
CA VAL C 285 26.34 -33.18 -22.18
C VAL C 285 27.58 -33.83 -22.77
N ASP C 286 27.58 -34.04 -24.08
CA ASP C 286 28.69 -34.69 -24.77
C ASP C 286 28.95 -36.10 -24.21
N GLY C 287 27.90 -36.78 -23.77
CA GLY C 287 28.03 -38.15 -23.29
C GLY C 287 28.54 -38.25 -21.86
N LYS C 288 28.77 -37.11 -21.21
CA LYS C 288 29.13 -37.09 -19.80
C LYS C 288 27.96 -36.58 -18.99
N GLU C 289 27.70 -37.25 -17.88
CA GLU C 289 26.54 -36.97 -17.06
C GLU C 289 26.71 -35.71 -16.25
N VAL C 290 25.73 -34.83 -16.30
CA VAL C 290 25.76 -33.60 -15.51
C VAL C 290 24.71 -33.63 -14.40
N LEU C 291 23.68 -34.47 -14.57
CA LEU C 291 22.65 -34.67 -13.53
C LEU C 291 22.24 -36.10 -13.55
N ASN C 292 21.97 -36.63 -12.38
CA ASN C 292 21.52 -37.96 -12.26
C ASN C 292 20.76 -38.11 -10.96
N PHE C 293 19.48 -38.41 -11.06
CA PHE C 293 18.65 -38.50 -9.87
C PHE C 293 17.30 -39.12 -10.17
N ILE C 294 16.66 -39.58 -9.09
CA ILE C 294 15.30 -40.07 -9.15
C ILE C 294 14.40 -38.92 -8.80
N PRO C 295 13.63 -38.41 -9.78
CA PRO C 295 12.69 -37.31 -9.48
C PRO C 295 11.57 -37.86 -8.62
N TRP C 296 11.43 -37.34 -7.40
CA TRP C 296 10.54 -37.95 -6.45
C TRP C 296 10.17 -37.03 -5.26
N ARG C 297 8.97 -37.20 -4.74
CA ARG C 297 8.54 -36.51 -3.53
C ARG C 297 7.81 -37.49 -2.63
N ASP C 298 8.21 -37.52 -1.35
CA ASP C 298 7.60 -38.38 -0.32
CA ASP C 298 7.53 -38.38 -0.38
C ASP C 298 6.87 -37.55 0.71
N ASP C 299 6.49 -36.32 0.35
CA ASP C 299 5.85 -35.40 1.29
C ASP C 299 4.47 -34.91 0.84
N CYS C 300 3.84 -35.61 -0.10
CA CYS C 300 2.55 -35.15 -0.67
C CYS C 300 1.42 -35.02 0.35
N ALA C 301 1.52 -35.73 1.47
CA ALA C 301 0.54 -35.56 2.53
C ALA C 301 0.49 -34.10 3.01
N SER C 302 1.61 -33.39 2.86
CA SER C 302 1.71 -32.00 3.32
C SER C 302 0.82 -31.05 2.51
N PHE C 303 0.39 -31.48 1.33
CA PHE C 303 -0.51 -30.69 0.47
C PHE C 303 -2.01 -30.99 0.71
N ARG C 304 -2.33 -31.78 1.73
CA ARG C 304 -3.70 -32.26 1.95
C ARG C 304 -4.81 -31.18 1.93
N ARG C 305 -4.55 -30.04 2.59
CA ARG C 305 -5.54 -28.98 2.73
C ARG C 305 -5.87 -28.27 1.40
N PHE C 306 -5.05 -28.51 0.39
CA PHE C 306 -5.28 -27.95 -0.94
C PHE C 306 -6.11 -28.89 -1.83
N ASN C 307 -6.45 -30.06 -1.30
CA ASN C 307 -7.01 -31.15 -2.11
C ASN C 307 -8.40 -31.69 -1.63
N PRO C 308 -9.45 -30.86 -1.70
CA PRO C 308 -10.74 -31.26 -1.17
C PRO C 308 -11.44 -32.36 -1.97
N ALA C 309 -11.22 -32.42 -3.28
CA ALA C 309 -11.94 -33.39 -4.15
C ALA C 309 -11.11 -34.63 -4.47
N THR C 310 -10.15 -34.96 -3.62
CA THR C 310 -9.31 -36.13 -3.87
C THR C 310 -10.06 -37.41 -3.53
N GLY C 311 -9.71 -38.48 -4.24
CA GLY C 311 -10.23 -39.80 -3.92
C GLY C 311 -9.62 -40.25 -2.60
N VAL C 312 -10.33 -41.10 -1.87
CA VAL C 312 -9.86 -41.60 -0.58
C VAL C 312 -10.10 -43.11 -0.43
N TRP C 313 -9.07 -43.81 0.03
CA TRP C 313 -9.19 -45.23 0.35
C TRP C 313 -9.04 -45.39 1.85
N LEU C 314 -9.45 -46.54 2.37
CA LEU C 314 -9.21 -46.87 3.77
C LEU C 314 -8.14 -47.97 3.82
N ILE C 315 -7.21 -47.81 4.75
CA ILE C 315 -6.11 -48.75 4.90
C ILE C 315 -6.06 -49.19 6.33
N LYS C 316 -5.93 -50.49 6.54
CA LYS C 316 -5.89 -51.03 7.88
C LYS C 316 -4.52 -50.83 8.47
N ARG C 317 -4.49 -50.39 9.73
CA ARG C 317 -3.24 -50.17 10.44
C ARG C 317 -3.47 -50.31 11.92
N LEU C 318 -2.55 -50.99 12.60
CA LEU C 318 -2.60 -51.13 14.04
C LEU C 318 -2.01 -49.86 14.64
N ALA C 319 -2.88 -48.96 15.09
CA ALA C 319 -2.42 -47.66 15.60
C ALA C 319 -2.44 -47.62 17.11
N SER C 320 -1.46 -46.94 17.70
CA SER C 320 -1.45 -46.74 19.16
C SER C 320 -1.98 -45.32 19.48
N TYR C 321 -2.61 -45.18 20.64
CA TYR C 321 -3.25 -43.91 20.98
C TYR C 321 -3.52 -43.73 22.47
N ILE C 322 -3.85 -42.50 22.85
CA ILE C 322 -4.22 -42.18 24.21
C ILE C 322 -5.71 -42.40 24.39
N GLY C 323 -6.07 -43.43 25.17
CA GLY C 323 -7.47 -43.76 25.41
C GLY C 323 -7.97 -43.25 26.77
N GLU C 324 -9.18 -43.66 27.15
CA GLU C 324 -9.77 -43.23 28.42
C GLU C 324 -8.91 -43.64 29.63
N LYS C 325 -8.23 -44.79 29.53
CA LYS C 325 -7.37 -45.28 30.63
C LYS C 325 -5.91 -45.50 30.18
N GLY C 326 -5.30 -44.49 29.57
CA GLY C 326 -3.85 -44.53 29.22
C GLY C 326 -3.53 -44.96 27.79
N TYR C 327 -2.25 -45.25 27.54
CA TYR C 327 -1.78 -45.66 26.21
C TYR C 327 -2.40 -47.00 25.83
N THR C 328 -2.89 -47.10 24.59
CA THR C 328 -3.52 -48.33 24.09
C THR C 328 -3.15 -48.57 22.62
N GLU C 329 -3.72 -49.62 22.06
CA GLU C 329 -3.39 -50.10 20.74
C GLU C 329 -4.66 -50.67 20.13
N LYS C 330 -4.83 -50.52 18.82
CA LYS C 330 -6.07 -50.92 18.16
C LYS C 330 -5.98 -50.80 16.65
N GLU C 331 -6.56 -51.77 15.94
CA GLU C 331 -6.61 -51.70 14.48
C GLU C 331 -7.67 -50.69 14.09
N VAL C 332 -7.30 -49.77 13.21
CA VAL C 332 -8.22 -48.76 12.72
C VAL C 332 -8.16 -48.73 11.20
N GLU C 333 -9.14 -48.10 10.60
CA GLU C 333 -9.15 -47.92 9.16
C GLU C 333 -8.81 -46.47 8.85
N GLU C 334 -7.54 -46.21 8.59
CA GLU C 334 -7.04 -44.87 8.38
C GLU C 334 -7.19 -44.46 6.94
N PRO C 335 -7.93 -43.37 6.70
CA PRO C 335 -8.10 -42.87 5.34
C PRO C 335 -6.77 -42.45 4.69
N LEU C 336 -6.61 -42.78 3.41
CA LEU C 336 -5.43 -42.43 2.65
C LEU C 336 -5.92 -41.75 1.40
N ALA C 337 -5.56 -40.47 1.24
CA ALA C 337 -5.98 -39.70 0.09
C ALA C 337 -5.07 -39.96 -1.06
N SER C 338 -5.58 -39.82 -2.27
CA SER C 338 -4.74 -39.92 -3.45
C SER C 338 -3.72 -38.82 -3.41
N SER C 339 -4.14 -37.65 -2.96
CA SER C 339 -3.25 -36.50 -2.88
C SER C 339 -2.06 -36.75 -1.92
N ASP C 340 -2.16 -37.80 -1.09
CA ASP C 340 -1.10 -38.14 -0.13
C ASP C 340 0.00 -38.96 -0.76
N LEU C 341 -0.29 -39.65 -1.85
CA LEU C 341 0.68 -40.57 -2.44
C LEU C 341 1.94 -39.88 -2.96
N SER C 342 3.08 -40.49 -2.62
CA SER C 342 4.36 -40.10 -3.15
C SER C 342 4.32 -40.22 -4.68
N ARG C 343 4.94 -39.27 -5.37
CA ARG C 343 4.90 -39.22 -6.83
C ARG C 343 6.25 -38.82 -7.42
N SER C 344 6.36 -38.93 -8.75
CA SER C 344 7.59 -38.62 -9.45
C SER C 344 7.82 -37.12 -9.65
N ASN C 345 8.16 -36.46 -8.55
CA ASN C 345 8.63 -35.07 -8.49
C ASN C 345 7.55 -34.00 -8.38
N TRP C 346 6.37 -34.41 -7.90
CA TRP C 346 5.28 -33.47 -7.70
C TRP C 346 4.27 -33.97 -6.73
N CYS C 347 3.38 -33.07 -6.32
CA CYS C 347 2.21 -33.42 -5.54
C CYS C 347 1.09 -32.61 -6.14
N PRO C 348 -0.16 -33.06 -5.97
CA PRO C 348 -1.27 -32.24 -6.42
C PRO C 348 -1.32 -30.92 -5.65
N GLY C 349 -1.07 -29.81 -6.33
CA GLY C 349 -1.00 -28.50 -5.68
C GLY C 349 0.41 -27.92 -5.63
N SER C 350 1.39 -28.62 -6.18
CA SER C 350 2.78 -28.17 -6.16
C SER C 350 3.26 -27.65 -7.52
N ASP C 351 4.24 -26.74 -7.47
CA ASP C 351 4.97 -26.34 -8.65
C ASP C 351 6.26 -27.13 -8.62
N VAL C 352 7.04 -27.02 -9.68
CA VAL C 352 8.29 -27.75 -9.77
C VAL C 352 9.46 -26.79 -9.95
N VAL C 353 10.40 -26.82 -9.01
CA VAL C 353 11.57 -25.97 -9.13
C VAL C 353 12.61 -26.72 -9.94
N PRO C 354 13.12 -26.08 -11.00
CA PRO C 354 14.08 -26.73 -11.87
C PRO C 354 15.30 -27.19 -11.14
N GLU C 355 15.80 -28.38 -11.46
CA GLU C 355 17.09 -28.81 -10.95
C GLU C 355 18.16 -28.04 -11.77
N GLU C 356 19.30 -27.78 -11.15
CA GLU C 356 20.33 -26.99 -11.82
C GLU C 356 21.69 -27.67 -11.81
N ALA C 357 22.37 -27.62 -12.94
CA ALA C 357 23.72 -28.15 -13.07
C ALA C 357 24.61 -27.06 -13.57
N VAL C 358 25.66 -26.77 -12.82
CA VAL C 358 26.63 -25.75 -13.22
C VAL C 358 27.61 -26.42 -14.17
N ILE C 359 27.66 -25.92 -15.41
CA ILE C 359 28.59 -26.44 -16.43
C ILE C 359 29.86 -25.58 -16.46
N GLY C 360 29.66 -24.26 -16.37
CA GLY C 360 30.75 -23.31 -16.38
C GLY C 360 31.05 -22.80 -17.78
N THR C 361 32.03 -23.43 -18.42
CA THR C 361 32.37 -23.13 -19.83
C THR C 361 32.43 -24.41 -20.63
N LEU C 362 32.26 -24.25 -21.95
CA LEU C 362 32.36 -25.34 -22.90
C LEU C 362 33.16 -24.87 -24.10
N ALA C 363 33.72 -25.82 -24.84
CA ALA C 363 34.43 -25.50 -26.05
C ALA C 363 33.48 -24.82 -27.03
N PRO C 364 34.00 -23.87 -27.81
CA PRO C 364 33.14 -23.28 -28.79
C PRO C 364 32.76 -24.30 -29.84
N GLY C 365 31.56 -24.16 -30.40
CA GLY C 365 31.12 -25.06 -31.44
C GLY C 365 30.01 -25.99 -31.02
N LYS C 366 29.92 -27.14 -31.69
CA LYS C 366 28.80 -28.06 -31.51
C LYS C 366 28.94 -28.93 -30.25
N HIS C 367 27.81 -29.21 -29.61
CA HIS C 367 27.74 -30.08 -28.45
C HIS C 367 26.46 -30.89 -28.49
N THR C 368 26.39 -31.93 -27.67
CA THR C 368 25.23 -32.81 -27.62
C THR C 368 24.61 -32.86 -26.21
N PHE C 369 23.29 -32.80 -26.16
CA PHE C 369 22.55 -32.88 -24.92
C PHE C 369 21.67 -34.12 -24.98
N THR C 370 21.65 -34.91 -23.91
CA THR C 370 20.88 -36.15 -23.91
C THR C 370 20.09 -36.36 -22.62
N VAL C 371 18.82 -36.70 -22.77
CA VAL C 371 17.99 -37.09 -21.65
C VAL C 371 17.66 -38.56 -21.79
N SER C 372 17.91 -39.30 -20.73
CA SER C 372 17.62 -40.72 -20.67
C SER C 372 16.85 -41.01 -19.42
N ILE C 373 15.72 -41.68 -19.57
CA ILE C 373 14.93 -42.21 -18.46
C ILE C 373 14.71 -43.70 -18.81
N PRO C 374 15.78 -44.51 -18.69
CA PRO C 374 15.83 -45.86 -19.31
C PRO C 374 14.74 -46.87 -18.92
N GLU C 375 14.29 -46.90 -17.66
CA GLU C 375 13.26 -47.88 -17.29
CA GLU C 375 13.26 -47.86 -17.23
C GLU C 375 11.84 -47.27 -17.33
N ALA C 376 11.67 -46.20 -18.12
CA ALA C 376 10.36 -45.58 -18.29
C ALA C 376 9.39 -46.54 -18.96
N GLN C 377 8.12 -46.45 -18.61
CA GLN C 377 7.12 -47.35 -19.16
C GLN C 377 6.45 -46.80 -20.40
N ALA C 378 6.04 -47.69 -21.28
CA ALA C 378 5.37 -47.31 -22.50
C ALA C 378 3.89 -47.04 -22.23
N VAL C 379 3.29 -46.30 -23.15
CA VAL C 379 1.87 -46.14 -23.16
C VAL C 379 1.30 -47.49 -23.51
N ASP C 380 0.33 -47.94 -22.73
CA ASP C 380 -0.28 -49.27 -22.91
C ASP C 380 -1.79 -49.16 -22.77
N GLY C 381 -2.48 -49.02 -23.90
CA GLY C 381 -3.93 -48.81 -23.89
C GLY C 381 -4.28 -47.54 -23.13
N ASN C 382 -5.05 -47.68 -22.05
CA ASN C 382 -5.42 -46.50 -21.22
C ASN C 382 -4.44 -46.23 -20.07
N LYS C 383 -3.33 -46.98 -20.04
CA LYS C 383 -2.23 -46.71 -19.12
C LYS C 383 -1.31 -45.69 -19.81
N LEU C 384 -1.43 -44.43 -19.42
CA LEU C 384 -0.81 -43.33 -20.17
C LEU C 384 0.49 -42.83 -19.58
N ASN C 385 1.48 -43.73 -19.50
CA ASN C 385 2.78 -43.38 -18.95
C ASN C 385 3.49 -42.41 -19.86
N HIS C 386 4.08 -41.37 -19.27
CA HIS C 386 4.88 -40.41 -20.01
C HIS C 386 5.68 -39.55 -19.05
N TRP C 387 6.65 -38.82 -19.60
CA TRP C 387 7.51 -37.94 -18.82
C TRP C 387 7.51 -36.55 -19.39
N LEU C 388 7.09 -35.59 -18.58
CA LEU C 388 7.12 -34.21 -18.98
C LEU C 388 8.46 -33.65 -18.59
N VAL C 389 9.28 -33.41 -19.60
CA VAL C 389 10.61 -32.90 -19.42
C VAL C 389 10.81 -31.67 -20.25
N SER C 390 11.35 -30.61 -19.67
CA SER C 390 11.81 -29.44 -20.44
C SER C 390 13.16 -29.02 -19.90
N ALA C 391 13.99 -28.47 -20.76
CA ALA C 391 15.35 -28.11 -20.36
C ALA C 391 15.89 -26.99 -21.22
N TYR C 392 16.80 -26.20 -20.64
CA TYR C 392 17.46 -25.12 -21.35
C TYR C 392 18.77 -24.72 -20.68
N LEU C 393 19.63 -24.07 -21.43
CA LEU C 393 20.85 -23.56 -20.88
C LEU C 393 20.70 -22.06 -20.71
N VAL C 394 21.38 -21.53 -19.71
CA VAL C 394 21.50 -20.10 -19.56
C VAL C 394 22.96 -19.76 -19.45
N TRP C 395 23.34 -18.62 -19.98
CA TRP C 395 24.71 -18.16 -19.87
C TRP C 395 24.81 -16.68 -20.16
N GLU C 396 25.94 -16.12 -19.77
CA GLU C 396 26.23 -14.73 -20.05
C GLU C 396 27.23 -14.72 -21.17
N GLU C 397 27.20 -13.67 -21.98
CA GLU C 397 28.13 -13.56 -23.11
C GLU C 397 28.93 -12.27 -23.02
N LYS D 6 34.34 5.59 -4.78
CA LYS D 6 35.40 4.80 -5.46
C LYS D 6 35.17 3.30 -5.20
N ASN D 7 36.12 2.46 -5.64
CA ASN D 7 36.06 1.01 -5.40
C ASN D 7 36.01 0.72 -3.90
N LEU D 8 34.81 0.43 -3.41
CA LEU D 8 34.68 -0.06 -2.05
C LEU D 8 35.36 -1.42 -2.06
N PRO D 9 36.30 -1.64 -1.14
CA PRO D 9 37.05 -2.89 -1.13
C PRO D 9 36.17 -4.11 -0.81
N ALA D 10 36.52 -5.26 -1.39
CA ALA D 10 35.78 -6.50 -1.17
C ALA D 10 36.37 -7.31 0.00
N LYS D 11 35.60 -7.42 1.09
CA LYS D 11 36.01 -8.21 2.25
C LYS D 11 35.61 -9.69 2.13
N GLY D 12 34.94 -10.04 1.03
CA GLY D 12 34.60 -11.44 0.71
C GLY D 12 33.36 -12.02 1.40
N ASP D 13 33.00 -13.24 0.97
CA ASP D 13 31.90 -14.00 1.57
C ASP D 13 32.37 -14.67 2.85
N LEU D 14 31.50 -14.75 3.83
CA LEU D 14 31.86 -15.26 5.12
C LEU D 14 30.97 -16.43 5.54
N HIS D 15 31.58 -17.52 5.99
CA HIS D 15 30.83 -18.65 6.52
C HIS D 15 31.20 -18.84 7.98
N ILE D 16 30.26 -18.59 8.88
CA ILE D 16 30.51 -18.75 10.33
C ILE D 16 29.74 -19.95 10.89
N PRO D 17 30.46 -21.05 11.16
CA PRO D 17 29.78 -22.14 11.85
C PRO D 17 29.67 -21.81 13.34
N VAL D 18 28.60 -21.15 13.71
CA VAL D 18 28.42 -20.74 15.10
C VAL D 18 28.39 -21.96 16.04
N PHE D 19 27.63 -22.98 15.69
CA PHE D 19 27.60 -24.21 16.48
C PHE D 19 27.61 -25.43 15.59
N GLU D 20 28.52 -26.37 15.84
CA GLU D 20 28.45 -27.68 15.21
C GLU D 20 28.14 -28.75 16.26
N ASN D 21 27.06 -29.48 16.04
CA ASN D 21 26.68 -30.59 16.89
C ASN D 21 26.81 -30.27 18.37
N VAL D 22 26.19 -29.20 18.81
CA VAL D 22 26.19 -28.85 20.21
C VAL D 22 24.91 -29.39 20.81
N ASN D 23 25.04 -29.91 22.03
CA ASN D 23 23.94 -30.50 22.75
C ASN D 23 23.34 -29.45 23.67
N VAL D 24 22.11 -29.04 23.40
CA VAL D 24 21.43 -28.13 24.29
C VAL D 24 20.61 -29.02 25.19
N ARG D 25 20.82 -28.89 26.49
CA ARG D 25 20.28 -29.85 27.45
C ARG D 25 20.25 -29.29 28.83
N PHE D 26 19.56 -30.00 29.72
CA PHE D 26 19.60 -29.65 31.12
C PHE D 26 20.40 -30.72 31.81
N SER D 27 21.64 -30.37 32.18
CA SER D 27 22.58 -31.31 32.78
C SER D 27 23.47 -30.63 33.80
N PRO D 28 22.99 -30.48 35.03
CA PRO D 28 23.79 -29.89 36.11
C PRO D 28 25.10 -30.66 36.38
N ASP D 29 25.07 -31.98 36.16
CA ASP D 29 26.28 -32.77 36.29
C ASP D 29 27.41 -32.20 35.42
N THR D 30 27.09 -31.91 34.15
CA THR D 30 28.08 -31.43 33.22
C THR D 30 28.29 -29.93 33.34
N TYR D 31 27.20 -29.20 33.57
CA TYR D 31 27.24 -27.74 33.66
C TYR D 31 26.63 -27.29 34.98
N PRO D 32 27.43 -27.31 36.05
CA PRO D 32 26.93 -27.09 37.43
C PRO D 32 26.29 -25.74 37.72
N ASP D 33 26.77 -24.69 37.09
CA ASP D 33 26.31 -23.34 37.43
C ASP D 33 25.53 -22.64 36.32
N ASN D 34 25.09 -21.42 36.61
CA ASN D 34 24.42 -20.62 35.63
C ASN D 34 25.43 -20.29 34.54
N TYR D 35 26.63 -19.91 34.96
CA TYR D 35 27.72 -19.65 34.05
C TYR D 35 28.74 -20.77 34.16
N ASN D 36 29.20 -21.25 33.01
CA ASN D 36 30.26 -22.24 32.97
C ASN D 36 31.24 -21.83 31.86
N GLU D 37 32.53 -21.85 32.16
CA GLU D 37 33.53 -21.41 31.22
C GLU D 37 33.39 -22.14 29.90
N ALA D 38 33.76 -21.45 28.82
CA ALA D 38 33.64 -22.00 27.48
C ALA D 38 34.57 -23.18 27.25
N ASP D 39 34.10 -24.15 26.47
CA ASP D 39 34.91 -25.31 26.10
C ASP D 39 35.99 -24.92 25.09
N GLY D 40 36.71 -25.92 24.59
CA GLY D 40 37.78 -25.70 23.60
C GLY D 40 37.30 -25.08 22.29
N THR D 41 35.98 -25.12 22.03
CA THR D 41 35.44 -24.57 20.78
C THR D 41 34.91 -23.15 20.98
N GLY D 42 34.91 -22.68 22.22
CA GLY D 42 34.45 -21.33 22.55
C GLY D 42 32.94 -21.23 22.81
N VAL D 43 32.32 -22.36 23.07
CA VAL D 43 30.89 -22.39 23.35
C VAL D 43 30.65 -22.39 24.83
N TYR D 44 30.00 -21.34 25.32
CA TYR D 44 29.61 -21.27 26.73
C TYR D 44 28.30 -22.00 26.91
N HIS D 45 28.18 -22.77 27.99
CA HIS D 45 26.90 -23.43 28.30
C HIS D 45 26.38 -22.76 29.53
N LEU D 46 25.27 -22.03 29.38
CA LEU D 46 24.69 -21.31 30.50
C LEU D 46 23.42 -22.01 30.97
N VAL D 47 22.94 -21.58 32.14
CA VAL D 47 21.77 -22.18 32.78
C VAL D 47 21.79 -23.71 32.72
N ASN D 48 22.90 -24.31 33.13
CA ASN D 48 23.03 -25.77 33.18
C ASN D 48 22.91 -26.47 31.80
N GLY D 49 23.14 -25.71 30.73
CA GLY D 49 23.15 -26.27 29.38
C GLY D 49 21.96 -25.88 28.51
N ARG D 50 20.98 -25.22 29.09
CA ARG D 50 19.75 -24.82 28.39
CA ARG D 50 19.75 -24.82 28.37
C ARG D 50 20.01 -23.67 27.41
N ILE D 51 21.14 -22.98 27.57
CA ILE D 51 21.54 -21.92 26.64
C ILE D 51 22.96 -22.17 26.20
N ILE D 52 23.22 -22.06 24.91
CA ILE D 52 24.59 -22.08 24.42
C ILE D 52 24.91 -20.72 23.81
N LEU D 53 26.12 -20.23 24.07
CA LEU D 53 26.51 -18.88 23.62
C LEU D 53 27.88 -18.90 23.00
N LYS D 54 28.07 -18.12 21.93
CA LYS D 54 29.37 -18.03 21.26
C LYS D 54 29.68 -16.64 20.80
N LYS D 55 30.93 -16.24 20.94
CA LYS D 55 31.38 -14.94 20.50
C LYS D 55 31.73 -15.01 19.02
N ILE D 56 31.14 -14.13 18.22
CA ILE D 56 31.48 -14.07 16.80
C ILE D 56 31.87 -12.65 16.40
N THR D 57 32.47 -12.51 15.21
CA THR D 57 32.85 -11.21 14.69
C THR D 57 32.62 -11.11 13.21
N LEU D 58 31.85 -10.10 12.80
CA LEU D 58 31.73 -9.77 11.40
C LEU D 58 32.65 -8.61 11.09
N PRO D 59 33.32 -8.65 9.92
CA PRO D 59 34.15 -7.53 9.51
C PRO D 59 33.31 -6.29 9.31
N GLU D 60 33.95 -5.14 9.36
CA GLU D 60 33.26 -3.88 9.20
C GLU D 60 33.01 -3.63 7.68
N TYR D 61 32.09 -4.41 7.09
CA TYR D 61 31.81 -4.36 5.64
C TYR D 61 31.53 -2.97 5.09
N LYS D 62 32.11 -2.66 3.94
CA LYS D 62 31.87 -1.41 3.25
C LYS D 62 30.85 -1.61 2.11
N ARG D 63 30.94 -2.75 1.45
CA ARG D 63 29.97 -3.11 0.41
C ARG D 63 28.70 -3.68 1.04
N ASN D 64 27.59 -3.60 0.32
CA ASN D 64 26.33 -4.18 0.80
C ASN D 64 26.44 -5.72 0.94
N VAL D 65 25.66 -6.29 1.84
CA VAL D 65 25.68 -7.73 2.06
C VAL D 65 24.31 -8.27 2.40
N SER D 66 24.12 -9.56 2.18
CA SER D 66 22.95 -10.23 2.71
C SER D 66 23.46 -11.25 3.76
N VAL D 67 22.65 -11.52 4.76
CA VAL D 67 23.04 -12.41 5.83
C VAL D 67 21.95 -13.42 6.11
N SER D 68 22.33 -14.69 6.22
CA SER D 68 21.35 -15.74 6.50
C SER D 68 21.74 -16.53 7.70
N LEU D 69 20.72 -17.01 8.42
CA LEU D 69 20.90 -17.90 9.55
C LEU D 69 20.22 -19.23 9.20
N LYS D 70 20.96 -20.32 9.39
CA LYS D 70 20.49 -21.65 9.12
C LYS D 70 20.65 -22.50 10.39
N VAL D 71 19.55 -23.01 10.92
CA VAL D 71 19.59 -23.79 12.13
C VAL D 71 19.05 -25.19 11.88
N THR D 72 19.85 -26.19 12.24
CA THR D 72 19.45 -27.59 12.09
C THR D 72 19.33 -28.22 13.47
N LEU D 73 18.30 -29.02 13.66
CA LEU D 73 18.02 -29.53 14.99
C LEU D 73 17.49 -30.96 14.97
N ALA D 74 17.85 -31.72 15.99
CA ALA D 74 17.29 -33.05 16.18
C ALA D 74 17.14 -33.27 17.68
N SER D 75 16.23 -34.14 18.07
CA SER D 75 16.17 -34.55 19.46
C SER D 75 17.28 -35.52 19.73
N ASN D 76 17.95 -35.36 20.85
CA ASN D 76 18.94 -36.33 21.29
C ASN D 76 18.29 -37.22 22.37
N GLY D 77 16.95 -37.19 22.44
CA GLY D 77 16.23 -37.95 23.45
C GLY D 77 15.03 -37.25 24.04
N ASP D 78 15.08 -35.93 24.15
CA ASP D 78 13.95 -35.17 24.67
C ASP D 78 12.79 -35.39 23.71
N ARG D 79 11.66 -35.82 24.25
CA ARG D 79 10.48 -36.17 23.44
C ARG D 79 9.56 -34.99 23.15
N TRP D 80 9.81 -33.85 23.81
CA TRP D 80 8.85 -32.74 23.78
C TRP D 80 9.05 -31.69 22.70
N ASP D 81 7.97 -30.95 22.44
CA ASP D 81 7.97 -29.84 21.50
C ASP D 81 8.19 -28.56 22.29
N LYS D 82 9.45 -28.23 22.53
CA LYS D 82 9.81 -27.13 23.39
C LYS D 82 10.12 -25.86 22.62
N SER D 83 9.95 -24.74 23.31
CA SER D 83 10.20 -23.44 22.71
C SER D 83 11.69 -23.10 22.64
N GLY D 84 12.10 -22.53 21.50
CA GLY D 84 13.48 -22.17 21.26
C GLY D 84 13.63 -20.74 20.78
N SER D 85 14.83 -20.21 20.95
CA SER D 85 15.11 -18.83 20.62
C SER D 85 16.58 -18.73 20.25
N CYS D 86 16.87 -18.48 18.97
CA CYS D 86 18.24 -18.18 18.56
C CYS D 86 18.36 -16.68 18.63
N PHE D 87 19.30 -16.20 19.44
CA PHE D 87 19.35 -14.79 19.77
C PHE D 87 20.73 -14.17 19.64
N VAL D 88 20.74 -12.84 19.80
CA VAL D 88 21.96 -12.07 19.82
C VAL D 88 21.87 -11.08 20.97
N LEU D 89 22.95 -10.93 21.71
CA LEU D 89 22.97 -9.99 22.82
C LEU D 89 23.21 -8.58 22.26
N PRO D 90 22.35 -7.61 22.65
CA PRO D 90 22.39 -6.25 22.08
C PRO D 90 23.68 -5.50 22.39
N LYS D 91 23.87 -4.37 21.70
CA LYS D 91 25.14 -3.61 21.80
CA LYS D 91 25.13 -3.59 21.78
C LYS D 91 25.25 -2.68 23.00
N SER D 92 24.40 -1.67 23.06
CA SER D 92 24.48 -0.67 24.12
C SER D 92 23.79 -1.14 25.37
N SER D 93 24.18 -2.33 25.84
CA SER D 93 23.56 -2.94 27.01
C SER D 93 24.62 -3.64 27.87
N ALA D 94 25.06 -2.96 28.93
CA ALA D 94 26.05 -3.50 29.86
C ALA D 94 25.51 -4.74 30.57
N ILE D 95 24.20 -4.75 30.81
CA ILE D 95 23.52 -5.90 31.36
C ILE D 95 23.00 -6.78 30.20
N ASN D 96 23.36 -8.05 30.24
CA ASN D 96 22.84 -9.03 29.31
C ASN D 96 23.00 -10.41 29.90
N LEU D 97 22.49 -11.43 29.19
CA LEU D 97 22.46 -12.79 29.74
C LEU D 97 23.83 -13.26 30.24
N LEU D 98 24.88 -12.90 29.51
CA LEU D 98 26.23 -13.30 29.85
C LEU D 98 26.76 -12.60 31.10
N THR D 99 26.60 -11.28 31.18
CA THR D 99 27.11 -10.51 32.33
C THR D 99 26.29 -10.79 33.58
N ILE D 100 25.04 -11.22 33.41
CA ILE D 100 24.21 -11.65 34.53
C ILE D 100 24.77 -12.98 35.10
N ALA D 101 24.95 -13.95 34.21
CA ALA D 101 25.50 -15.24 34.58
C ALA D 101 26.92 -15.13 35.16
N ARG D 102 27.79 -14.41 34.48
CA ARG D 102 29.21 -14.35 34.81
C ARG D 102 29.60 -13.27 35.85
N ASP D 103 29.19 -12.03 35.62
CA ASP D 103 29.67 -10.89 36.42
C ASP D 103 28.73 -10.49 37.55
N GLY D 104 27.69 -11.25 37.76
CA GLY D 104 26.74 -10.97 38.83
C GLY D 104 25.88 -9.73 38.62
N MSE D 105 25.71 -9.31 37.37
CA MSE D 105 24.79 -8.22 37.05
C MSE D 105 23.37 -8.74 37.29
O MSE D 105 23.16 -9.92 37.52
CB MSE D 105 24.89 -7.81 35.59
CG MSE D 105 26.23 -7.32 35.14
SE MSE D 105 26.72 -5.65 35.93
CE MSE D 105 27.74 -4.98 34.39
N LYS D 106 22.40 -7.84 37.23
CA LYS D 106 21.00 -8.22 37.39
C LYS D 106 20.14 -7.47 36.39
N PHE D 107 19.01 -8.08 36.01
CA PHE D 107 18.02 -7.36 35.25
C PHE D 107 17.55 -6.20 36.13
N PRO D 108 17.35 -5.02 35.54
CA PRO D 108 16.92 -3.87 36.37
C PRO D 108 15.60 -4.13 37.07
N SER D 109 15.42 -3.56 38.26
CA SER D 109 14.18 -3.71 39.02
C SER D 109 13.09 -3.01 38.25
N VAL D 110 11.86 -3.51 38.36
CA VAL D 110 10.74 -2.93 37.63
C VAL D 110 9.67 -2.36 38.53
N ASP D 111 8.86 -1.48 37.95
CA ASP D 111 7.71 -0.91 38.63
C ASP D 111 6.63 -2.00 38.69
N SER D 112 6.45 -2.60 39.87
CA SER D 112 5.55 -3.77 40.01
C SER D 112 4.08 -3.47 39.68
N LEU D 113 3.72 -2.18 39.67
CA LEU D 113 2.36 -1.77 39.28
C LEU D 113 2.15 -1.89 37.76
N LYS D 114 3.23 -1.74 37.00
CA LYS D 114 3.13 -1.79 35.54
C LYS D 114 3.66 -3.09 34.95
N LEU D 115 4.58 -3.75 35.66
CA LEU D 115 5.26 -4.94 35.11
C LEU D 115 5.33 -6.16 36.04
N GLU D 116 4.76 -6.05 37.23
CA GLU D 116 4.75 -7.18 38.19
C GLU D 116 6.15 -7.70 38.51
N LYS D 117 6.41 -8.99 38.22
CA LYS D 117 7.73 -9.58 38.41
C LYS D 117 8.37 -9.93 37.06
N MSE D 118 7.86 -9.32 35.98
CA MSE D 118 8.35 -9.61 34.63
C MSE D 118 9.66 -8.88 34.35
O MSE D 118 9.72 -7.91 33.61
CB MSE D 118 7.31 -9.18 33.59
CG MSE D 118 6.00 -9.92 33.73
SE MSE D 118 6.18 -11.78 33.27
CE MSE D 118 4.86 -12.49 34.50
N VAL D 119 10.73 -9.38 34.95
CA VAL D 119 12.04 -8.77 34.77
C VAL D 119 12.66 -9.14 33.42
N GLY D 120 13.48 -8.24 32.89
CA GLY D 120 14.21 -8.46 31.64
C GLY D 120 13.40 -8.41 30.35
N ILE D 121 12.11 -8.08 30.43
CA ILE D 121 11.26 -8.12 29.23
C ILE D 121 11.21 -6.77 28.48
N VAL D 122 11.54 -5.68 29.14
CA VAL D 122 11.60 -4.36 28.50
C VAL D 122 12.86 -3.63 28.96
N PRO D 123 13.29 -2.61 28.19
CA PRO D 123 14.43 -1.80 28.53
C PRO D 123 14.39 -1.21 29.94
N GLY D 124 15.57 -1.00 30.50
CA GLY D 124 15.73 -0.40 31.82
C GLY D 124 17.10 0.23 31.88
N LYS D 125 17.50 0.70 33.06
CA LYS D 125 18.80 1.30 33.17
C LYS D 125 19.86 0.26 32.83
N ASP D 126 20.74 0.61 31.88
CA ASP D 126 21.84 -0.26 31.45
C ASP D 126 21.36 -1.59 30.84
N TYR D 127 20.12 -1.63 30.36
CA TYR D 127 19.57 -2.87 29.79
C TYR D 127 18.67 -2.66 28.59
N LEU D 128 18.96 -3.39 27.52
CA LEU D 128 18.06 -3.54 26.38
C LEU D 128 17.73 -5.04 26.27
N PRO D 129 16.47 -5.39 25.99
CA PRO D 129 16.14 -6.81 25.90
C PRO D 129 16.91 -7.55 24.79
N THR D 130 17.09 -8.86 24.99
CA THR D 130 17.75 -9.75 24.04
C THR D 130 17.02 -9.70 22.69
N VAL D 131 17.75 -9.78 21.60
CA VAL D 131 17.13 -9.77 20.27
C VAL D 131 17.15 -11.15 19.68
N GLU D 132 15.98 -11.61 19.24
CA GLU D 132 15.87 -12.92 18.63
C GLU D 132 16.23 -12.86 17.17
N LEU D 133 17.12 -13.76 16.76
CA LEU D 133 17.42 -13.98 15.33
C LEU D 133 16.37 -14.94 14.74
N MSE D 134 15.84 -15.82 15.59
CA MSE D 134 14.84 -16.81 15.15
C MSE D 134 14.13 -17.48 16.33
O MSE D 134 14.77 -18.01 17.24
CB MSE D 134 15.49 -17.89 14.27
CG MSE D 134 14.58 -19.08 13.93
SE MSE D 134 15.57 -20.55 13.13
CE MSE D 134 16.07 -19.71 11.44
N ARG D 135 12.81 -17.47 16.28
CA ARG D 135 11.96 -18.22 17.19
C ARG D 135 11.64 -19.53 16.49
N PHE D 136 11.77 -20.64 17.21
CA PHE D 136 11.46 -21.95 16.65
C PHE D 136 10.84 -22.83 17.69
N MSE D 137 10.09 -23.81 17.23
CA MSE D 137 9.44 -24.74 18.12
C MSE D 137 9.86 -26.10 17.67
O MSE D 137 9.58 -26.49 16.53
CB MSE D 137 7.92 -24.59 18.03
CG MSE D 137 7.44 -23.23 18.37
SE MSE D 137 7.46 -22.93 20.30
CE MSE D 137 7.94 -21.07 20.20
N THR D 138 10.54 -26.85 18.55
CA THR D 138 11.02 -28.18 18.15
C THR D 138 9.84 -29.12 17.96
N PRO D 139 9.99 -30.08 17.05
CA PRO D 139 8.95 -31.07 16.86
C PRO D 139 9.06 -32.10 17.94
N PHE D 140 8.21 -33.12 17.87
CA PHE D 140 8.20 -34.19 18.83
C PHE D 140 9.23 -35.28 18.49
N GLY D 141 10.40 -35.19 19.11
CA GLY D 141 11.40 -36.25 19.06
C GLY D 141 12.03 -36.57 17.72
N ILE D 142 12.17 -35.57 16.85
CA ILE D 142 12.78 -35.79 15.54
C ILE D 142 14.21 -36.34 15.73
N GLY D 143 14.56 -37.35 14.93
CA GLY D 143 15.87 -37.97 15.00
C GLY D 143 15.95 -39.15 15.94
N HIS D 144 16.07 -38.85 17.24
CA HIS D 144 16.16 -39.88 18.28
C HIS D 144 15.04 -40.89 18.17
N TYR D 145 13.82 -40.43 17.83
CA TYR D 145 12.66 -41.32 17.68
C TYR D 145 12.21 -41.51 16.22
N SER D 146 13.09 -41.20 15.25
CA SER D 146 12.71 -41.25 13.81
C SER D 146 13.03 -42.56 13.06
N ASN D 147 13.46 -43.58 13.75
CA ASN D 147 13.81 -44.81 13.05
C ASN D 147 12.59 -45.41 12.29
N ASN D 148 12.79 -45.64 10.99
CA ASN D 148 11.73 -46.11 10.11
C ASN D 148 11.73 -47.63 9.89
N ASN D 149 12.91 -48.24 9.96
CA ASN D 149 13.07 -49.71 9.79
C ASN D 149 12.37 -50.48 10.93
N ASP D 150 12.52 -49.95 12.13
CA ASP D 150 11.91 -50.50 13.33
C ASP D 150 10.44 -50.86 13.10
N SER D 151 10.03 -52.05 13.55
CA SER D 151 8.65 -52.54 13.38
C SER D 151 7.62 -51.70 14.18
N LEU D 152 8.05 -51.17 15.33
CA LEU D 152 7.21 -50.29 16.18
C LEU D 152 6.82 -48.95 15.49
N SER D 153 7.47 -48.61 14.38
CA SER D 153 7.21 -47.33 13.72
C SER D 153 5.80 -47.22 13.13
N SER D 154 5.28 -48.31 12.55
CA SER D 154 3.95 -48.27 11.92
C SER D 154 2.81 -48.06 12.92
N LYS D 155 3.10 -48.24 14.20
CA LYS D 155 2.08 -47.99 15.25
C LYS D 155 1.91 -46.48 15.50
N ARG D 156 2.95 -45.71 15.21
CA ARG D 156 2.93 -44.27 15.40
CA ARG D 156 2.92 -44.26 15.41
C ARG D 156 2.77 -43.53 14.07
N ARG D 157 3.31 -44.10 13.00
CA ARG D 157 3.32 -43.44 11.70
C ARG D 157 2.08 -43.72 10.87
N PRO D 158 1.34 -42.64 10.52
CA PRO D 158 0.15 -42.80 9.70
C PRO D 158 0.47 -43.37 8.32
N VAL D 159 -0.56 -43.91 7.68
CA VAL D 159 -0.43 -44.54 6.39
C VAL D 159 -0.12 -43.54 5.27
N TYR D 160 -0.37 -42.26 5.52
CA TYR D 160 -0.13 -41.23 4.52
C TYR D 160 1.27 -40.57 4.67
N ILE D 161 2.04 -41.01 5.68
CA ILE D 161 3.42 -40.53 5.91
C ILE D 161 4.39 -41.67 5.65
N PRO D 162 5.02 -41.71 4.47
CA PRO D 162 5.92 -42.81 4.11
C PRO D 162 7.08 -43.00 5.06
N LYS D 163 7.65 -41.91 5.54
CA LYS D 163 8.77 -42.01 6.45
C LYS D 163 8.89 -40.80 7.31
N TRP D 164 9.49 -41.00 8.47
CA TRP D 164 9.82 -39.91 9.35
C TRP D 164 11.06 -39.21 8.81
N GLU D 165 11.14 -37.91 9.04
CA GLU D 165 12.34 -37.16 8.76
C GLU D 165 13.25 -37.33 9.95
N SER D 166 14.56 -37.19 9.73
CA SER D 166 15.55 -37.40 10.80
C SER D 166 15.95 -36.12 11.50
N ASN D 167 15.80 -34.98 10.83
CA ASN D 167 16.05 -33.70 11.46
C ASN D 167 15.26 -32.59 10.79
N VAL D 168 15.34 -31.40 11.34
CA VAL D 168 14.64 -30.25 10.80
C VAL D 168 15.62 -29.09 10.56
N THR D 169 15.47 -28.42 9.43
CA THR D 169 16.32 -27.30 9.08
C THR D 169 15.48 -26.09 8.81
N TRP D 170 15.79 -25.00 9.52
CA TRP D 170 15.14 -23.71 9.33
C TRP D 170 16.15 -22.70 8.79
N GLN D 171 15.68 -21.77 7.97
CA GLN D 171 16.54 -20.72 7.48
C GLN D 171 15.80 -19.39 7.31
N GLN D 172 16.42 -18.30 7.79
CA GLN D 172 15.85 -16.95 7.63
C GLN D 172 16.91 -15.94 7.25
N ASP D 173 16.48 -14.92 6.50
CA ASP D 173 17.34 -13.80 6.18
C ASP D 173 17.34 -12.84 7.38
N ILE D 174 18.50 -12.65 7.99
CA ILE D 174 18.63 -11.74 9.13
C ILE D 174 19.52 -10.54 8.78
N THR D 175 19.47 -10.12 7.51
CA THR D 175 20.25 -8.98 7.03
C THR D 175 19.97 -7.71 7.83
N ASP D 176 18.72 -7.50 8.20
CA ASP D 176 18.36 -6.27 8.97
C ASP D 176 19.02 -6.22 10.31
N LEU D 177 19.44 -7.38 10.83
CA LEU D 177 20.07 -7.46 12.17
C LEU D 177 21.61 -7.31 12.14
N TYR D 178 22.16 -7.02 10.95
CA TYR D 178 23.60 -6.82 10.76
C TYR D 178 24.28 -5.93 11.81
N PRO D 179 23.64 -4.81 12.20
CA PRO D 179 24.29 -3.93 13.15
C PRO D 179 24.63 -4.60 14.47
N LEU D 180 23.83 -5.59 14.88
CA LEU D 180 24.07 -6.29 16.15
C LEU D 180 25.13 -7.38 16.00
N LEU D 181 25.49 -7.73 14.76
CA LEU D 181 26.51 -8.77 14.50
C LEU D 181 27.89 -8.17 14.20
N GLU D 182 27.91 -6.90 13.77
CA GLU D 182 29.15 -6.21 13.43
C GLU D 182 29.98 -6.07 14.69
N GLY D 183 31.29 -6.17 14.57
CA GLY D 183 32.17 -6.18 15.75
C GLY D 183 32.01 -7.49 16.54
N GLU D 184 32.36 -7.48 17.81
CA GLU D 184 32.25 -8.65 18.66
C GLU D 184 30.83 -8.81 19.14
N ALA D 185 30.19 -9.91 18.77
CA ALA D 185 28.80 -10.16 19.14
C ALA D 185 28.60 -11.56 19.70
N TYR D 186 27.77 -11.68 20.72
CA TYR D 186 27.48 -12.99 21.31
C TYR D 186 26.15 -13.51 20.81
N VAL D 187 26.20 -14.58 20.01
CA VAL D 187 25.02 -15.22 19.47
C VAL D 187 24.77 -16.46 20.28
N GLY D 188 23.51 -16.86 20.43
CA GLY D 188 23.20 -18.03 21.22
C GLY D 188 21.90 -18.71 20.89
N ILE D 189 21.73 -19.91 21.42
CA ILE D 189 20.50 -20.67 21.28
C ILE D 189 20.01 -21.12 22.65
N TYR D 190 18.71 -20.92 22.88
CA TYR D 190 18.04 -21.32 24.09
C TYR D 190 16.92 -22.28 23.76
N ILE D 191 16.88 -23.41 24.43
CA ILE D 191 15.76 -24.30 24.33
C ILE D 191 15.30 -24.61 25.71
N ASP D 192 13.98 -24.52 25.92
CA ASP D 192 13.35 -24.79 27.19
C ASP D 192 13.28 -26.29 27.46
N THR D 193 14.45 -26.91 27.52
CA THR D 193 14.55 -28.34 27.76
C THR D 193 14.88 -28.61 29.23
N TRP D 194 14.31 -29.69 29.76
CA TRP D 194 14.58 -30.09 31.14
C TRP D 194 15.09 -31.53 31.20
N THR D 195 15.54 -32.07 30.08
CA THR D 195 16.09 -33.42 30.05
C THR D 195 17.59 -33.39 29.77
N SER D 196 18.29 -34.35 30.35
CA SER D 196 19.72 -34.51 30.15
C SER D 196 20.04 -34.85 28.69
N GLU D 197 19.10 -35.50 28.01
CA GLU D 197 19.29 -35.87 26.63
C GLU D 197 19.26 -34.64 25.73
N GLY D 198 18.24 -33.82 25.90
CA GLY D 198 18.11 -32.58 25.15
C GLY D 198 18.11 -32.76 23.65
N TYR D 199 18.73 -31.80 22.95
CA TYR D 199 18.73 -31.77 21.49
C TYR D 199 20.14 -31.54 20.94
N LEU D 200 20.33 -31.86 19.66
CA LEU D 200 21.58 -31.60 18.96
CA LEU D 200 21.59 -31.61 18.97
C LEU D 200 21.31 -30.54 17.92
N VAL D 201 22.06 -29.43 17.98
CA VAL D 201 21.83 -28.34 17.02
C VAL D 201 23.05 -27.90 16.27
N ASN D 202 22.80 -27.38 15.07
CA ASN D 202 23.79 -26.68 14.27
C ASN D 202 23.25 -25.29 13.96
N ALA D 203 24.13 -24.31 13.86
CA ALA D 203 23.75 -22.95 13.46
C ALA D 203 24.86 -22.31 12.65
N ASP D 204 24.54 -21.95 11.43
CA ASP D 204 25.46 -21.28 10.53
C ASP D 204 24.99 -19.87 10.22
N ILE D 205 25.89 -18.90 10.33
CA ILE D 205 25.62 -17.56 9.86
C ILE D 205 26.51 -17.31 8.63
N ASP D 206 25.87 -17.01 7.50
CA ASP D 206 26.57 -16.84 6.23
C ASP D 206 26.37 -15.44 5.69
N VAL D 207 27.43 -14.81 5.23
CA VAL D 207 27.35 -13.45 4.67
C VAL D 207 27.74 -13.43 3.19
N LYS D 208 26.80 -12.99 2.35
CA LYS D 208 27.01 -12.80 0.90
C LYS D 208 27.28 -11.33 0.63
N GLU D 209 28.44 -11.04 0.08
CA GLU D 209 28.84 -9.66 -0.23
C GLU D 209 28.54 -9.34 -1.67
N SER D 210 28.05 -8.13 -1.92
CA SER D 210 27.82 -7.67 -3.29
C SER D 210 29.13 -7.64 -4.12
N ARG D 211 29.04 -8.03 -5.38
CA ARG D 211 30.21 -8.07 -6.26
C ARG D 211 30.42 -6.71 -6.97
N LEU D 212 29.52 -5.77 -6.70
CA LEU D 212 29.61 -4.42 -7.28
C LEU D 212 30.38 -3.51 -6.34
N ALA D 213 31.39 -2.82 -6.88
CA ALA D 213 32.22 -1.89 -6.09
C ALA D 213 31.48 -0.61 -5.68
N CYS D 214 30.34 -0.35 -6.33
CA CYS D 214 29.52 0.87 -6.08
C CYS D 214 28.40 0.64 -5.06
N ASP D 215 28.13 -0.62 -4.74
CA ASP D 215 27.00 -1.01 -3.89
C ASP D 215 27.35 -0.82 -2.41
N VAL D 216 27.04 0.34 -1.87
CA VAL D 216 27.46 0.70 -0.51
C VAL D 216 26.59 0.07 0.56
N LEU D 217 27.21 -0.31 1.68
CA LEU D 217 26.49 -0.84 2.83
C LEU D 217 25.72 0.29 3.50
N PRO D 218 24.39 0.20 3.54
CA PRO D 218 23.64 1.25 4.22
C PRO D 218 23.88 1.19 5.71
N LYS D 219 23.87 2.33 6.39
CA LYS D 219 24.08 2.36 7.83
C LYS D 219 22.74 2.03 8.51
N ARG D 220 22.73 0.97 9.30
CA ARG D 220 21.50 0.51 9.93
C ARG D 220 21.56 0.53 11.46
N HIS D 221 20.38 0.48 12.06
CA HIS D 221 20.23 0.48 13.49
C HIS D 221 19.16 -0.50 13.87
N VAL D 222 19.32 -1.12 15.02
CA VAL D 222 18.29 -1.98 15.58
C VAL D 222 17.94 -1.45 16.97
N GLU D 223 16.65 -1.29 17.22
CA GLU D 223 16.17 -0.80 18.52
C GLU D 223 15.39 -1.91 19.18
N PRO D 224 15.96 -2.54 20.19
CA PRO D 224 15.24 -3.62 20.85
C PRO D 224 14.13 -3.08 21.72
N LEU D 225 12.92 -3.59 21.54
CA LEU D 225 11.75 -3.07 22.30
C LEU D 225 11.31 -3.98 23.42
N MSE D 226 11.23 -5.27 23.15
CA MSE D 226 10.67 -6.20 24.11
C MSE D 226 11.12 -7.62 23.81
O MSE D 226 11.58 -7.91 22.71
CB MSE D 226 9.13 -6.12 24.05
CG MSE D 226 8.36 -6.97 25.04
SE MSE D 226 6.44 -6.77 24.86
CE MSE D 226 6.24 -4.87 25.38
N ASN D 227 11.09 -8.47 24.83
CA ASN D 227 11.36 -9.89 24.68
C ASN D 227 10.91 -10.57 25.96
N THR D 228 9.80 -11.31 25.89
CA THR D 228 9.27 -11.98 27.08
C THR D 228 9.81 -13.41 27.25
N VAL D 229 10.66 -13.88 26.34
CA VAL D 229 11.22 -15.22 26.48
C VAL D 229 11.92 -15.34 27.86
N TYR D 230 11.63 -16.43 28.56
CA TYR D 230 12.15 -16.62 29.89
C TYR D 230 13.53 -17.31 29.85
N TYR D 231 14.56 -16.53 29.54
CA TYR D 231 15.90 -17.06 29.38
C TYR D 231 16.53 -17.48 30.70
N MSE D 232 16.52 -16.57 31.68
CA MSE D 232 17.37 -16.71 32.83
C MSE D 232 16.76 -16.03 34.05
O MSE D 232 16.67 -14.81 34.11
CB MSE D 232 18.72 -16.06 32.49
CG MSE D 232 19.79 -16.18 33.50
SE MSE D 232 21.41 -15.38 32.82
CE MSE D 232 21.83 -16.73 31.49
N GLY D 233 16.34 -16.86 35.01
CA GLY D 233 15.72 -16.35 36.25
C GLY D 233 14.44 -15.57 35.97
N GLN D 234 13.71 -15.99 34.94
CA GLN D 234 12.51 -15.32 34.53
C GLN D 234 11.32 -16.27 34.60
N SER D 235 10.13 -15.72 34.82
CA SER D 235 8.94 -16.53 34.96
C SER D 235 8.12 -16.51 33.67
N TYR D 236 7.12 -17.39 33.59
CA TYR D 236 6.23 -17.47 32.42
C TYR D 236 5.51 -16.14 32.23
N PRO D 237 5.52 -15.62 31.00
CA PRO D 237 4.92 -14.30 30.77
C PRO D 237 3.41 -14.34 30.48
N ASP D 238 2.62 -14.32 31.54
CA ASP D 238 1.17 -14.29 31.41
C ASP D 238 0.67 -12.91 31.78
N ILE D 239 1.59 -11.97 31.93
CA ILE D 239 1.26 -10.63 32.34
C ILE D 239 0.16 -10.00 31.50
N PHE D 240 0.09 -10.38 30.22
CA PHE D 240 -0.92 -9.82 29.31
C PHE D 240 -2.33 -10.08 29.80
N ALA D 241 -2.50 -11.14 30.59
CA ALA D 241 -3.80 -11.49 31.15
C ALA D 241 -4.41 -10.37 32.00
N ARG D 242 -3.56 -9.57 32.64
CA ARG D 242 -4.00 -8.53 33.58
C ARG D 242 -3.75 -7.12 33.12
N ARG D 243 -2.90 -6.94 32.12
CA ARG D 243 -2.55 -5.58 31.67
C ARG D 243 -1.80 -5.58 30.34
N ASP D 244 -1.58 -4.38 29.80
CA ASP D 244 -0.79 -4.21 28.60
C ASP D 244 0.64 -3.91 29.02
N VAL D 245 1.59 -4.15 28.12
CA VAL D 245 2.98 -3.86 28.40
C VAL D 245 3.50 -2.81 27.42
N SER D 246 4.06 -1.74 27.97
CA SER D 246 4.60 -0.67 27.15
C SER D 246 6.01 -0.34 27.55
N THR D 247 6.75 0.23 26.61
CA THR D 247 8.06 0.77 26.90
C THR D 247 8.28 2.01 26.05
N ASP D 248 9.02 2.96 26.59
CA ASP D 248 9.38 4.13 25.83
C ASP D 248 10.68 3.85 25.07
N PHE D 249 10.92 4.62 24.02
CA PHE D 249 12.14 4.51 23.24
C PHE D 249 12.44 5.82 22.51
N THR D 250 13.72 6.15 22.42
CA THR D 250 14.15 7.35 21.73
C THR D 250 14.39 7.04 20.27
N VAL D 251 13.98 7.98 19.42
CA VAL D 251 14.25 7.93 17.98
C VAL D 251 15.10 9.14 17.63
N PRO D 252 16.25 8.92 16.96
CA PRO D 252 17.14 10.03 16.66
C PRO D 252 16.81 10.75 15.36
N LYS D 253 17.38 11.93 15.20
CA LYS D 253 17.28 12.67 13.97
C LYS D 253 17.96 11.88 12.84
N GLY D 254 17.30 11.80 11.68
CA GLY D 254 17.86 11.12 10.51
C GLY D 254 17.35 9.69 10.30
N ALA D 255 16.63 9.16 11.28
CA ALA D 255 16.08 7.82 11.13
C ALA D 255 15.14 7.76 9.94
N LYS D 256 15.38 6.79 9.05
CA LYS D 256 14.57 6.62 7.83
C LYS D 256 14.12 5.17 7.65
N ASN D 257 12.94 4.99 7.08
CA ASN D 257 12.43 3.67 6.76
C ASN D 257 12.36 2.78 8.02
N ILE D 258 11.74 3.33 9.07
CA ILE D 258 11.54 2.62 10.29
C ILE D 258 10.57 1.49 10.06
N ARG D 259 10.92 0.30 10.53
CA ARG D 259 10.06 -0.85 10.43
C ARG D 259 10.01 -1.61 11.75
N LEU D 260 8.83 -2.14 12.06
CA LEU D 260 8.64 -2.92 13.27
C LEU D 260 8.61 -4.38 12.92
N LYS D 261 9.39 -5.18 13.66
CA LYS D 261 9.35 -6.63 13.52
C LYS D 261 8.80 -7.17 14.84
N TYR D 262 7.81 -8.04 14.75
CA TYR D 262 7.09 -8.55 15.91
C TYR D 262 7.03 -10.07 15.82
N ILE D 263 7.57 -10.74 16.84
CA ILE D 263 7.65 -12.22 16.87
C ILE D 263 6.83 -12.75 18.04
N VAL D 264 5.76 -13.50 17.75
CA VAL D 264 4.88 -13.96 18.80
C VAL D 264 4.45 -15.40 18.65
N THR D 265 4.41 -16.10 19.78
CA THR D 265 3.83 -17.43 19.86
C THR D 265 3.03 -17.53 21.17
N GLY D 266 1.92 -18.24 21.14
CA GLY D 266 1.04 -18.39 22.33
C GLY D 266 1.23 -19.75 22.96
N HIS D 267 1.13 -19.81 24.29
CA HIS D 267 1.44 -21.03 25.00
C HIS D 267 0.48 -21.34 26.16
N GLY D 268 0.60 -22.57 26.66
CA GLY D 268 -0.31 -23.14 27.64
C GLY D 268 -0.89 -24.36 26.97
N GLY D 269 -0.17 -25.48 27.07
CA GLY D 269 -0.49 -26.69 26.32
C GLY D 269 -1.54 -27.59 26.91
N HIS D 270 -2.40 -27.03 27.76
CA HIS D 270 -3.52 -27.77 28.34
C HIS D 270 -4.75 -27.48 27.53
N SER D 271 -5.80 -28.27 27.70
CA SER D 271 -7.01 -28.07 26.93
C SER D 271 -7.61 -26.70 27.23
N GLY D 272 -7.79 -25.89 26.17
CA GLY D 272 -8.32 -24.54 26.30
C GLY D 272 -7.27 -23.51 26.65
N GLY D 273 -5.99 -23.90 26.58
CA GLY D 273 -4.87 -23.00 26.88
C GLY D 273 -4.51 -22.11 25.69
N ASP D 274 -3.74 -21.05 25.94
CA ASP D 274 -3.40 -20.07 24.90
C ASP D 274 -2.54 -20.63 23.75
N GLU D 275 -2.09 -21.87 23.90
CA GLU D 275 -1.41 -22.56 22.81
C GLU D 275 -2.41 -22.96 21.73
N PHE D 276 -3.63 -23.29 22.15
CA PHE D 276 -4.63 -23.86 21.24
C PHE D 276 -5.89 -23.00 21.02
N VAL D 277 -5.88 -21.79 21.55
CA VAL D 277 -7.04 -20.90 21.44
C VAL D 277 -6.62 -19.55 20.84
N GLN D 278 -7.48 -18.97 20.00
CA GLN D 278 -7.18 -17.71 19.28
C GLN D 278 -7.27 -16.50 20.18
N LYS D 279 -6.24 -15.65 20.15
CA LYS D 279 -6.20 -14.44 20.94
C LYS D 279 -5.65 -13.29 20.13
N ARG D 280 -6.38 -12.20 20.07
CA ARG D 280 -5.98 -11.08 19.24
C ARG D 280 -4.81 -10.32 19.86
N ASN D 281 -3.84 -9.95 19.01
CA ASN D 281 -2.73 -9.09 19.43
C ASN D 281 -2.93 -7.72 18.83
N ILE D 282 -2.91 -6.70 19.67
CA ILE D 282 -2.97 -5.32 19.21
C ILE D 282 -1.70 -4.61 19.64
N ILE D 283 -0.87 -4.25 18.67
CA ILE D 283 0.38 -3.54 18.95
C ILE D 283 0.30 -2.09 18.49
N SER D 284 0.79 -1.16 19.32
CA SER D 284 0.65 0.26 19.01
C SER D 284 1.94 1.03 19.19
N VAL D 285 2.07 2.11 18.42
CA VAL D 285 3.13 3.09 18.62
C VAL D 285 2.47 4.43 18.87
N ASP D 286 2.89 5.12 19.92
CA ASP D 286 2.30 6.39 20.31
C ASP D 286 0.75 6.35 20.35
N GLY D 287 0.18 5.22 20.77
CA GLY D 287 -1.28 5.09 20.90
C GLY D 287 -1.97 4.58 19.65
N LYS D 288 -1.33 4.77 18.49
CA LYS D 288 -1.91 4.32 17.24
C LYS D 288 -1.54 2.87 16.94
N GLU D 289 -2.53 2.04 16.66
CA GLU D 289 -2.31 0.64 16.29
C GLU D 289 -1.49 0.52 15.01
N VAL D 290 -0.44 -0.32 15.02
CA VAL D 290 0.36 -0.58 13.81
C VAL D 290 0.24 -2.04 13.37
N LEU D 291 -0.18 -2.91 14.29
CA LEU D 291 -0.50 -4.30 13.98
C LEU D 291 -1.69 -4.70 14.79
N ASN D 292 -2.54 -5.52 14.20
CA ASN D 292 -3.74 -6.00 14.85
C ASN D 292 -4.14 -7.29 14.16
N PHE D 293 -3.91 -8.42 14.82
CA PHE D 293 -4.14 -9.70 14.17
C PHE D 293 -4.22 -10.85 15.14
N ILE D 294 -4.77 -11.96 14.67
CA ILE D 294 -4.82 -13.18 15.44
C ILE D 294 -3.65 -14.05 15.00
N PRO D 295 -2.64 -14.24 15.89
CA PRO D 295 -1.52 -15.09 15.51
C PRO D 295 -1.97 -16.53 15.51
N TRP D 296 -1.96 -17.17 14.35
CA TRP D 296 -2.56 -18.49 14.23
C TRP D 296 -2.05 -19.27 13.04
N ARG D 297 -1.95 -20.61 13.21
CA ARG D 297 -1.66 -21.53 12.13
C ARG D 297 -2.70 -22.66 12.10
N ASP D 298 -3.22 -22.93 10.92
CA ASP D 298 -4.23 -23.97 10.68
C ASP D 298 -3.68 -25.10 9.81
N ASP D 299 -2.37 -25.15 9.67
CA ASP D 299 -1.72 -26.05 8.74
C ASP D 299 -0.72 -27.00 9.40
N CYS D 300 -0.90 -27.28 10.68
CA CYS D 300 0.08 -28.05 11.43
C CYS D 300 0.18 -29.53 10.98
N ALA D 301 -0.82 -30.04 10.26
CA ALA D 301 -0.74 -31.42 9.72
C ALA D 301 0.32 -31.52 8.62
N SER D 302 0.66 -30.39 8.02
CA SER D 302 1.71 -30.34 7.02
C SER D 302 3.10 -30.67 7.62
N PHE D 303 3.22 -30.53 8.95
CA PHE D 303 4.47 -30.85 9.69
C PHE D 303 4.51 -32.28 10.26
N ARG D 304 3.56 -33.13 9.85
CA ARG D 304 3.40 -34.44 10.48
C ARG D 304 4.65 -35.31 10.46
N ARG D 305 5.32 -35.36 9.29
CA ARG D 305 6.48 -36.24 9.11
C ARG D 305 7.70 -35.85 9.97
N PHE D 306 7.67 -34.68 10.59
CA PHE D 306 8.76 -34.24 11.48
C PHE D 306 8.48 -34.60 12.95
N ASN D 307 7.35 -35.25 13.22
CA ASN D 307 6.90 -35.47 14.59
C ASN D 307 6.62 -36.95 14.90
N PRO D 308 7.68 -37.73 15.09
CA PRO D 308 7.47 -39.15 15.37
C PRO D 308 6.97 -39.42 16.79
N ALA D 309 7.36 -38.59 17.74
CA ALA D 309 7.06 -38.81 19.16
C ALA D 309 5.77 -38.13 19.64
N THR D 310 4.94 -37.67 18.72
CA THR D 310 3.71 -36.99 19.09
C THR D 310 2.71 -37.93 19.71
N GLY D 311 1.95 -37.42 20.67
CA GLY D 311 0.81 -38.17 21.19
C GLY D 311 -0.26 -38.26 20.10
N VAL D 312 -1.12 -39.27 20.20
CA VAL D 312 -2.16 -39.49 19.21
C VAL D 312 -3.48 -39.81 19.90
N TRP D 313 -4.57 -39.33 19.34
CA TRP D 313 -5.92 -39.66 19.80
C TRP D 313 -6.69 -40.27 18.65
N LEU D 314 -7.77 -40.96 18.97
CA LEU D 314 -8.67 -41.46 17.96
C LEU D 314 -9.90 -40.59 17.97
N ILE D 315 -10.37 -40.21 16.79
CA ILE D 315 -11.54 -39.37 16.65
C ILE D 315 -12.46 -40.05 15.66
N LYS D 316 -13.69 -40.33 16.08
CA LYS D 316 -14.65 -40.98 15.21
C LYS D 316 -15.11 -39.99 14.16
N ARG D 317 -15.25 -40.48 12.93
CA ARG D 317 -15.67 -39.65 11.83
C ARG D 317 -16.34 -40.49 10.77
N LEU D 318 -17.45 -39.98 10.24
CA LEU D 318 -18.12 -40.61 9.13
C LEU D 318 -17.32 -40.25 7.89
N ALA D 319 -16.58 -41.22 7.35
CA ALA D 319 -15.66 -40.97 6.24
C ALA D 319 -16.09 -41.61 4.95
N SER D 320 -16.08 -40.82 3.89
CA SER D 320 -16.35 -41.29 2.55
C SER D 320 -15.07 -41.89 1.94
N TYR D 321 -15.22 -42.92 1.10
CA TYR D 321 -14.08 -43.60 0.51
C TYR D 321 -14.45 -44.48 -0.68
N ILE D 322 -13.43 -45.04 -1.32
CA ILE D 322 -13.61 -45.94 -2.45
C ILE D 322 -13.38 -47.36 -1.98
N GLY D 323 -14.47 -48.11 -1.85
CA GLY D 323 -14.41 -49.51 -1.46
C GLY D 323 -14.44 -50.45 -2.65
N GLU D 324 -14.50 -51.74 -2.38
CA GLU D 324 -14.55 -52.75 -3.41
C GLU D 324 -15.79 -52.57 -4.30
N LYS D 325 -16.88 -52.06 -3.71
CA LYS D 325 -18.13 -51.86 -4.45
C LYS D 325 -18.42 -50.38 -4.74
N GLY D 326 -17.37 -49.60 -5.04
CA GLY D 326 -17.53 -48.18 -5.43
C GLY D 326 -17.48 -47.18 -4.27
N TYR D 327 -18.02 -45.99 -4.52
CA TYR D 327 -18.09 -44.94 -3.49
C TYR D 327 -18.98 -45.39 -2.34
N THR D 328 -18.43 -45.34 -1.12
CA THR D 328 -19.12 -45.81 0.07
C THR D 328 -18.73 -44.93 1.23
N GLU D 329 -19.43 -45.08 2.34
CA GLU D 329 -19.05 -44.38 3.56
C GLU D 329 -19.11 -45.34 4.74
N LYS D 330 -18.47 -44.94 5.83
CA LYS D 330 -18.29 -45.79 6.98
C LYS D 330 -17.70 -44.96 8.10
N GLU D 331 -18.06 -45.25 9.34
CA GLU D 331 -17.48 -44.55 10.48
C GLU D 331 -16.12 -45.18 10.78
N VAL D 332 -15.09 -44.36 10.82
CA VAL D 332 -13.76 -44.84 11.13
C VAL D 332 -13.24 -44.10 12.32
N GLU D 333 -12.20 -44.65 12.93
CA GLU D 333 -11.55 -44.02 14.04
C GLU D 333 -10.23 -43.42 13.55
N GLU D 334 -10.30 -42.16 13.10
CA GLU D 334 -9.17 -41.48 12.48
C GLU D 334 -8.18 -40.95 13.49
N PRO D 335 -6.92 -41.38 13.41
CA PRO D 335 -5.96 -40.89 14.36
C PRO D 335 -5.69 -39.40 14.19
N LEU D 336 -5.58 -38.69 15.31
CA LEU D 336 -5.29 -37.27 15.31
C LEU D 336 -4.11 -37.06 16.21
N ALA D 337 -3.06 -36.45 15.70
CA ALA D 337 -1.85 -36.25 16.45
C ALA D 337 -1.89 -34.91 17.10
N SER D 338 -1.28 -34.78 18.27
CA SER D 338 -1.15 -33.47 18.90
C SER D 338 -0.45 -32.48 17.96
N SER D 339 0.51 -32.96 17.19
CA SER D 339 1.26 -32.10 16.26
C SER D 339 0.38 -31.59 15.12
N ASP D 340 -0.75 -32.27 14.86
CA ASP D 340 -1.71 -31.84 13.83
C ASP D 340 -2.52 -30.60 14.24
N LEU D 341 -2.66 -30.36 15.55
CA LEU D 341 -3.55 -29.30 16.05
C LEU D 341 -3.13 -27.90 15.66
N SER D 342 -4.13 -27.05 15.45
CA SER D 342 -3.92 -25.65 15.13
C SER D 342 -3.45 -24.96 16.38
N ARG D 343 -2.51 -24.03 16.23
CA ARG D 343 -1.90 -23.36 17.39
C ARG D 343 -1.72 -21.87 17.16
N SER D 344 -1.43 -21.17 18.24
CA SER D 344 -1.23 -19.73 18.19
C SER D 344 0.12 -19.33 17.54
N ASN D 345 0.19 -19.47 16.23
CA ASN D 345 1.30 -18.98 15.37
C ASN D 345 2.53 -19.90 15.25
N TRP D 346 2.34 -21.19 15.49
CA TRP D 346 3.41 -22.15 15.30
C TRP D 346 2.89 -23.53 15.19
N CYS D 347 3.78 -24.43 14.77
CA CYS D 347 3.56 -25.86 14.81
C CYS D 347 4.81 -26.50 15.38
N PRO D 348 4.69 -27.73 15.90
CA PRO D 348 5.90 -28.42 16.31
C PRO D 348 6.76 -28.76 15.10
N GLY D 349 7.94 -28.17 15.02
CA GLY D 349 8.80 -28.33 13.84
C GLY D 349 8.88 -27.09 12.93
N SER D 350 8.27 -25.98 13.37
CA SER D 350 8.27 -24.74 12.59
C SER D 350 9.09 -23.65 13.24
N ASP D 351 9.48 -22.67 12.44
CA ASP D 351 10.09 -21.45 12.95
C ASP D 351 9.04 -20.40 12.80
N VAL D 352 9.32 -19.18 13.20
CA VAL D 352 8.35 -18.12 13.15
C VAL D 352 8.93 -16.93 12.44
N VAL D 353 8.37 -16.60 11.28
CA VAL D 353 8.83 -15.44 10.53
C VAL D 353 8.20 -14.21 11.18
N PRO D 354 9.00 -13.18 11.45
CA PRO D 354 8.46 -12.03 12.11
C PRO D 354 7.42 -11.30 11.27
N GLU D 355 6.37 -10.80 11.93
CA GLU D 355 5.42 -9.96 11.26
C GLU D 355 6.09 -8.61 11.17
N GLU D 356 5.77 -7.86 10.14
CA GLU D 356 6.41 -6.59 9.89
C GLU D 356 5.37 -5.49 9.68
N ALA D 357 5.65 -4.31 10.24
CA ALA D 357 4.78 -3.15 10.01
C ALA D 357 5.66 -1.97 9.67
N VAL D 358 5.35 -1.30 8.56
CA VAL D 358 6.10 -0.13 8.16
C VAL D 358 5.59 1.09 8.96
N ILE D 359 6.51 1.75 9.65
CA ILE D 359 6.22 2.98 10.38
C ILE D 359 6.55 4.21 9.49
N GLY D 360 7.72 4.16 8.83
CA GLY D 360 8.20 5.26 8.00
C GLY D 360 9.13 6.18 8.77
N THR D 361 8.58 7.26 9.32
CA THR D 361 9.37 8.21 10.11
C THR D 361 8.66 8.53 11.43
N LEU D 362 9.45 9.01 12.38
CA LEU D 362 8.94 9.41 13.67
C LEU D 362 9.73 10.63 14.11
N ALA D 363 9.04 11.61 14.65
CA ALA D 363 9.69 12.81 15.14
C ALA D 363 10.77 12.43 16.14
N PRO D 364 11.90 13.13 16.11
CA PRO D 364 12.95 12.82 17.05
C PRO D 364 12.49 12.98 18.50
N GLY D 365 12.97 12.10 19.38
CA GLY D 365 12.59 12.14 20.77
C GLY D 365 11.86 10.89 21.25
N LYS D 366 11.10 11.06 22.33
CA LYS D 366 10.44 9.94 23.00
C LYS D 366 9.16 9.49 22.32
N HIS D 367 8.99 8.17 22.23
CA HIS D 367 7.79 7.53 21.72
C HIS D 367 7.47 6.33 22.62
N THR D 368 6.31 5.71 22.41
CA THR D 368 5.89 4.62 23.27
C THR D 368 5.42 3.44 22.44
N PHE D 369 5.83 2.24 22.85
CA PHE D 369 5.45 1.00 22.18
C PHE D 369 4.60 0.18 23.12
N THR D 370 3.43 -0.28 22.66
CA THR D 370 2.51 -1.04 23.51
C THR D 370 2.06 -2.35 22.88
N VAL D 371 2.06 -3.42 23.67
CA VAL D 371 1.58 -4.73 23.21
C VAL D 371 0.41 -5.13 24.10
N SER D 372 -0.71 -5.44 23.48
CA SER D 372 -1.89 -5.84 24.19
C SER D 372 -2.36 -7.16 23.65
N ILE D 373 -2.55 -8.12 24.53
CA ILE D 373 -3.20 -9.37 24.18
C ILE D 373 -4.31 -9.48 25.22
N PRO D 374 -5.36 -8.67 25.04
CA PRO D 374 -6.37 -8.44 26.06
C PRO D 374 -7.05 -9.70 26.64
N GLU D 375 -7.29 -10.71 25.81
CA GLU D 375 -7.98 -11.91 26.29
C GLU D 375 -7.03 -13.02 26.78
N ALA D 376 -5.72 -12.73 26.84
CA ALA D 376 -4.75 -13.72 27.30
C ALA D 376 -5.18 -14.25 28.67
N GLN D 377 -4.91 -15.53 28.92
CA GLN D 377 -5.31 -16.18 30.19
C GLN D 377 -4.16 -16.13 31.19
N ALA D 378 -4.51 -16.14 32.48
CA ALA D 378 -3.51 -16.13 33.55
C ALA D 378 -2.96 -17.51 33.78
N VAL D 379 -1.78 -17.59 34.36
CA VAL D 379 -1.24 -18.85 34.83
C VAL D 379 -2.14 -19.31 35.97
N ASP D 380 -2.65 -20.53 35.84
CA ASP D 380 -3.58 -21.10 36.82
C ASP D 380 -3.02 -22.43 37.32
N GLY D 381 -2.27 -22.39 38.42
CA GLY D 381 -1.65 -23.59 38.97
C GLY D 381 -0.69 -24.21 37.97
N ASN D 382 -1.06 -25.34 37.39
CA ASN D 382 -0.21 -26.05 36.40
C ASN D 382 -0.61 -25.76 34.95
N LYS D 383 -1.63 -24.94 34.77
CA LYS D 383 -2.02 -24.48 33.46
C LYS D 383 -1.20 -23.24 33.16
N LEU D 384 -0.17 -23.44 32.35
CA LEU D 384 0.89 -22.43 32.16
C LEU D 384 0.69 -21.57 30.93
N ASN D 385 -0.35 -20.74 30.96
CA ASN D 385 -0.62 -19.84 29.87
C ASN D 385 0.38 -18.71 29.84
N HIS D 386 0.93 -18.43 28.67
CA HIS D 386 1.85 -17.31 28.49
C HIS D 386 2.05 -16.98 27.02
N TRP D 387 2.60 -15.81 26.77
CA TRP D 387 2.86 -15.38 25.42
C TRP D 387 4.31 -14.99 25.25
N LEU D 388 4.99 -15.63 24.33
CA LEU D 388 6.38 -15.30 24.02
C LEU D 388 6.37 -14.24 22.90
N VAL D 389 6.68 -13.03 23.29
CA VAL D 389 6.66 -11.91 22.40
C VAL D 389 7.99 -11.18 22.47
N SER D 390 8.59 -10.94 21.31
CA SER D 390 9.75 -10.07 21.23
C SER D 390 9.54 -9.10 20.07
N ALA D 391 10.16 -7.94 20.15
CA ALA D 391 9.92 -6.89 19.17
C ALA D 391 11.08 -5.97 19.10
N TYR D 392 11.32 -5.44 17.91
CA TYR D 392 12.36 -4.47 17.71
C TYR D 392 12.08 -3.63 16.47
N LEU D 393 12.69 -2.47 16.42
CA LEU D 393 12.61 -1.61 15.26
C LEU D 393 13.89 -1.70 14.49
N VAL D 394 13.79 -1.52 13.17
CA VAL D 394 14.96 -1.40 12.32
C VAL D 394 14.82 -0.15 11.45
N TRP D 395 15.92 0.58 11.29
CA TRP D 395 15.90 1.73 10.41
C TRP D 395 17.28 2.01 9.83
N GLU D 396 17.27 2.76 8.74
CA GLU D 396 18.46 3.19 8.03
C GLU D 396 18.70 4.59 8.48
N GLU D 397 19.95 4.99 8.56
CA GLU D 397 20.28 6.32 9.06
C GLU D 397 21.39 6.98 8.23
I IOD E . 5.29 28.74 23.49
I IOD F . -38.46 28.39 -1.49
CL CL G . -36.84 -7.28 9.89
CL CL H . -23.85 20.27 19.94
CL CL I . -32.75 24.78 15.74
C1 EDO J . -15.30 15.64 25.70
O1 EDO J . -14.24 15.14 24.86
C2 EDO J . -16.45 16.13 24.84
O2 EDO J . -17.69 15.61 25.34
C1 EDO K . -19.26 13.61 22.15
O1 EDO K . -17.98 13.89 22.72
C2 EDO K . -20.34 14.22 23.03
O2 EDO K . -21.52 14.48 22.26
C1 EDO L . -7.53 5.57 0.74
O1 EDO L . -8.02 6.13 1.98
C2 EDO L . -8.24 4.24 0.43
O2 EDO L . -9.47 4.48 -0.27
C1 EDO M . -44.12 24.14 11.42
O1 EDO M . -44.01 25.42 12.06
C2 EDO M . -45.57 23.90 11.02
O2 EDO M . -45.69 23.83 9.58
C1 EDO N . -10.28 8.23 5.20
O1 EDO N . -11.65 8.63 5.00
C2 EDO N . -9.42 8.73 4.04
O2 EDO N . -10.26 9.14 2.94
C1 EDO O . -12.19 12.72 2.78
O1 EDO O . -13.35 12.56 3.60
C2 EDO O . -12.60 13.23 1.38
O2 EDO O . -13.92 13.83 1.43
I IOD P . -22.34 26.55 24.13
I IOD Q . 6.66 32.82 17.35
CL CL R . 15.69 26.83 15.07
CL CL S . 20.09 54.03 -2.72
CL CL T . 1.60 8.07 23.72
C1 EDO U . -9.54 41.79 -29.35
O1 EDO U . -8.41 42.28 -28.62
C2 EDO U . -9.08 40.95 -30.53
O2 EDO U . -9.64 39.62 -30.46
C1 EDO V . -6.10 23.76 3.90
O1 EDO V . -5.49 22.47 4.03
C2 EDO V . -6.41 24.29 5.29
O2 EDO V . -6.85 23.21 6.14
C1 EDO W . -4.40 32.90 -2.06
O1 EDO W . -3.64 31.68 -2.08
C2 EDO W . -4.79 33.27 -0.63
O2 EDO W . -6.07 32.69 -0.29
C1 EDO X . -6.62 38.07 -0.92
O1 EDO X . -5.20 37.90 -0.89
C2 EDO X . -7.19 37.48 -2.22
O2 EDO X . -6.71 36.14 -2.40
C1 EDO Y . 3.53 40.08 16.93
O1 EDO Y . 4.07 38.78 17.08
C2 EDO Y . 2.05 39.99 16.58
O2 EDO Y . 1.28 39.88 17.78
C1 EDO Z . -0.73 39.33 22.04
O1 EDO Z . 0.26 39.38 23.08
C2 EDO Z . -0.04 39.04 20.71
O2 EDO Z . -1.03 38.72 19.72
I IOD AA . 0.33 -42.51 21.58
CL CL BA . 23.41 -26.89 -33.48
CL CL CA . -14.70 -33.14 -13.12
CL CL DA . -8.58 -40.32 -7.36
C1 EDO EA . 4.28 -27.12 1.48
O1 EDO EA . 4.39 -26.07 0.51
C2 EDO EA . 2.82 -27.34 1.81
O2 EDO EA . 2.64 -27.33 3.23
C1 EDO FA . -12.32 -29.66 -31.23
O1 EDO FA . -12.52 -28.84 -32.38
C2 EDO FA . -12.09 -31.10 -31.65
O2 EDO FA . -10.96 -31.63 -30.95
C1 EDO GA . 36.99 -20.19 -16.96
O1 EDO GA . 38.27 -19.64 -16.65
C2 EDO GA . 37.19 -21.38 -17.90
O2 EDO GA . 36.48 -22.51 -17.41
C1 EDO HA . -8.58 -17.01 -9.44
O1 EDO HA . -8.10 -15.81 -10.05
C2 EDO HA . -7.69 -17.39 -8.25
O2 EDO HA . -8.50 -17.88 -7.15
C1 EDO IA . 36.24 -20.64 -23.69
O1 EDO IA . 36.40 -22.05 -23.93
C2 EDO IA . 34.84 -20.15 -24.15
O2 EDO IA . 34.37 -19.09 -23.29
I IOD JA . -14.01 -40.64 -1.97
I IOD KA . 1.35 -35.07 23.44
CL CL LA . 11.58 -36.86 27.33
C1 EDO MA . 7.97 -26.24 30.30
O1 EDO MA . 8.84 -26.89 29.35
C2 EDO MA . 6.53 -26.25 29.79
O2 EDO MA . 5.97 -24.94 29.91
C1 EDO NA . 10.60 -32.20 30.65
O1 EDO NA . 10.91 -33.46 30.02
C2 EDO NA . 9.23 -31.69 30.21
O2 EDO NA . 9.03 -30.36 30.70
C1 EDO OA . 18.03 -35.55 33.82
O1 EDO OA . 18.65 -34.31 34.20
C2 EDO OA . 16.65 -35.28 33.22
O2 EDO OA . 16.29 -36.32 32.29
C1 EDO PA . -5.17 -31.21 25.14
O1 EDO PA . -3.76 -31.37 25.33
C2 EDO PA . -5.43 -30.32 23.93
O2 EDO PA . -6.39 -30.94 23.06
C1 EDO QA . 38.18 -5.08 9.95
O1 EDO QA . 36.90 -4.44 9.92
C2 EDO QA . 38.07 -6.51 9.41
O2 EDO QA . 38.08 -6.51 7.97
#